data_5YNR
#
_entry.id   5YNR
#
_entity_poly.entity_id   1
_entity_poly.type   'polypeptide(L)'
_entity_poly.pdbx_seq_one_letter_code
;GAMTSSLTICSIPDGVKEDLKKFRFSKSTTMNALILKIDRESHELQSEQLLNDCSIEEFKEELPSQQPRFILLSWCKKHS
DERISYPMLLIYYCPNGSSPELQMLYAGSRNFIVNECHVSKNTEIRDIDEIDDELLESKF
;
_entity_poly.pdbx_strand_id   A
#
# COMPACT_ATOMS: atom_id res chain seq x y z
N MET A 3 -20.75 0.27 -3.36
CA MET A 3 -21.23 0.84 -4.65
C MET A 3 -22.31 1.89 -4.43
N THR A 4 -22.62 2.18 -3.16
CA THR A 4 -23.68 3.12 -2.84
C THR A 4 -23.53 3.64 -1.41
N SER A 5 -22.31 3.59 -0.89
CA SER A 5 -22.06 3.96 0.49
C SER A 5 -21.50 5.38 0.57
N SER A 6 -21.29 5.86 1.80
CA SER A 6 -20.78 7.21 2.02
C SER A 6 -19.26 7.21 2.19
N LEU A 7 -18.67 8.40 2.18
CA LEU A 7 -17.23 8.54 2.22
C LEU A 7 -16.77 9.36 3.41
N THR A 8 -15.88 8.79 4.21
CA THR A 8 -15.26 9.49 5.33
C THR A 8 -13.80 9.04 5.47
N ILE A 9 -13.01 9.78 6.24
CA ILE A 9 -11.63 9.38 6.47
C ILE A 9 -11.55 8.42 7.64
N CYS A 10 -10.46 7.66 7.69
CA CYS A 10 -10.33 6.61 8.69
C CYS A 10 -9.32 6.99 9.76
N SER A 11 -9.53 6.48 10.96
CA SER A 11 -8.59 6.66 12.05
C SER A 11 -7.69 5.43 12.12
N ILE A 12 -6.42 5.63 12.43
CA ILE A 12 -5.48 4.52 12.44
C ILE A 12 -5.29 4.01 13.87
N PRO A 13 -5.72 2.76 14.14
CA PRO A 13 -5.49 2.12 15.44
C PRO A 13 -4.01 1.90 15.71
N ASP A 14 -3.61 2.05 16.96
CA ASP A 14 -2.20 1.98 17.35
C ASP A 14 -1.60 0.61 16.99
N GLY A 15 -2.40 -0.44 17.12
CA GLY A 15 -1.94 -1.78 16.81
C GLY A 15 -1.38 -1.90 15.41
N VAL A 16 -2.18 -1.55 14.41
CA VAL A 16 -1.73 -1.65 13.02
C VAL A 16 -0.75 -0.53 12.69
N LYS A 17 -0.91 0.60 13.37
CA LYS A 17 -0.03 1.75 13.19
C LYS A 17 1.39 1.42 13.63
N GLU A 18 1.51 0.60 14.68
CA GLU A 18 2.81 0.21 15.18
C GLU A 18 3.58 -0.55 14.11
N ASP A 19 2.99 -1.62 13.59
CA ASP A 19 3.63 -2.42 12.56
C ASP A 19 3.80 -1.63 11.28
N LEU A 20 2.92 -0.66 11.05
CA LEU A 20 3.04 0.23 9.90
C LEU A 20 4.33 1.03 10.00
N LYS A 21 4.70 1.39 11.23
CA LYS A 21 5.93 2.12 11.49
C LYS A 21 7.11 1.16 11.56
N LYS A 22 6.86 -0.02 12.13
CA LYS A 22 7.90 -1.04 12.27
C LYS A 22 8.36 -1.53 10.90
N PHE A 23 7.47 -1.47 9.91
CA PHE A 23 7.79 -1.88 8.56
C PHE A 23 8.98 -1.08 8.01
N ARG A 24 8.95 0.23 8.21
CA ARG A 24 10.02 1.09 7.67
C ARG A 24 11.25 1.07 8.56
N PHE A 25 11.05 0.85 9.86
CA PHE A 25 12.13 0.82 10.80
C PHE A 25 12.83 -0.54 10.81
N SER A 26 12.06 -1.58 10.54
CA SER A 26 12.57 -2.94 10.54
C SER A 26 12.20 -3.63 9.23
N LYS A 27 13.01 -3.37 8.22
CA LYS A 27 12.78 -3.91 6.89
C LYS A 27 13.91 -4.84 6.48
N SER A 28 13.68 -5.60 5.41
CA SER A 28 14.65 -6.57 4.94
C SER A 28 15.54 -5.96 3.85
N THR A 29 16.50 -6.74 3.36
CA THR A 29 17.30 -6.33 2.22
C THR A 29 16.64 -6.76 0.92
N THR A 30 15.47 -7.35 1.04
CA THR A 30 14.63 -7.68 -0.09
C THR A 30 13.50 -6.67 -0.16
N MET A 31 12.53 -6.88 -1.03
CA MET A 31 11.39 -5.97 -1.08
C MET A 31 10.23 -6.59 -0.33
N ASN A 32 9.64 -5.81 0.56
CA ASN A 32 8.52 -6.28 1.37
C ASN A 32 7.32 -5.40 1.10
N ALA A 33 6.15 -5.87 1.50
CA ALA A 33 4.94 -5.15 1.22
C ALA A 33 3.94 -5.27 2.35
N LEU A 34 3.34 -4.15 2.69
CA LEU A 34 2.27 -4.13 3.66
C LEU A 34 1.01 -3.67 2.95
N ILE A 35 0.07 -4.57 2.75
CA ILE A 35 -1.20 -4.21 2.17
C ILE A 35 -2.15 -3.84 3.29
N LEU A 36 -2.72 -2.67 3.22
CA LEU A 36 -3.59 -2.20 4.29
C LEU A 36 -4.93 -1.71 3.74
N LYS A 37 -5.84 -1.43 4.65
CA LYS A 37 -7.24 -1.26 4.32
C LYS A 37 -7.84 -0.05 5.05
N ILE A 38 -8.51 0.80 4.29
CA ILE A 38 -9.32 1.86 4.87
C ILE A 38 -10.77 1.43 4.83
N ASP A 39 -11.32 1.03 5.96
CA ASP A 39 -12.70 0.62 6.00
C ASP A 39 -13.55 1.72 6.62
N ARG A 40 -14.70 1.96 6.02
CA ARG A 40 -15.61 2.99 6.51
C ARG A 40 -16.54 2.39 7.57
N GLU A 41 -16.65 1.07 7.54
CA GLU A 41 -17.54 0.36 8.44
C GLU A 41 -16.91 0.25 9.82
N SER A 42 -15.61 0.01 9.85
CA SER A 42 -14.85 0.14 11.08
C SER A 42 -14.45 1.60 11.29
N HIS A 43 -14.32 2.31 10.17
CA HIS A 43 -13.90 3.71 10.15
C HIS A 43 -12.46 3.82 10.61
N GLU A 44 -11.75 2.70 10.52
CA GLU A 44 -10.35 2.65 10.91
C GLU A 44 -9.50 2.02 9.82
N LEU A 45 -8.25 2.44 9.77
CA LEU A 45 -7.30 1.94 8.80
C LEU A 45 -6.53 0.80 9.43
N GLN A 46 -6.69 -0.38 8.87
CA GLN A 46 -6.14 -1.59 9.43
C GLN A 46 -5.32 -2.31 8.39
N SER A 47 -4.37 -3.12 8.83
CA SER A 47 -3.53 -3.85 7.92
C SER A 47 -4.27 -5.06 7.35
N GLU A 48 -4.24 -5.21 6.03
CA GLU A 48 -4.81 -6.39 5.41
C GLU A 48 -3.84 -7.55 5.56
N GLN A 49 -2.55 -7.28 5.30
CA GLN A 49 -1.49 -8.27 5.50
C GLN A 49 -0.12 -7.70 5.16
N LEU A 50 0.92 -8.27 5.76
CA LEU A 50 2.30 -7.88 5.48
C LEU A 50 3.10 -9.12 5.07
N LEU A 51 3.86 -9.00 3.99
CA LEU A 51 4.68 -10.11 3.52
C LEU A 51 6.07 -9.62 3.14
N ASN A 52 7.06 -10.47 3.31
CA ASN A 52 8.43 -10.11 3.06
C ASN A 52 9.11 -11.12 2.14
N ASP A 53 10.23 -10.71 1.55
CA ASP A 53 11.11 -11.61 0.80
C ASP A 53 10.49 -12.01 -0.54
N CYS A 54 9.31 -11.48 -0.83
CA CYS A 54 8.62 -11.76 -2.07
C CYS A 54 8.84 -10.60 -3.04
N SER A 55 8.24 -10.68 -4.23
CA SER A 55 8.41 -9.62 -5.21
C SER A 55 7.06 -9.00 -5.59
N ILE A 56 7.12 -7.98 -6.45
CA ILE A 56 5.94 -7.20 -6.82
C ILE A 56 4.81 -8.05 -7.39
N GLU A 57 5.16 -9.09 -8.14
CA GLU A 57 4.15 -9.94 -8.76
C GLU A 57 3.29 -10.63 -7.72
N GLU A 58 3.91 -11.06 -6.64
CA GLU A 58 3.18 -11.74 -5.59
C GLU A 58 2.24 -10.79 -4.86
N PHE A 59 2.72 -9.57 -4.57
CA PHE A 59 1.95 -8.62 -3.79
C PHE A 59 0.58 -8.35 -4.43
N LYS A 60 0.52 -8.38 -5.75
CA LYS A 60 -0.73 -8.15 -6.46
C LYS A 60 -1.52 -9.45 -6.67
N GLU A 61 -0.82 -10.58 -6.72
CA GLU A 61 -1.45 -11.83 -7.12
C GLU A 61 -1.92 -12.66 -5.92
N GLU A 62 -1.23 -12.52 -4.79
CA GLU A 62 -1.50 -13.34 -3.60
C GLU A 62 -2.98 -13.34 -3.22
N LEU A 63 -3.61 -12.18 -3.26
CA LEU A 63 -5.00 -12.08 -2.83
C LEU A 63 -5.81 -11.17 -3.75
N PRO A 64 -6.94 -11.68 -4.26
CA PRO A 64 -7.88 -10.88 -5.06
C PRO A 64 -8.56 -9.83 -4.19
N SER A 65 -8.41 -8.58 -4.57
CA SER A 65 -8.89 -7.47 -3.76
C SER A 65 -10.38 -7.21 -3.95
N GLN A 66 -10.84 -7.31 -5.21
CA GLN A 66 -12.22 -6.95 -5.61
C GLN A 66 -12.64 -5.60 -5.01
N GLN A 67 -11.63 -4.78 -4.70
CA GLN A 67 -11.80 -3.53 -3.99
C GLN A 67 -10.52 -2.73 -4.10
N PRO A 68 -10.59 -1.41 -3.94
CA PRO A 68 -9.39 -0.56 -3.94
C PRO A 68 -8.54 -0.83 -2.71
N ARG A 69 -7.58 -1.74 -2.84
CA ARG A 69 -6.64 -2.04 -1.78
C ARG A 69 -5.32 -1.38 -2.09
N PHE A 70 -4.59 -0.97 -1.07
CA PHE A 70 -3.33 -0.31 -1.29
C PHE A 70 -2.20 -1.05 -0.63
N ILE A 71 -1.18 -1.33 -1.41
CA ILE A 71 -0.05 -2.12 -0.97
C ILE A 71 1.19 -1.24 -0.89
N LEU A 72 1.75 -1.16 0.31
CA LEU A 72 2.95 -0.38 0.53
C LEU A 72 4.17 -1.27 0.37
N LEU A 73 4.87 -1.10 -0.75
CA LEU A 73 6.04 -1.90 -1.07
C LEU A 73 7.29 -1.09 -0.74
N SER A 74 8.17 -1.67 0.06
CA SER A 74 9.43 -1.03 0.37
C SER A 74 10.54 -1.73 -0.37
N TRP A 75 11.17 -1.00 -1.27
CA TRP A 75 12.22 -1.57 -2.10
C TRP A 75 13.57 -0.97 -1.72
N CYS A 76 14.53 -1.85 -1.48
CA CYS A 76 15.89 -1.42 -1.21
C CYS A 76 16.50 -0.75 -2.44
N LYS A 77 16.46 0.57 -2.47
CA LYS A 77 16.88 1.33 -3.62
C LYS A 77 17.92 2.37 -3.21
N LYS A 78 19.14 2.20 -3.71
CA LYS A 78 20.22 3.12 -3.40
C LYS A 78 20.18 4.31 -4.35
N HIS A 79 20.53 5.48 -3.83
CA HIS A 79 20.55 6.68 -4.65
C HIS A 79 21.98 7.20 -4.75
N SER A 80 22.17 8.31 -5.44
CA SER A 80 23.50 8.84 -5.75
C SER A 80 24.31 9.19 -4.50
N ASP A 81 23.62 9.39 -3.37
CA ASP A 81 24.30 9.81 -2.14
C ASP A 81 24.96 8.63 -1.40
N GLU A 82 25.20 7.55 -2.15
CA GLU A 82 26.01 6.42 -1.69
C GLU A 82 25.32 5.54 -0.67
N ARG A 83 24.08 5.86 -0.30
CA ARG A 83 23.42 5.09 0.73
C ARG A 83 22.23 4.34 0.14
N ILE A 84 22.08 3.09 0.55
CA ILE A 84 20.95 2.33 0.10
C ILE A 84 19.72 2.71 0.92
N SER A 85 18.74 3.27 0.24
CA SER A 85 17.59 3.81 0.92
C SER A 85 16.41 2.84 0.82
N TYR A 86 15.36 3.13 1.56
CA TYR A 86 14.16 2.32 1.52
C TYR A 86 12.95 3.15 1.09
N PRO A 87 12.90 3.52 -0.20
CA PRO A 87 11.75 4.25 -0.75
C PRO A 87 10.55 3.32 -0.88
N MET A 88 9.62 3.46 0.03
CA MET A 88 8.42 2.65 -0.01
C MET A 88 7.27 3.44 -0.58
N LEU A 89 6.51 2.80 -1.44
CA LEU A 89 5.35 3.42 -2.05
C LEU A 89 4.12 2.56 -1.84
N LEU A 90 2.98 3.20 -1.73
CA LEU A 90 1.73 2.47 -1.55
C LEU A 90 0.89 2.60 -2.81
N ILE A 91 0.75 1.51 -3.51
CA ILE A 91 -0.03 1.51 -4.73
C ILE A 91 -1.43 1.04 -4.45
N TYR A 92 -2.38 1.98 -4.49
CA TYR A 92 -3.76 1.62 -4.30
C TYR A 92 -4.38 1.26 -5.63
N TYR A 93 -4.60 -0.03 -5.81
CA TYR A 93 -5.12 -0.54 -7.05
C TYR A 93 -6.61 -0.77 -6.95
N CYS A 94 -7.33 -0.26 -7.94
CA CYS A 94 -8.77 -0.40 -7.99
C CYS A 94 -9.19 -1.17 -9.24
N PRO A 95 -9.10 -2.51 -9.20
CA PRO A 95 -9.39 -3.36 -10.34
C PRO A 95 -10.83 -3.86 -10.34
N ASN A 96 -11.04 -4.97 -11.04
CA ASN A 96 -12.35 -5.58 -11.19
C ASN A 96 -13.01 -5.82 -9.83
N GLY A 97 -14.16 -5.19 -9.63
CA GLY A 97 -14.90 -5.37 -8.38
C GLY A 97 -14.98 -4.10 -7.56
N SER A 98 -14.06 -3.18 -7.83
CA SER A 98 -13.97 -1.95 -7.06
C SER A 98 -15.15 -1.02 -7.35
N SER A 99 -15.85 -0.62 -6.31
CA SER A 99 -16.95 0.31 -6.42
C SER A 99 -16.44 1.75 -6.41
N PRO A 100 -17.11 2.65 -7.15
CA PRO A 100 -16.67 4.06 -7.34
C PRO A 100 -16.46 4.83 -6.05
N GLU A 101 -17.43 4.75 -5.13
CA GLU A 101 -17.34 5.51 -3.89
C GLU A 101 -16.23 4.96 -2.98
N LEU A 102 -16.07 3.65 -2.98
CA LEU A 102 -15.00 3.01 -2.22
C LEU A 102 -13.64 3.46 -2.73
N GLN A 103 -13.52 3.60 -4.05
CA GLN A 103 -12.27 4.07 -4.65
C GLN A 103 -11.89 5.42 -4.06
N MET A 104 -12.85 6.33 -4.02
CA MET A 104 -12.62 7.66 -3.48
C MET A 104 -12.43 7.61 -1.97
N LEU A 105 -13.05 6.62 -1.34
CA LEU A 105 -12.88 6.36 0.08
C LEU A 105 -11.41 6.08 0.40
N TYR A 106 -10.85 5.06 -0.26
CA TYR A 106 -9.46 4.71 -0.06
C TYR A 106 -8.54 5.80 -0.60
N ALA A 107 -8.86 6.31 -1.79
CA ALA A 107 -8.08 7.39 -2.40
C ALA A 107 -8.12 8.67 -1.55
N GLY A 108 -9.08 8.73 -0.64
CA GLY A 108 -9.20 9.87 0.25
C GLY A 108 -8.22 9.80 1.41
N SER A 109 -8.25 8.69 2.13
CA SER A 109 -7.43 8.55 3.33
C SER A 109 -6.02 8.05 3.01
N ARG A 110 -5.75 7.76 1.73
CA ARG A 110 -4.41 7.35 1.32
C ARG A 110 -3.41 8.48 1.53
N ASN A 111 -3.89 9.71 1.57
CA ASN A 111 -3.02 10.86 1.82
C ASN A 111 -2.62 10.90 3.29
N PHE A 112 -3.50 10.42 4.15
CA PHE A 112 -3.27 10.46 5.58
C PHE A 112 -2.26 9.40 6.01
N ILE A 113 -2.29 8.25 5.35
CA ILE A 113 -1.35 7.17 5.67
C ILE A 113 0.06 7.56 5.20
N VAL A 114 0.13 8.31 4.10
CA VAL A 114 1.41 8.83 3.62
C VAL A 114 2.03 9.75 4.68
N ASN A 115 1.17 10.35 5.48
CA ASN A 115 1.59 11.26 6.53
C ASN A 115 1.98 10.48 7.78
N GLU A 116 1.28 9.37 8.01
CA GLU A 116 1.50 8.55 9.18
C GLU A 116 2.89 7.90 9.16
N CYS A 117 3.16 7.13 8.11
CA CYS A 117 4.40 6.37 8.03
C CYS A 117 5.49 7.19 7.34
N HIS A 118 5.14 8.39 6.88
CA HIS A 118 6.03 9.21 6.05
C HIS A 118 6.42 8.41 4.81
N VAL A 119 5.41 8.00 4.07
CA VAL A 119 5.63 7.19 2.87
C VAL A 119 6.40 7.99 1.83
N SER A 120 7.31 7.31 1.14
CA SER A 120 8.17 7.97 0.16
C SER A 120 7.37 8.40 -1.06
N LYS A 121 6.44 7.56 -1.48
CA LYS A 121 5.62 7.82 -2.65
C LYS A 121 4.40 6.89 -2.67
N ASN A 122 3.50 7.13 -3.59
CA ASN A 122 2.37 6.21 -3.78
C ASN A 122 1.94 6.21 -5.24
N THR A 123 1.14 5.23 -5.62
CA THR A 123 0.78 5.02 -7.02
C THR A 123 -0.61 4.38 -7.12
N GLU A 124 -1.32 4.61 -8.22
CA GLU A 124 -2.61 3.95 -8.43
C GLU A 124 -2.66 3.29 -9.80
N ILE A 125 -3.17 2.06 -9.83
CA ILE A 125 -3.37 1.32 -11.06
C ILE A 125 -4.73 0.63 -11.02
N ARG A 126 -5.50 0.76 -12.09
CA ARG A 126 -6.82 0.16 -12.14
C ARG A 126 -6.77 -1.22 -12.82
N ASP A 127 -6.13 -2.17 -12.14
CA ASP A 127 -6.04 -3.56 -12.60
C ASP A 127 -5.08 -4.34 -11.73
N ILE A 128 -5.19 -5.67 -11.79
CA ILE A 128 -4.26 -6.56 -11.09
C ILE A 128 -3.20 -7.07 -12.07
N ASP A 129 -3.63 -7.33 -13.30
CA ASP A 129 -2.80 -8.02 -14.28
C ASP A 129 -1.63 -7.17 -14.73
N GLU A 130 -1.89 -5.89 -14.97
CA GLU A 130 -0.87 -5.01 -15.53
C GLU A 130 0.09 -4.48 -14.45
N ILE A 131 0.02 -5.06 -13.26
CA ILE A 131 0.98 -4.76 -12.21
C ILE A 131 2.02 -5.86 -12.16
N ASP A 132 3.27 -5.51 -12.44
CA ASP A 132 4.36 -6.48 -12.43
C ASP A 132 5.70 -5.78 -12.40
N ASP A 133 6.76 -6.55 -12.58
CA ASP A 133 8.12 -6.08 -12.38
C ASP A 133 8.52 -4.97 -13.35
N GLU A 134 7.91 -4.95 -14.53
CA GLU A 134 8.34 -4.02 -15.59
C GLU A 134 8.28 -2.56 -15.14
N LEU A 135 7.30 -2.21 -14.31
CA LEU A 135 7.12 -0.84 -13.91
C LEU A 135 8.16 -0.40 -12.89
N LEU A 136 8.65 -1.33 -12.06
CA LEU A 136 9.60 -0.99 -11.01
C LEU A 136 10.80 -0.20 -11.55
N GLU A 137 11.34 -0.62 -12.68
CA GLU A 137 12.53 0.04 -13.24
C GLU A 137 12.17 1.38 -13.90
N SER A 138 10.89 1.67 -13.98
CA SER A 138 10.43 2.96 -14.48
C SER A 138 9.67 3.70 -13.39
N LYS A 139 9.61 3.09 -12.21
CA LYS A 139 8.95 3.69 -11.07
C LYS A 139 9.98 4.16 -10.06
N PHE A 140 10.72 3.22 -9.47
CA PHE A 140 11.72 3.49 -8.44
C PHE A 140 11.26 4.57 -7.48
N MET A 3 -21.74 0.49 -2.68
CA MET A 3 -21.89 0.67 -4.14
C MET A 3 -22.84 1.81 -4.49
N THR A 4 -23.39 2.47 -3.47
CA THR A 4 -24.18 3.68 -3.71
C THR A 4 -23.31 4.91 -3.54
N SER A 5 -23.23 5.40 -2.30
CA SER A 5 -22.38 6.53 -1.96
C SER A 5 -22.17 6.58 -0.45
N SER A 6 -21.01 6.16 0.01
CA SER A 6 -20.67 6.21 1.43
C SER A 6 -19.17 6.40 1.60
N LEU A 7 -18.79 7.53 2.17
CA LEU A 7 -17.38 7.87 2.31
C LEU A 7 -17.13 8.48 3.67
N THR A 8 -16.05 8.06 4.31
CA THR A 8 -15.65 8.58 5.60
C THR A 8 -14.17 8.32 5.80
N ILE A 9 -13.51 9.11 6.64
CA ILE A 9 -12.08 8.93 6.84
C ILE A 9 -11.82 7.89 7.92
N CYS A 10 -10.61 7.36 7.94
CA CYS A 10 -10.29 6.28 8.85
C CYS A 10 -9.40 6.76 9.99
N SER A 11 -9.72 6.32 11.19
CA SER A 11 -8.86 6.56 12.34
C SER A 11 -8.00 5.33 12.58
N ILE A 12 -6.73 5.54 12.86
CA ILE A 12 -5.79 4.43 12.94
C ILE A 12 -5.69 3.88 14.36
N PRO A 13 -5.93 2.57 14.52
CA PRO A 13 -5.65 1.87 15.77
C PRO A 13 -4.14 1.77 16.01
N ASP A 14 -3.71 2.01 17.24
CA ASP A 14 -2.30 2.06 17.57
C ASP A 14 -1.62 0.72 17.26
N GLY A 15 -2.39 -0.36 17.35
CA GLY A 15 -1.88 -1.67 17.03
C GLY A 15 -1.31 -1.75 15.62
N VAL A 16 -2.13 -1.50 14.61
CA VAL A 16 -1.67 -1.54 13.22
C VAL A 16 -0.80 -0.32 12.91
N LYS A 17 -0.94 0.72 13.72
CA LYS A 17 -0.13 1.92 13.58
C LYS A 17 1.32 1.61 13.93
N GLU A 18 1.51 0.80 14.97
CA GLU A 18 2.83 0.30 15.32
C GLU A 18 3.33 -0.62 14.23
N ASP A 19 2.43 -1.47 13.74
CA ASP A 19 2.74 -2.42 12.66
C ASP A 19 3.23 -1.67 11.43
N LEU A 20 2.65 -0.49 11.19
CA LEU A 20 3.03 0.34 10.06
C LEU A 20 4.43 0.95 10.28
N LYS A 21 4.70 1.33 11.53
CA LYS A 21 6.01 1.87 11.88
C LYS A 21 7.08 0.78 11.78
N LYS A 22 6.75 -0.39 12.32
CA LYS A 22 7.66 -1.51 12.37
C LYS A 22 8.15 -1.91 10.98
N PHE A 23 7.26 -1.81 10.00
CA PHE A 23 7.58 -2.10 8.62
C PHE A 23 8.79 -1.28 8.14
N ARG A 24 8.73 0.03 8.30
CA ARG A 24 9.80 0.88 7.75
C ARG A 24 11.01 0.95 8.69
N PHE A 25 10.80 0.82 9.99
CA PHE A 25 11.89 0.96 10.94
C PHE A 25 12.62 -0.36 11.15
N SER A 26 12.09 -1.43 10.58
CA SER A 26 12.74 -2.73 10.68
C SER A 26 12.48 -3.55 9.42
N LYS A 27 13.18 -3.22 8.35
CA LYS A 27 13.05 -3.96 7.11
C LYS A 27 14.41 -4.46 6.62
N SER A 28 14.39 -5.59 5.94
CA SER A 28 15.60 -6.19 5.40
C SER A 28 16.02 -5.46 4.12
N THR A 29 17.17 -5.82 3.58
CA THR A 29 17.70 -5.17 2.38
C THR A 29 17.03 -5.70 1.11
N THR A 30 15.97 -6.48 1.30
CA THR A 30 15.20 -7.01 0.20
C THR A 30 13.88 -6.26 0.04
N MET A 31 12.98 -6.81 -0.74
CA MET A 31 11.71 -6.15 -1.01
C MET A 31 10.62 -6.71 -0.13
N ASN A 32 10.00 -5.85 0.63
CA ASN A 32 8.90 -6.23 1.50
C ASN A 32 7.81 -5.18 1.42
N ALA A 33 6.60 -5.57 1.80
CA ALA A 33 5.44 -4.74 1.55
C ALA A 33 4.35 -5.00 2.57
N LEU A 34 3.66 -3.95 2.93
CA LEU A 34 2.53 -4.04 3.83
C LEU A 34 1.27 -3.64 3.09
N ILE A 35 0.38 -4.59 2.89
CA ILE A 35 -0.91 -4.29 2.32
C ILE A 35 -1.85 -3.92 3.45
N LEU A 36 -2.68 -2.92 3.26
CA LEU A 36 -3.57 -2.46 4.30
C LEU A 36 -4.91 -2.01 3.74
N LYS A 37 -5.91 -1.96 4.61
CA LYS A 37 -7.29 -1.71 4.20
C LYS A 37 -7.93 -0.60 5.04
N ILE A 38 -8.72 0.24 4.38
CA ILE A 38 -9.56 1.22 5.07
C ILE A 38 -10.99 0.67 5.14
N ASP A 39 -11.56 0.61 6.33
CA ASP A 39 -12.95 0.18 6.47
C ASP A 39 -13.81 1.37 6.85
N ARG A 40 -14.93 1.53 6.15
CA ARG A 40 -15.79 2.70 6.35
C ARG A 40 -16.78 2.48 7.49
N GLU A 41 -17.10 1.22 7.77
CA GLU A 41 -18.04 0.88 8.84
C GLU A 41 -17.32 0.86 10.17
N SER A 42 -16.15 0.24 10.20
CA SER A 42 -15.33 0.20 11.39
C SER A 42 -14.62 1.54 11.59
N HIS A 43 -14.53 2.32 10.50
CA HIS A 43 -13.95 3.67 10.53
C HIS A 43 -12.46 3.61 10.89
N GLU A 44 -11.86 2.45 10.69
CA GLU A 44 -10.48 2.25 11.07
C GLU A 44 -9.68 1.65 9.93
N LEU A 45 -8.40 1.98 9.87
CA LEU A 45 -7.50 1.42 8.89
C LEU A 45 -6.75 0.26 9.51
N GLN A 46 -6.77 -0.89 8.85
CA GLN A 46 -6.13 -2.08 9.38
C GLN A 46 -5.11 -2.61 8.37
N SER A 47 -4.01 -3.16 8.86
CA SER A 47 -3.00 -3.72 7.98
C SER A 47 -3.40 -5.12 7.52
N GLU A 48 -3.80 -5.21 6.24
CA GLU A 48 -4.14 -6.49 5.62
C GLU A 48 -3.06 -7.55 5.86
N GLN A 49 -1.83 -7.26 5.46
CA GLN A 49 -0.74 -8.24 5.59
C GLN A 49 0.63 -7.60 5.37
N LEU A 50 1.65 -8.18 5.99
CA LEU A 50 3.03 -7.74 5.82
C LEU A 50 3.93 -8.94 5.48
N LEU A 51 4.57 -8.90 4.32
CA LEU A 51 5.44 -9.99 3.90
C LEU A 51 6.77 -9.45 3.37
N ASN A 52 7.82 -10.23 3.58
CA ASN A 52 9.19 -9.81 3.24
C ASN A 52 9.86 -10.78 2.28
N ASP A 53 10.78 -10.24 1.48
CA ASP A 53 11.64 -11.03 0.60
C ASP A 53 10.85 -11.62 -0.57
N CYS A 54 9.66 -11.08 -0.79
CA CYS A 54 8.83 -11.52 -1.88
C CYS A 54 8.99 -10.60 -3.09
N SER A 55 8.27 -10.89 -4.15
CA SER A 55 8.36 -10.11 -5.37
C SER A 55 7.09 -9.31 -5.61
N ILE A 56 7.12 -8.39 -6.58
CA ILE A 56 6.01 -7.48 -6.83
C ILE A 56 4.68 -8.23 -7.02
N GLU A 57 4.66 -9.25 -7.88
CA GLU A 57 3.44 -10.00 -8.12
C GLU A 57 3.09 -10.84 -6.91
N GLU A 58 4.10 -11.21 -6.15
CA GLU A 58 3.91 -11.99 -4.95
C GLU A 58 3.14 -11.19 -3.90
N PHE A 59 3.28 -9.86 -3.96
CA PHE A 59 2.52 -8.99 -3.07
C PHE A 59 1.12 -8.74 -3.62
N LYS A 60 1.06 -8.23 -4.85
CA LYS A 60 -0.20 -7.77 -5.44
C LYS A 60 -1.17 -8.92 -5.73
N GLU A 61 -0.63 -10.08 -6.09
CA GLU A 61 -1.47 -11.20 -6.50
C GLU A 61 -1.70 -12.16 -5.33
N GLU A 62 -1.22 -11.77 -4.15
CA GLU A 62 -1.36 -12.58 -2.94
C GLU A 62 -2.84 -12.84 -2.65
N LEU A 63 -3.65 -11.80 -2.76
CA LEU A 63 -5.09 -11.91 -2.58
C LEU A 63 -5.83 -11.23 -3.72
N PRO A 64 -6.84 -11.89 -4.29
CA PRO A 64 -7.75 -11.26 -5.26
C PRO A 64 -8.56 -10.16 -4.58
N SER A 65 -8.17 -8.92 -4.84
CA SER A 65 -8.73 -7.77 -4.13
C SER A 65 -10.17 -7.48 -4.53
N GLN A 66 -10.42 -7.40 -5.85
CA GLN A 66 -11.71 -6.95 -6.42
C GLN A 66 -12.17 -5.62 -5.79
N GLN A 67 -11.21 -4.89 -5.25
CA GLN A 67 -11.45 -3.66 -4.51
C GLN A 67 -10.21 -2.78 -4.61
N PRO A 68 -10.37 -1.46 -4.41
CA PRO A 68 -9.23 -0.55 -4.35
C PRO A 68 -8.45 -0.72 -3.04
N ARG A 69 -7.59 -1.72 -3.00
CA ARG A 69 -6.76 -1.95 -1.83
C ARG A 69 -5.36 -1.45 -2.10
N PHE A 70 -4.62 -1.10 -1.06
CA PHE A 70 -3.32 -0.50 -1.27
C PHE A 70 -2.21 -1.27 -0.57
N ILE A 71 -1.16 -1.52 -1.34
CA ILE A 71 0.00 -2.25 -0.87
C ILE A 71 1.21 -1.33 -0.83
N LEU A 72 1.78 -1.17 0.36
CA LEU A 72 2.93 -0.30 0.52
C LEU A 72 4.21 -1.13 0.46
N LEU A 73 4.95 -0.98 -0.63
CA LEU A 73 6.16 -1.76 -0.86
C LEU A 73 7.39 -0.87 -0.68
N SER A 74 8.40 -1.38 -0.01
CA SER A 74 9.65 -0.67 0.15
C SER A 74 10.74 -1.41 -0.60
N TRP A 75 11.29 -0.76 -1.62
CA TRP A 75 12.33 -1.39 -2.41
C TRP A 75 13.67 -0.77 -2.10
N CYS A 76 14.67 -1.61 -1.91
CA CYS A 76 16.02 -1.15 -1.62
C CYS A 76 16.61 -0.41 -2.82
N LYS A 77 16.46 0.90 -2.81
CA LYS A 77 17.04 1.74 -3.84
C LYS A 77 18.01 2.69 -3.17
N LYS A 78 19.28 2.54 -3.46
CA LYS A 78 20.27 3.36 -2.83
C LYS A 78 20.30 4.75 -3.46
N HIS A 79 20.08 5.74 -2.62
CA HIS A 79 20.12 7.13 -3.02
C HIS A 79 21.44 7.40 -3.75
N SER A 80 21.37 8.10 -4.87
CA SER A 80 22.52 8.31 -5.75
C SER A 80 23.62 9.13 -5.07
N ASP A 81 23.39 9.50 -3.81
CA ASP A 81 24.40 10.16 -3.00
C ASP A 81 25.34 9.13 -2.39
N GLU A 82 25.17 7.89 -2.83
CA GLU A 82 26.03 6.75 -2.43
C GLU A 82 25.68 6.23 -1.05
N ARG A 83 24.42 5.83 -0.87
CA ARG A 83 23.98 5.15 0.34
C ARG A 83 22.65 4.46 0.08
N ILE A 84 22.48 3.26 0.61
CA ILE A 84 21.25 2.52 0.41
C ILE A 84 20.17 3.02 1.36
N SER A 85 19.01 3.32 0.81
CA SER A 85 17.92 3.86 1.59
C SER A 85 16.73 2.90 1.59
N TYR A 86 15.73 3.18 2.41
CA TYR A 86 14.51 2.40 2.41
C TYR A 86 13.31 3.27 2.01
N PRO A 87 13.16 3.55 0.71
CA PRO A 87 12.01 4.28 0.20
C PRO A 87 10.84 3.34 -0.01
N MET A 88 9.63 3.86 0.03
CA MET A 88 8.46 3.02 -0.13
C MET A 88 7.28 3.78 -0.72
N LEU A 89 6.50 3.08 -1.52
CA LEU A 89 5.29 3.62 -2.10
C LEU A 89 4.10 2.73 -1.80
N LEU A 90 2.92 3.32 -1.73
CA LEU A 90 1.71 2.54 -1.53
C LEU A 90 0.93 2.49 -2.84
N ILE A 91 0.80 1.30 -3.37
CA ILE A 91 0.11 1.12 -4.63
C ILE A 91 -1.34 0.72 -4.39
N TYR A 92 -2.23 1.67 -4.61
CA TYR A 92 -3.65 1.41 -4.48
C TYR A 92 -4.25 1.18 -5.85
N TYR A 93 -4.54 -0.07 -6.13
CA TYR A 93 -5.09 -0.45 -7.42
C TYR A 93 -6.58 -0.70 -7.31
N CYS A 94 -7.30 -0.26 -8.32
CA CYS A 94 -8.75 -0.41 -8.35
C CYS A 94 -9.19 -1.11 -9.62
N PRO A 95 -9.12 -2.45 -9.65
CA PRO A 95 -9.44 -3.25 -10.82
C PRO A 95 -10.94 -3.52 -10.95
N ASN A 96 -11.28 -4.61 -11.64
CA ASN A 96 -12.66 -4.95 -11.88
C ASN A 96 -13.35 -5.38 -10.60
N GLY A 97 -14.48 -4.76 -10.31
CA GLY A 97 -15.20 -5.07 -9.09
C GLY A 97 -15.12 -3.94 -8.08
N SER A 98 -14.21 -3.00 -8.33
CA SER A 98 -14.02 -1.87 -7.43
C SER A 98 -15.19 -0.91 -7.53
N SER A 99 -15.88 -0.72 -6.41
CA SER A 99 -17.02 0.18 -6.36
C SER A 99 -16.54 1.63 -6.35
N PRO A 100 -17.24 2.52 -7.10
CA PRO A 100 -16.84 3.94 -7.27
C PRO A 100 -16.61 4.69 -5.96
N GLU A 101 -17.56 4.58 -5.03
CA GLU A 101 -17.45 5.32 -3.78
C GLU A 101 -16.34 4.77 -2.90
N LEU A 102 -16.04 3.49 -3.05
CA LEU A 102 -14.91 2.89 -2.34
C LEU A 102 -13.60 3.41 -2.91
N GLN A 103 -13.56 3.63 -4.23
CA GLN A 103 -12.36 4.18 -4.86
C GLN A 103 -12.03 5.54 -4.27
N MET A 104 -13.06 6.38 -4.14
CA MET A 104 -12.89 7.71 -3.55
C MET A 104 -12.60 7.58 -2.06
N LEU A 105 -13.12 6.52 -1.45
CA LEU A 105 -12.88 6.23 -0.04
C LEU A 105 -11.41 5.93 0.22
N TYR A 106 -10.88 4.95 -0.50
CA TYR A 106 -9.50 4.52 -0.30
C TYR A 106 -8.50 5.54 -0.84
N ALA A 107 -8.77 6.07 -2.03
CA ALA A 107 -7.89 7.08 -2.60
C ALA A 107 -7.95 8.37 -1.81
N GLY A 108 -9.03 8.53 -1.05
CA GLY A 108 -9.15 9.70 -0.21
C GLY A 108 -8.43 9.51 1.11
N SER A 109 -8.78 8.46 1.83
CA SER A 109 -8.25 8.22 3.17
C SER A 109 -6.78 7.77 3.14
N ARG A 110 -6.22 7.60 1.94
CA ARG A 110 -4.81 7.23 1.84
C ARG A 110 -3.91 8.39 2.27
N ASN A 111 -4.45 9.60 2.26
CA ASN A 111 -3.64 10.79 2.58
C ASN A 111 -3.29 10.84 4.06
N PHE A 112 -3.95 10.02 4.86
CA PHE A 112 -3.60 9.91 6.27
C PHE A 112 -2.41 8.96 6.46
N ILE A 113 -2.42 7.86 5.72
CA ILE A 113 -1.37 6.86 5.86
C ILE A 113 -0.07 7.36 5.22
N VAL A 114 -0.21 8.16 4.16
CA VAL A 114 0.95 8.80 3.54
C VAL A 114 1.72 9.62 4.57
N ASN A 115 0.99 10.13 5.55
CA ASN A 115 1.58 10.93 6.61
C ASN A 115 2.06 10.03 7.74
N GLU A 116 1.23 9.04 8.06
CA GLU A 116 1.52 8.09 9.13
C GLU A 116 2.87 7.40 8.94
N CYS A 117 3.09 6.86 7.76
CA CYS A 117 4.34 6.15 7.48
C CYS A 117 5.34 7.09 6.84
N HIS A 118 4.89 8.32 6.55
CA HIS A 118 5.67 9.28 5.77
C HIS A 118 6.09 8.63 4.47
N VAL A 119 5.10 8.09 3.77
CA VAL A 119 5.32 7.33 2.54
C VAL A 119 6.03 8.19 1.50
N SER A 120 7.05 7.62 0.87
CA SER A 120 7.85 8.32 -0.12
C SER A 120 7.02 8.68 -1.34
N LYS A 121 6.14 7.77 -1.75
CA LYS A 121 5.29 7.97 -2.92
C LYS A 121 4.16 6.97 -2.92
N ASN A 122 3.28 7.05 -3.90
CA ASN A 122 2.23 6.05 -4.08
C ASN A 122 2.06 5.72 -5.55
N THR A 123 1.23 4.73 -5.82
CA THR A 123 0.99 4.30 -7.19
C THR A 123 -0.45 3.82 -7.35
N GLU A 124 -1.15 4.32 -8.35
CA GLU A 124 -2.50 3.88 -8.61
C GLU A 124 -2.61 3.29 -10.01
N ILE A 125 -3.17 2.10 -10.09
CA ILE A 125 -3.39 1.42 -11.38
C ILE A 125 -4.73 0.70 -11.34
N ARG A 126 -5.36 0.54 -12.49
CA ARG A 126 -6.70 -0.04 -12.52
C ARG A 126 -6.69 -1.43 -13.18
N ASP A 127 -6.05 -2.39 -12.49
CA ASP A 127 -6.04 -3.80 -12.92
C ASP A 127 -5.07 -4.60 -12.04
N ILE A 128 -5.24 -5.91 -12.01
CA ILE A 128 -4.38 -6.79 -11.22
C ILE A 128 -3.29 -7.42 -12.09
N ASP A 129 -3.59 -7.61 -13.36
CA ASP A 129 -2.75 -8.41 -14.24
C ASP A 129 -1.69 -7.55 -14.94
N GLU A 130 -2.00 -6.28 -15.18
CA GLU A 130 -1.11 -5.42 -15.95
C GLU A 130 0.05 -4.93 -15.08
N ILE A 131 0.04 -5.32 -13.81
CA ILE A 131 1.06 -4.88 -12.88
C ILE A 131 1.98 -6.03 -12.50
N ASP A 132 3.27 -5.85 -12.76
CA ASP A 132 4.28 -6.84 -12.43
C ASP A 132 5.64 -6.19 -12.36
N ASP A 133 6.69 -7.00 -12.48
CA ASP A 133 8.07 -6.54 -12.27
C ASP A 133 8.48 -5.54 -13.35
N GLU A 134 7.72 -5.45 -14.43
CA GLU A 134 8.03 -4.52 -15.53
C GLU A 134 8.16 -3.08 -15.03
N LEU A 135 7.31 -2.68 -14.08
CA LEU A 135 7.35 -1.32 -13.59
C LEU A 135 8.53 -1.09 -12.65
N LEU A 136 8.93 -2.12 -11.91
CA LEU A 136 10.00 -1.96 -10.92
C LEU A 136 11.31 -1.52 -11.57
N GLU A 137 11.43 -1.74 -12.87
CA GLU A 137 12.61 -1.32 -13.60
C GLU A 137 12.66 0.21 -13.67
N SER A 138 11.52 0.83 -13.90
CA SER A 138 11.43 2.27 -14.04
C SER A 138 11.02 2.94 -12.72
N LYS A 139 10.40 2.16 -11.84
CA LYS A 139 10.02 2.67 -10.52
C LYS A 139 11.25 2.87 -9.64
N PHE A 140 12.31 2.13 -9.99
CA PHE A 140 13.56 2.13 -9.22
C PHE A 140 14.17 3.52 -9.13
N MET A 3 -22.33 2.36 -6.00
CA MET A 3 -22.99 1.43 -5.04
C MET A 3 -23.43 2.18 -3.79
N THR A 4 -24.26 1.54 -2.99
CA THR A 4 -24.69 2.12 -1.72
C THR A 4 -23.62 1.89 -0.66
N SER A 5 -22.75 2.86 -0.49
CA SER A 5 -21.63 2.72 0.43
C SER A 5 -21.52 3.95 1.33
N SER A 6 -21.42 3.70 2.63
CA SER A 6 -21.15 4.76 3.59
C SER A 6 -19.74 5.30 3.36
N LEU A 7 -19.63 6.54 2.93
CA LEU A 7 -18.34 7.12 2.63
C LEU A 7 -17.91 8.05 3.76
N THR A 8 -16.72 7.81 4.28
CA THR A 8 -16.17 8.55 5.39
C THR A 8 -14.68 8.28 5.49
N ILE A 9 -13.91 9.20 6.07
CA ILE A 9 -12.49 8.99 6.18
C ILE A 9 -12.19 8.19 7.42
N CYS A 10 -11.19 7.32 7.34
CA CYS A 10 -10.92 6.39 8.41
C CYS A 10 -9.65 6.78 9.16
N SER A 11 -9.66 6.49 10.45
CA SER A 11 -8.54 6.84 11.30
C SER A 11 -7.61 5.65 11.49
N ILE A 12 -6.42 5.91 12.01
CA ILE A 12 -5.42 4.87 12.17
C ILE A 12 -5.31 4.45 13.64
N PRO A 13 -5.70 3.21 13.95
CA PRO A 13 -5.54 2.65 15.29
C PRO A 13 -4.07 2.54 15.66
N ASP A 14 -3.71 3.11 16.80
CA ASP A 14 -2.32 3.21 17.23
C ASP A 14 -1.68 1.82 17.31
N GLY A 15 -2.48 0.81 17.60
CA GLY A 15 -1.98 -0.55 17.68
C GLY A 15 -1.38 -1.02 16.37
N VAL A 16 -2.19 -1.02 15.31
CA VAL A 16 -1.70 -1.49 14.01
C VAL A 16 -0.78 -0.46 13.39
N LYS A 17 -0.85 0.77 13.88
CA LYS A 17 0.05 1.83 13.45
C LYS A 17 1.49 1.46 13.79
N GLU A 18 1.65 0.76 14.91
CA GLU A 18 2.97 0.31 15.33
C GLU A 18 3.55 -0.64 14.30
N ASP A 19 2.70 -1.47 13.71
CA ASP A 19 3.12 -2.39 12.66
C ASP A 19 3.69 -1.63 11.48
N LEU A 20 3.01 -0.55 11.12
CA LEU A 20 3.43 0.30 10.01
C LEU A 20 4.70 1.06 10.38
N LYS A 21 4.94 1.24 11.68
CA LYS A 21 6.17 1.85 12.17
C LYS A 21 7.30 0.82 12.16
N LYS A 22 6.99 -0.40 12.58
CA LYS A 22 7.97 -1.47 12.65
C LYS A 22 8.49 -1.82 11.26
N PHE A 23 7.62 -1.69 10.26
CA PHE A 23 7.98 -1.92 8.87
C PHE A 23 9.20 -1.07 8.47
N ARG A 24 9.26 0.16 8.94
CA ARG A 24 10.36 1.05 8.61
C ARG A 24 11.47 0.98 9.66
N PHE A 25 11.12 0.72 10.91
CA PHE A 25 12.06 0.70 11.98
C PHE A 25 12.86 -0.60 12.02
N SER A 26 12.21 -1.69 11.61
CA SER A 26 12.85 -2.99 11.59
C SER A 26 12.60 -3.67 10.25
N LYS A 27 13.45 -3.36 9.29
CA LYS A 27 13.28 -3.84 7.93
C LYS A 27 14.55 -4.48 7.39
N SER A 28 14.38 -5.30 6.37
CA SER A 28 15.51 -5.92 5.69
C SER A 28 15.70 -5.23 4.34
N THR A 29 16.95 -5.21 3.87
CA THR A 29 17.27 -4.56 2.61
C THR A 29 16.79 -5.40 1.43
N THR A 30 15.49 -5.36 1.19
CA THR A 30 14.85 -6.08 0.10
C THR A 30 13.51 -5.39 -0.19
N MET A 31 12.66 -6.02 -0.99
CA MET A 31 11.34 -5.44 -1.25
C MET A 31 10.31 -6.11 -0.38
N ASN A 32 9.72 -5.33 0.51
CA ASN A 32 8.73 -5.82 1.45
C ASN A 32 7.48 -4.97 1.31
N ALA A 33 6.34 -5.50 1.71
CA ALA A 33 5.09 -4.81 1.49
C ALA A 33 4.08 -5.04 2.61
N LEU A 34 3.32 -4.01 2.89
CA LEU A 34 2.26 -4.08 3.88
C LEU A 34 0.97 -3.54 3.25
N ILE A 35 -0.03 -4.41 3.12
CA ILE A 35 -1.31 -3.99 2.55
C ILE A 35 -2.18 -3.34 3.61
N LEU A 36 -2.52 -2.09 3.39
CA LEU A 36 -3.29 -1.32 4.35
C LEU A 36 -4.73 -1.17 3.87
N LYS A 37 -5.63 -1.60 4.72
CA LYS A 37 -7.03 -1.66 4.42
C LYS A 37 -7.80 -0.51 5.07
N ILE A 38 -8.55 0.22 4.27
CA ILE A 38 -9.55 1.15 4.77
C ILE A 38 -10.89 0.44 4.74
N ASP A 39 -11.71 0.62 5.76
CA ASP A 39 -13.00 -0.03 5.78
C ASP A 39 -14.09 0.95 6.17
N ARG A 40 -15.17 0.94 5.41
CA ARG A 40 -16.27 1.88 5.60
C ARG A 40 -17.08 1.53 6.84
N GLU A 41 -17.00 0.29 7.28
CA GLU A 41 -17.80 -0.18 8.39
C GLU A 41 -16.94 -0.30 9.65
N SER A 42 -15.69 -0.71 9.47
CA SER A 42 -14.74 -0.73 10.56
C SER A 42 -14.27 0.69 10.89
N HIS A 43 -14.27 1.54 9.87
CA HIS A 43 -13.93 2.96 10.02
C HIS A 43 -12.48 3.16 10.46
N GLU A 44 -11.66 2.15 10.23
CA GLU A 44 -10.26 2.22 10.63
C GLU A 44 -9.36 1.73 9.51
N LEU A 45 -8.17 2.28 9.45
CA LEU A 45 -7.17 1.85 8.50
C LEU A 45 -6.23 0.88 9.21
N GLN A 46 -6.27 -0.37 8.81
CA GLN A 46 -5.51 -1.40 9.49
C GLN A 46 -4.72 -2.24 8.50
N SER A 47 -3.70 -2.90 9.01
CA SER A 47 -2.85 -3.77 8.21
C SER A 47 -3.55 -5.10 7.94
N GLU A 48 -3.80 -5.42 6.68
CA GLU A 48 -4.38 -6.70 6.32
C GLU A 48 -3.33 -7.79 6.37
N GLN A 49 -2.14 -7.49 5.85
CA GLN A 49 -1.07 -8.46 5.81
C GLN A 49 0.26 -7.77 5.51
N LEU A 50 1.34 -8.35 6.01
CA LEU A 50 2.68 -7.84 5.78
C LEU A 50 3.58 -8.98 5.32
N LEU A 51 4.24 -8.80 4.19
CA LEU A 51 5.14 -9.82 3.69
C LEU A 51 6.47 -9.18 3.28
N ASN A 52 7.55 -9.88 3.57
CA ASN A 52 8.89 -9.36 3.35
C ASN A 52 9.72 -10.36 2.58
N ASP A 53 10.70 -9.85 1.82
CA ASP A 53 11.59 -10.71 1.02
C ASP A 53 10.81 -11.44 -0.06
N CYS A 54 9.64 -10.92 -0.39
CA CYS A 54 8.80 -11.51 -1.41
C CYS A 54 9.01 -10.79 -2.74
N SER A 55 8.36 -11.26 -3.78
CA SER A 55 8.51 -10.66 -5.10
C SER A 55 7.27 -9.87 -5.46
N ILE A 56 7.40 -8.96 -6.41
CA ILE A 56 6.30 -8.08 -6.80
C ILE A 56 5.11 -8.87 -7.36
N GLU A 57 5.41 -9.97 -8.06
CA GLU A 57 4.37 -10.84 -8.59
C GLU A 57 3.46 -11.33 -7.48
N GLU A 58 4.02 -11.44 -6.28
CA GLU A 58 3.25 -11.87 -5.12
C GLU A 58 2.34 -10.76 -4.64
N PHE A 59 2.90 -9.59 -4.32
CA PHE A 59 2.13 -8.49 -3.75
C PHE A 59 0.88 -8.20 -4.58
N LYS A 60 0.98 -8.38 -5.89
CA LYS A 60 -0.13 -8.10 -6.79
C LYS A 60 -1.06 -9.31 -6.97
N GLU A 61 -0.49 -10.49 -7.20
CA GLU A 61 -1.29 -11.65 -7.60
C GLU A 61 -1.67 -12.58 -6.44
N GLU A 62 -1.09 -12.36 -5.24
CA GLU A 62 -1.37 -13.24 -4.11
C GLU A 62 -2.86 -13.31 -3.80
N LEU A 63 -3.47 -12.16 -3.59
CA LEU A 63 -4.90 -12.12 -3.24
C LEU A 63 -5.67 -11.26 -4.22
N PRO A 64 -6.80 -11.79 -4.73
CA PRO A 64 -7.70 -11.05 -5.60
C PRO A 64 -8.44 -9.97 -4.81
N SER A 65 -7.90 -8.77 -4.84
CA SER A 65 -8.43 -7.66 -4.07
C SER A 65 -9.89 -7.35 -4.42
N GLN A 66 -10.15 -7.23 -5.72
CA GLN A 66 -11.46 -6.83 -6.28
C GLN A 66 -11.99 -5.55 -5.61
N GLN A 67 -11.10 -4.84 -4.94
CA GLN A 67 -11.42 -3.60 -4.24
C GLN A 67 -10.23 -2.65 -4.35
N PRO A 68 -10.45 -1.34 -4.19
CA PRO A 68 -9.38 -0.36 -4.22
C PRO A 68 -8.55 -0.38 -2.95
N ARG A 69 -7.76 -1.42 -2.76
CA ARG A 69 -6.94 -1.53 -1.55
C ARG A 69 -5.54 -1.08 -1.87
N PHE A 70 -4.80 -0.64 -0.87
CA PHE A 70 -3.49 -0.09 -1.14
C PHE A 70 -2.40 -0.82 -0.41
N ILE A 71 -1.34 -1.08 -1.13
CA ILE A 71 -0.21 -1.83 -0.63
C ILE A 71 0.99 -0.92 -0.51
N LEU A 72 1.54 -0.82 0.69
CA LEU A 72 2.71 -0.02 0.93
C LEU A 72 3.95 -0.90 0.89
N LEU A 73 4.71 -0.77 -0.19
CA LEU A 73 5.91 -1.55 -0.36
C LEU A 73 7.15 -0.67 -0.13
N SER A 74 8.15 -1.23 0.50
CA SER A 74 9.42 -0.55 0.70
C SER A 74 10.42 -1.13 -0.30
N TRP A 75 10.89 -0.29 -1.19
CA TRP A 75 11.73 -0.74 -2.29
C TRP A 75 13.15 -0.22 -2.12
N CYS A 76 14.10 -1.14 -2.15
CA CYS A 76 15.51 -0.78 -2.09
C CYS A 76 15.93 -0.05 -3.36
N LYS A 77 16.00 1.26 -3.27
CA LYS A 77 16.33 2.10 -4.42
C LYS A 77 17.49 3.02 -4.08
N LYS A 78 18.68 2.66 -4.55
CA LYS A 78 19.87 3.44 -4.30
C LYS A 78 19.93 4.63 -5.25
N HIS A 79 20.34 5.77 -4.71
CA HIS A 79 20.47 6.97 -5.51
C HIS A 79 21.95 7.29 -5.69
N SER A 80 22.26 8.16 -6.64
CA SER A 80 23.63 8.56 -6.93
C SER A 80 24.29 9.30 -5.77
N ASP A 81 23.54 9.44 -4.67
CA ASP A 81 24.05 10.07 -3.46
C ASP A 81 24.89 9.07 -2.65
N GLU A 82 25.23 7.95 -3.31
CA GLU A 82 26.12 6.94 -2.75
C GLU A 82 25.49 6.19 -1.60
N ARG A 83 24.17 6.10 -1.59
CA ARG A 83 23.46 5.42 -0.52
C ARG A 83 22.19 4.76 -1.04
N ILE A 84 21.99 3.53 -0.61
CA ILE A 84 20.78 2.80 -0.99
C ILE A 84 19.65 3.10 -0.02
N SER A 85 18.71 3.91 -0.48
CA SER A 85 17.57 4.25 0.34
C SER A 85 16.44 3.25 0.09
N TYR A 86 15.55 3.14 1.05
CA TYR A 86 14.39 2.26 0.89
C TYR A 86 13.10 3.06 1.03
N PRO A 87 12.73 3.81 -0.01
CA PRO A 87 11.52 4.64 0.00
C PRO A 87 10.28 3.78 0.09
N MET A 88 9.30 4.26 0.83
CA MET A 88 8.04 3.55 0.95
C MET A 88 7.04 4.19 0.02
N LEU A 89 6.29 3.36 -0.69
CA LEU A 89 5.25 3.85 -1.56
C LEU A 89 4.00 3.00 -1.39
N LEU A 90 2.85 3.62 -1.57
CA LEU A 90 1.60 2.90 -1.40
C LEU A 90 0.80 3.02 -2.69
N ILE A 91 0.37 1.89 -3.20
CA ILE A 91 -0.34 1.88 -4.46
C ILE A 91 -1.70 1.24 -4.29
N TYR A 92 -2.75 2.03 -4.51
CA TYR A 92 -4.10 1.52 -4.40
C TYR A 92 -4.63 1.18 -5.78
N TYR A 93 -4.91 -0.08 -5.98
CA TYR A 93 -5.40 -0.57 -7.25
C TYR A 93 -6.88 -0.89 -7.15
N CYS A 94 -7.66 -0.31 -8.05
CA CYS A 94 -9.10 -0.51 -8.06
C CYS A 94 -9.52 -1.21 -9.35
N PRO A 95 -9.49 -2.55 -9.35
CA PRO A 95 -9.79 -3.34 -10.54
C PRO A 95 -11.27 -3.72 -10.63
N ASN A 96 -11.54 -4.88 -11.20
CA ASN A 96 -12.89 -5.35 -11.43
C ASN A 96 -13.59 -5.63 -10.11
N GLY A 97 -14.76 -5.05 -9.94
CA GLY A 97 -15.51 -5.23 -8.70
C GLY A 97 -15.40 -4.04 -7.78
N SER A 98 -14.57 -3.07 -8.16
CA SER A 98 -14.35 -1.90 -7.33
C SER A 98 -15.27 -0.75 -7.74
N SER A 99 -16.14 -0.32 -6.82
CA SER A 99 -17.04 0.77 -7.07
C SER A 99 -16.32 2.12 -6.95
N PRO A 100 -16.74 3.13 -7.73
CA PRO A 100 -16.14 4.46 -7.73
C PRO A 100 -16.15 5.12 -6.34
N GLU A 101 -17.20 4.86 -5.56
CA GLU A 101 -17.30 5.41 -4.22
C GLU A 101 -16.19 4.87 -3.35
N LEU A 102 -15.81 3.62 -3.58
CA LEU A 102 -14.75 2.99 -2.81
C LEU A 102 -13.41 3.57 -3.20
N GLN A 103 -13.27 3.91 -4.48
CA GLN A 103 -12.07 4.60 -4.95
C GLN A 103 -11.97 5.94 -4.23
N MET A 104 -13.09 6.64 -4.19
CA MET A 104 -13.19 7.92 -3.47
C MET A 104 -12.95 7.71 -1.98
N LEU A 105 -13.36 6.56 -1.48
CA LEU A 105 -13.18 6.19 -0.08
C LEU A 105 -11.71 6.00 0.26
N TYR A 106 -11.06 5.09 -0.44
CA TYR A 106 -9.66 4.77 -0.17
C TYR A 106 -8.74 5.91 -0.53
N ALA A 107 -8.94 6.50 -1.71
CA ALA A 107 -8.15 7.66 -2.12
C ALA A 107 -8.42 8.83 -1.19
N GLY A 108 -9.53 8.75 -0.45
CA GLY A 108 -9.90 9.79 0.48
C GLY A 108 -9.12 9.72 1.78
N SER A 109 -8.42 8.61 2.02
CA SER A 109 -7.62 8.46 3.23
C SER A 109 -6.20 7.99 2.94
N ARG A 110 -5.90 7.71 1.67
CA ARG A 110 -4.57 7.24 1.30
C ARG A 110 -3.53 8.33 1.48
N ASN A 111 -3.97 9.58 1.53
CA ASN A 111 -3.06 10.70 1.68
C ASN A 111 -2.80 10.99 3.16
N PHE A 112 -3.73 10.56 4.01
CA PHE A 112 -3.57 10.74 5.45
C PHE A 112 -2.50 9.80 5.99
N ILE A 113 -2.44 8.61 5.41
CA ILE A 113 -1.47 7.60 5.84
C ILE A 113 -0.06 7.95 5.33
N VAL A 114 0.00 8.72 4.24
CA VAL A 114 1.29 9.15 3.69
C VAL A 114 2.12 9.88 4.75
N ASN A 115 1.43 10.54 5.67
CA ASN A 115 2.08 11.31 6.72
C ASN A 115 2.57 10.40 7.83
N GLU A 116 1.98 9.22 7.93
CA GLU A 116 2.25 8.29 9.02
C GLU A 116 3.67 7.70 8.94
N CYS A 117 4.19 7.56 7.74
CA CYS A 117 5.50 6.95 7.58
C CYS A 117 6.37 7.75 6.61
N HIS A 118 5.96 8.98 6.32
CA HIS A 118 6.67 9.79 5.32
C HIS A 118 6.73 9.02 4.00
N VAL A 119 5.57 8.60 3.52
CA VAL A 119 5.49 7.86 2.28
C VAL A 119 6.00 8.70 1.12
N SER A 120 6.85 8.10 0.30
CA SER A 120 7.47 8.81 -0.79
C SER A 120 6.51 8.93 -1.98
N LYS A 121 5.76 7.86 -2.24
CA LYS A 121 4.87 7.85 -3.39
C LYS A 121 3.56 7.16 -3.08
N ASN A 122 2.50 7.66 -3.66
CA ASN A 122 1.21 7.00 -3.62
C ASN A 122 0.67 6.85 -5.03
N THR A 123 0.83 5.66 -5.58
CA THR A 123 0.48 5.39 -6.96
C THR A 123 -0.88 4.70 -7.04
N GLU A 124 -1.59 4.91 -8.13
CA GLU A 124 -2.83 4.19 -8.36
C GLU A 124 -2.89 3.67 -9.79
N ILE A 125 -3.31 2.42 -9.92
CA ILE A 125 -3.51 1.80 -11.23
C ILE A 125 -4.74 0.92 -11.20
N ARG A 126 -5.51 0.93 -12.27
CA ARG A 126 -6.73 0.16 -12.34
C ARG A 126 -6.47 -1.17 -13.05
N ASP A 127 -5.72 -2.04 -12.39
CA ASP A 127 -5.47 -3.39 -12.89
C ASP A 127 -4.63 -4.19 -11.91
N ILE A 128 -4.75 -5.51 -11.97
CA ILE A 128 -3.99 -6.39 -11.10
C ILE A 128 -2.75 -6.95 -11.83
N ASP A 129 -2.92 -7.19 -13.13
CA ASP A 129 -1.95 -7.94 -13.89
C ASP A 129 -0.77 -7.07 -14.34
N GLU A 130 -1.04 -5.80 -14.62
CA GLU A 130 0.01 -4.90 -15.08
C GLU A 130 0.88 -4.41 -13.93
N ILE A 131 0.70 -4.99 -12.76
CA ILE A 131 1.54 -4.65 -11.63
C ILE A 131 2.63 -5.70 -11.51
N ASP A 132 3.86 -5.28 -11.65
CA ASP A 132 4.98 -6.21 -11.67
C ASP A 132 6.30 -5.47 -11.62
N ASP A 133 7.40 -6.19 -11.77
CA ASP A 133 8.74 -5.62 -11.72
C ASP A 133 8.95 -4.73 -12.94
N GLU A 134 8.12 -4.98 -13.95
CA GLU A 134 8.17 -4.25 -15.21
C GLU A 134 8.03 -2.75 -15.01
N LEU A 135 7.27 -2.34 -13.99
CA LEU A 135 7.05 -0.93 -13.75
C LEU A 135 8.08 -0.37 -12.78
N LEU A 136 8.52 -1.20 -11.84
CA LEU A 136 9.42 -0.75 -10.77
C LEU A 136 10.65 -0.03 -11.31
N GLU A 137 11.17 -0.49 -12.44
CA GLU A 137 12.37 0.09 -13.02
C GLU A 137 12.16 1.56 -13.36
N SER A 138 11.10 1.84 -14.11
CA SER A 138 10.83 3.20 -14.56
C SER A 138 9.84 3.91 -13.64
N LYS A 139 9.54 3.29 -12.50
CA LYS A 139 8.69 3.93 -11.50
C LYS A 139 9.52 4.76 -10.53
N PHE A 140 10.80 4.39 -10.39
CA PHE A 140 11.76 5.13 -9.56
C PHE A 140 11.42 5.06 -8.07
N MET A 3 -21.42 -0.31 -3.04
CA MET A 3 -22.51 0.47 -3.67
C MET A 3 -23.67 0.64 -2.69
N THR A 4 -23.36 0.94 -1.43
CA THR A 4 -24.41 1.02 -0.41
C THR A 4 -24.03 1.98 0.74
N SER A 5 -22.87 1.76 1.33
CA SER A 5 -22.49 2.40 2.58
C SER A 5 -22.23 3.90 2.43
N SER A 6 -22.61 4.66 3.45
CA SER A 6 -22.18 6.05 3.58
C SER A 6 -20.70 6.07 3.89
N LEU A 7 -19.99 7.10 3.43
CA LEU A 7 -18.54 7.02 3.43
C LEU A 7 -17.85 8.32 3.82
N THR A 8 -16.80 8.16 4.60
CA THR A 8 -15.90 9.25 4.95
C THR A 8 -14.48 8.70 5.04
N ILE A 9 -13.56 9.48 5.61
CA ILE A 9 -12.20 9.01 5.78
C ILE A 9 -12.08 8.23 7.07
N CYS A 10 -10.94 7.61 7.30
CA CYS A 10 -10.79 6.68 8.41
C CYS A 10 -9.93 7.24 9.53
N SER A 11 -10.11 6.68 10.72
CA SER A 11 -9.27 7.01 11.86
C SER A 11 -8.19 5.95 12.00
N ILE A 12 -7.12 6.26 12.70
CA ILE A 12 -5.98 5.36 12.82
C ILE A 12 -5.87 4.80 14.23
N PRO A 13 -6.10 3.48 14.39
CA PRO A 13 -5.86 2.79 15.65
C PRO A 13 -4.36 2.64 15.94
N ASP A 14 -3.94 3.04 17.14
CA ASP A 14 -2.53 3.03 17.51
C ASP A 14 -1.94 1.62 17.44
N GLY A 15 -2.81 0.63 17.61
CA GLY A 15 -2.39 -0.77 17.53
C GLY A 15 -1.73 -1.09 16.20
N VAL A 16 -2.48 -0.95 15.11
CA VAL A 16 -1.95 -1.25 13.78
C VAL A 16 -0.99 -0.16 13.31
N LYS A 17 -1.12 1.02 13.92
CA LYS A 17 -0.24 2.14 13.63
C LYS A 17 1.18 1.83 14.06
N GLU A 18 1.32 0.99 15.08
CA GLU A 18 2.62 0.48 15.49
C GLU A 18 3.20 -0.39 14.38
N ASP A 19 2.41 -1.34 13.89
CA ASP A 19 2.82 -2.22 12.80
C ASP A 19 3.17 -1.39 11.58
N LEU A 20 2.36 -0.37 11.33
CA LEU A 20 2.55 0.52 10.20
C LEU A 20 3.88 1.25 10.33
N LYS A 21 4.29 1.52 11.56
CA LYS A 21 5.58 2.15 11.82
C LYS A 21 6.72 1.13 11.66
N LYS A 22 6.56 -0.01 12.31
CA LYS A 22 7.61 -1.05 12.36
C LYS A 22 7.97 -1.54 10.97
N PHE A 23 6.98 -1.59 10.08
CA PHE A 23 7.18 -1.98 8.70
C PHE A 23 8.41 -1.33 8.08
N ARG A 24 8.57 -0.03 8.28
CA ARG A 24 9.71 0.67 7.73
C ARG A 24 10.85 0.79 8.73
N PHE A 25 10.52 1.05 9.99
CA PHE A 25 11.53 1.41 10.98
C PHE A 25 12.22 0.19 11.59
N SER A 26 11.66 -0.99 11.42
CA SER A 26 12.28 -2.19 11.96
C SER A 26 12.06 -3.41 11.07
N LYS A 27 12.77 -3.44 9.94
CA LYS A 27 12.77 -4.59 9.04
C LYS A 27 14.12 -4.69 8.36
N SER A 28 14.44 -5.86 7.81
CA SER A 28 15.73 -6.08 7.18
C SER A 28 15.77 -5.46 5.77
N THR A 29 16.96 -5.41 5.19
CA THR A 29 17.18 -4.76 3.91
C THR A 29 16.75 -5.66 2.73
N THR A 30 15.45 -5.71 2.49
CA THR A 30 14.89 -6.53 1.42
C THR A 30 13.61 -5.84 0.89
N MET A 31 12.80 -6.57 0.13
CA MET A 31 11.55 -6.02 -0.39
C MET A 31 10.41 -6.40 0.53
N ASN A 32 9.80 -5.41 1.13
CA ASN A 32 8.73 -5.64 2.09
C ASN A 32 7.48 -4.87 1.67
N ALA A 33 6.33 -5.35 2.11
CA ALA A 33 5.06 -4.82 1.67
C ALA A 33 3.98 -5.06 2.71
N LEU A 34 3.20 -4.03 2.98
CA LEU A 34 2.11 -4.15 3.93
C LEU A 34 0.81 -3.72 3.25
N ILE A 35 -0.12 -4.65 3.11
CA ILE A 35 -1.42 -4.33 2.55
C ILE A 35 -2.28 -3.64 3.62
N LEU A 36 -2.75 -2.45 3.30
CA LEU A 36 -3.45 -1.62 4.26
C LEU A 36 -4.92 -1.53 3.90
N LYS A 37 -5.76 -1.72 4.89
CA LYS A 37 -7.19 -1.88 4.67
C LYS A 37 -8.00 -0.90 5.52
N ILE A 38 -8.90 -0.18 4.89
CA ILE A 38 -9.86 0.63 5.62
C ILE A 38 -11.19 -0.10 5.65
N ASP A 39 -11.62 -0.47 6.84
CA ASP A 39 -12.94 -1.05 7.01
C ASP A 39 -13.96 0.07 7.12
N ARG A 40 -14.79 0.22 6.11
CA ARG A 40 -15.78 1.29 6.07
C ARG A 40 -16.76 1.18 7.24
N GLU A 41 -17.02 -0.04 7.68
CA GLU A 41 -17.93 -0.28 8.78
C GLU A 41 -17.27 0.05 10.11
N SER A 42 -15.97 -0.22 10.21
CA SER A 42 -15.23 0.04 11.44
C SER A 42 -14.73 1.50 11.46
N HIS A 43 -14.64 2.10 10.28
CA HIS A 43 -14.24 3.51 10.12
C HIS A 43 -12.77 3.70 10.49
N GLU A 44 -11.99 2.62 10.44
CA GLU A 44 -10.59 2.65 10.83
C GLU A 44 -9.71 1.91 9.82
N LEU A 45 -8.47 2.36 9.70
CA LEU A 45 -7.52 1.74 8.79
C LEU A 45 -6.65 0.75 9.55
N GLN A 46 -6.61 -0.49 9.09
CA GLN A 46 -5.86 -1.54 9.76
C GLN A 46 -4.89 -2.19 8.78
N SER A 47 -3.89 -2.86 9.32
CA SER A 47 -2.93 -3.59 8.50
C SER A 47 -3.43 -5.01 8.23
N GLU A 48 -3.73 -5.30 6.96
CA GLU A 48 -4.23 -6.62 6.59
C GLU A 48 -3.15 -7.68 6.72
N GLN A 49 -2.08 -7.52 5.96
CA GLN A 49 -1.01 -8.51 5.94
C GLN A 49 0.31 -7.88 5.49
N LEU A 50 1.39 -8.36 6.06
CA LEU A 50 2.72 -7.88 5.74
C LEU A 50 3.57 -9.05 5.28
N LEU A 51 4.30 -8.85 4.19
CA LEU A 51 5.23 -9.86 3.72
C LEU A 51 6.51 -9.18 3.23
N ASN A 52 7.63 -9.81 3.51
CA ASN A 52 8.92 -9.26 3.13
C ASN A 52 9.77 -10.37 2.51
N ASP A 53 10.82 -9.97 1.80
CA ASP A 53 11.73 -10.91 1.15
C ASP A 53 11.04 -11.57 -0.04
N CYS A 54 9.88 -11.03 -0.41
CA CYS A 54 9.12 -11.52 -1.54
C CYS A 54 9.29 -10.59 -2.75
N SER A 55 8.68 -10.94 -3.86
CA SER A 55 8.79 -10.15 -5.07
C SER A 55 7.53 -9.33 -5.30
N ILE A 56 7.58 -8.40 -6.25
CA ILE A 56 6.41 -7.58 -6.58
C ILE A 56 5.27 -8.46 -7.11
N GLU A 57 5.65 -9.57 -7.73
CA GLU A 57 4.68 -10.53 -8.25
C GLU A 57 3.80 -11.04 -7.11
N GLU A 58 4.43 -11.40 -6.01
CA GLU A 58 3.73 -11.96 -4.87
C GLU A 58 2.79 -10.96 -4.22
N PHE A 59 3.10 -9.68 -4.29
CA PHE A 59 2.25 -8.65 -3.68
C PHE A 59 0.95 -8.46 -4.47
N LYS A 60 1.05 -8.52 -5.79
CA LYS A 60 -0.12 -8.27 -6.64
C LYS A 60 -0.94 -9.54 -6.87
N GLU A 61 -0.26 -10.68 -6.87
CA GLU A 61 -0.93 -11.96 -7.12
C GLU A 61 -1.33 -12.63 -5.81
N GLU A 62 -1.02 -11.96 -4.69
CA GLU A 62 -1.28 -12.53 -3.37
C GLU A 62 -2.76 -12.87 -3.21
N LEU A 63 -3.60 -11.86 -3.43
CA LEU A 63 -5.05 -12.02 -3.28
C LEU A 63 -5.78 -11.37 -4.45
N PRO A 64 -6.97 -11.88 -4.79
CA PRO A 64 -7.85 -11.23 -5.76
C PRO A 64 -8.35 -9.91 -5.19
N SER A 65 -7.82 -8.83 -5.75
CA SER A 65 -8.08 -7.49 -5.25
C SER A 65 -9.58 -7.25 -5.04
N GLN A 66 -10.33 -7.28 -6.15
CA GLN A 66 -11.81 -7.09 -6.16
C GLN A 66 -12.26 -5.80 -5.49
N GLN A 67 -11.31 -5.06 -4.94
CA GLN A 67 -11.58 -3.82 -4.22
C GLN A 67 -10.42 -2.86 -4.39
N PRO A 68 -10.66 -1.56 -4.18
CA PRO A 68 -9.61 -0.54 -4.22
C PRO A 68 -8.73 -0.55 -2.98
N ARG A 69 -8.13 -1.69 -2.67
CA ARG A 69 -7.31 -1.81 -1.47
C ARG A 69 -5.85 -1.68 -1.87
N PHE A 70 -5.02 -1.19 -0.96
CA PHE A 70 -3.67 -0.81 -1.35
C PHE A 70 -2.60 -1.55 -0.58
N ILE A 71 -1.47 -1.70 -1.24
CA ILE A 71 -0.33 -2.37 -0.69
C ILE A 71 0.85 -1.41 -0.66
N LEU A 72 1.41 -1.21 0.52
CA LEU A 72 2.54 -0.32 0.67
C LEU A 72 3.82 -1.13 0.58
N LEU A 73 4.54 -0.96 -0.51
CA LEU A 73 5.79 -1.67 -0.73
C LEU A 73 6.95 -0.74 -0.41
N SER A 74 7.93 -1.25 0.32
CA SER A 74 9.13 -0.51 0.60
C SER A 74 10.32 -1.29 0.06
N TRP A 75 10.99 -0.73 -0.92
CA TRP A 75 12.15 -1.37 -1.51
C TRP A 75 13.39 -0.53 -1.28
N CYS A 76 14.43 -1.18 -0.80
CA CYS A 76 15.70 -0.54 -0.57
C CYS A 76 16.34 -0.09 -1.88
N LYS A 77 16.15 1.16 -2.19
CA LYS A 77 16.63 1.75 -3.43
C LYS A 77 17.89 2.57 -3.15
N LYS A 78 18.92 2.32 -3.93
CA LYS A 78 20.18 3.02 -3.79
C LYS A 78 20.39 3.98 -4.96
N HIS A 79 20.64 5.24 -4.65
CA HIS A 79 20.81 6.25 -5.68
C HIS A 79 22.30 6.54 -5.90
N SER A 80 22.60 7.48 -6.79
CA SER A 80 23.97 7.84 -7.15
C SER A 80 24.73 8.45 -5.96
N ASP A 81 24.05 8.57 -4.83
CA ASP A 81 24.66 9.11 -3.62
C ASP A 81 25.50 8.03 -2.93
N GLU A 82 25.51 6.83 -3.54
CA GLU A 82 26.34 5.71 -3.11
C GLU A 82 25.92 5.19 -1.73
N ARG A 83 24.67 5.45 -1.37
CA ARG A 83 24.11 4.95 -0.12
C ARG A 83 22.72 4.39 -0.39
N ILE A 84 22.36 3.33 0.33
CA ILE A 84 21.09 2.68 0.11
C ILE A 84 20.01 3.27 0.99
N SER A 85 18.88 3.56 0.39
CA SER A 85 17.73 4.09 1.12
C SER A 85 16.54 3.17 0.92
N TYR A 86 15.37 3.56 1.40
CA TYR A 86 14.18 2.76 1.18
C TYR A 86 12.95 3.64 0.98
N PRO A 87 12.71 4.04 -0.27
CA PRO A 87 11.51 4.79 -0.65
C PRO A 87 10.27 3.90 -0.59
N MET A 88 9.30 4.31 0.20
CA MET A 88 8.09 3.53 0.39
C MET A 88 6.96 4.11 -0.44
N LEU A 89 6.21 3.26 -1.10
CA LEU A 89 5.05 3.71 -1.84
C LEU A 89 3.88 2.76 -1.64
N LEU A 90 2.68 3.33 -1.53
CA LEU A 90 1.48 2.52 -1.41
C LEU A 90 0.69 2.60 -2.70
N ILE A 91 0.45 1.45 -3.31
CA ILE A 91 -0.26 1.40 -4.57
C ILE A 91 -1.60 0.70 -4.41
N TYR A 92 -2.68 1.43 -4.63
CA TYR A 92 -4.01 0.82 -4.59
C TYR A 92 -4.47 0.46 -5.98
N TYR A 93 -4.39 -0.83 -6.25
CA TYR A 93 -4.74 -1.39 -7.53
C TYR A 93 -6.18 -1.88 -7.52
N CYS A 94 -7.06 -1.09 -8.10
CA CYS A 94 -8.48 -1.35 -8.06
C CYS A 94 -9.05 -1.57 -9.45
N PRO A 95 -9.22 -2.83 -9.87
CA PRO A 95 -9.73 -3.15 -11.18
C PRO A 95 -11.25 -3.26 -11.23
N ASN A 96 -11.74 -4.46 -11.47
CA ASN A 96 -13.16 -4.69 -11.62
C ASN A 96 -13.73 -5.26 -10.33
N GLY A 97 -14.88 -4.76 -9.95
CA GLY A 97 -15.47 -5.14 -8.68
C GLY A 97 -15.40 -4.00 -7.69
N SER A 98 -14.44 -3.11 -7.91
CA SER A 98 -14.23 -1.94 -7.06
C SER A 98 -15.52 -1.14 -6.88
N SER A 99 -15.95 -1.00 -5.63
CA SER A 99 -17.13 -0.21 -5.31
C SER A 99 -16.80 1.28 -5.30
N PRO A 100 -17.71 2.12 -5.81
CA PRO A 100 -17.51 3.57 -5.92
C PRO A 100 -17.13 4.22 -4.59
N GLU A 101 -17.79 3.81 -3.50
CA GLU A 101 -17.50 4.39 -2.20
C GLU A 101 -16.09 4.00 -1.78
N LEU A 102 -15.74 2.74 -1.98
CA LEU A 102 -14.42 2.25 -1.59
C LEU A 102 -13.33 3.00 -2.34
N GLN A 103 -13.60 3.35 -3.59
CA GLN A 103 -12.68 4.19 -4.36
C GLN A 103 -12.46 5.52 -3.65
N MET A 104 -13.56 6.13 -3.24
CA MET A 104 -13.52 7.39 -2.50
C MET A 104 -12.91 7.19 -1.11
N LEU A 105 -13.08 5.99 -0.58
CA LEU A 105 -12.64 5.65 0.77
C LEU A 105 -11.12 5.50 0.82
N TYR A 106 -10.60 4.56 0.04
CA TYR A 106 -9.19 4.22 0.07
C TYR A 106 -8.36 5.33 -0.56
N ALA A 107 -8.84 5.89 -1.67
CA ALA A 107 -8.14 7.01 -2.29
C ALA A 107 -8.29 8.26 -1.46
N GLY A 108 -9.34 8.28 -0.63
CA GLY A 108 -9.58 9.40 0.25
C GLY A 108 -8.71 9.35 1.49
N SER A 109 -8.30 8.15 1.86
CA SER A 109 -7.50 7.96 3.06
C SER A 109 -6.01 7.81 2.73
N ARG A 110 -5.70 7.46 1.49
CA ARG A 110 -4.33 7.16 1.09
C ARG A 110 -3.43 8.39 1.17
N ASN A 111 -4.02 9.58 1.17
CA ASN A 111 -3.23 10.80 1.29
C ASN A 111 -3.00 11.15 2.75
N PHE A 112 -3.91 10.75 3.62
CA PHE A 112 -3.77 10.97 5.06
C PHE A 112 -2.70 10.06 5.64
N ILE A 113 -2.71 8.80 5.20
CA ILE A 113 -1.77 7.81 5.71
C ILE A 113 -0.34 8.13 5.26
N VAL A 114 -0.21 8.84 4.14
CA VAL A 114 1.10 9.31 3.70
C VAL A 114 1.74 10.21 4.76
N ASN A 115 0.92 11.07 5.33
CA ASN A 115 1.37 11.98 6.38
C ASN A 115 1.70 11.22 7.67
N GLU A 116 1.01 10.09 7.87
CA GLU A 116 1.18 9.29 9.07
C GLU A 116 2.59 8.72 9.20
N CYS A 117 3.17 8.32 8.08
CA CYS A 117 4.47 7.65 8.12
C CYS A 117 5.50 8.36 7.24
N HIS A 118 5.15 9.56 6.80
CA HIS A 118 5.99 10.33 5.88
C HIS A 118 6.34 9.46 4.67
N VAL A 119 5.30 8.88 4.06
CA VAL A 119 5.47 7.99 2.92
C VAL A 119 6.12 8.74 1.77
N SER A 120 7.18 8.15 1.21
CA SER A 120 7.93 8.77 0.13
C SER A 120 7.03 9.01 -1.09
N LYS A 121 6.19 8.03 -1.41
CA LYS A 121 5.33 8.13 -2.58
C LYS A 121 4.13 7.19 -2.50
N ASN A 122 3.20 7.40 -3.41
CA ASN A 122 2.03 6.55 -3.55
C ASN A 122 1.69 6.41 -5.02
N THR A 123 0.90 5.40 -5.38
CA THR A 123 0.57 5.14 -6.77
C THR A 123 -0.74 4.36 -6.88
N GLU A 124 -1.46 4.56 -7.97
CA GLU A 124 -2.64 3.74 -8.24
C GLU A 124 -2.67 3.33 -9.70
N ILE A 125 -3.13 2.11 -9.94
CA ILE A 125 -3.35 1.62 -11.30
C ILE A 125 -4.60 0.75 -11.34
N ARG A 126 -5.39 0.93 -12.38
CA ARG A 126 -6.65 0.21 -12.50
C ARG A 126 -6.45 -1.00 -13.41
N ASP A 127 -5.69 -1.97 -12.90
CA ASP A 127 -5.47 -3.23 -13.59
C ASP A 127 -4.48 -4.08 -12.80
N ILE A 128 -4.54 -5.38 -13.01
CA ILE A 128 -3.61 -6.30 -12.36
C ILE A 128 -2.46 -6.65 -13.30
N ASP A 129 -2.74 -6.62 -14.59
CA ASP A 129 -1.77 -7.06 -15.59
C ASP A 129 -0.69 -6.02 -15.83
N GLU A 130 -1.02 -4.74 -15.67
CA GLU A 130 -0.03 -3.69 -15.82
C GLU A 130 0.79 -3.54 -14.54
N ILE A 131 0.62 -4.49 -13.63
CA ILE A 131 1.47 -4.56 -12.45
C ILE A 131 2.54 -5.62 -12.68
N ASP A 132 3.79 -5.19 -12.64
CA ASP A 132 4.89 -6.09 -12.95
C ASP A 132 6.19 -5.53 -12.37
N ASP A 133 7.21 -6.36 -12.34
CA ASP A 133 8.55 -5.94 -11.90
C ASP A 133 9.03 -4.78 -12.75
N GLU A 134 8.46 -4.69 -13.95
CA GLU A 134 8.77 -3.65 -14.92
C GLU A 134 8.72 -2.25 -14.30
N LEU A 135 7.75 -2.03 -13.40
CA LEU A 135 7.54 -0.69 -12.87
C LEU A 135 8.59 -0.34 -11.84
N LEU A 136 9.18 -1.31 -11.18
CA LEU A 136 10.16 -1.04 -10.13
C LEU A 136 11.31 -0.20 -10.67
N GLU A 137 11.72 -0.50 -11.91
CA GLU A 137 12.83 0.21 -12.54
C GLU A 137 12.46 1.66 -12.86
N SER A 138 11.17 1.94 -12.88
CA SER A 138 10.67 3.28 -13.15
C SER A 138 10.16 3.94 -11.87
N LYS A 139 9.73 3.10 -10.93
CA LYS A 139 9.08 3.58 -9.72
C LYS A 139 10.10 3.91 -8.64
N PHE A 140 11.27 3.30 -8.71
CA PHE A 140 12.34 3.57 -7.76
C PHE A 140 13.49 4.28 -8.44
N MET A 3 -24.05 4.83 -4.57
CA MET A 3 -24.10 3.55 -3.84
C MET A 3 -24.23 3.81 -2.35
N THR A 4 -24.58 2.78 -1.59
CA THR A 4 -24.65 2.90 -0.15
C THR A 4 -23.25 2.87 0.45
N SER A 5 -22.72 4.04 0.76
CA SER A 5 -21.37 4.15 1.28
C SER A 5 -21.23 5.32 2.25
N SER A 6 -20.86 5.02 3.48
CA SER A 6 -20.49 6.06 4.41
C SER A 6 -19.09 6.56 4.05
N LEU A 7 -19.03 7.57 3.20
CA LEU A 7 -17.75 8.07 2.72
C LEU A 7 -17.12 8.95 3.79
N THR A 8 -16.13 8.38 4.46
CA THR A 8 -15.50 9.03 5.59
C THR A 8 -13.99 8.83 5.54
N ILE A 9 -13.28 9.49 6.44
CA ILE A 9 -11.86 9.24 6.58
C ILE A 9 -11.64 8.26 7.71
N CYS A 10 -10.43 7.78 7.87
CA CYS A 10 -10.16 6.73 8.83
C CYS A 10 -9.41 7.27 10.05
N SER A 11 -9.71 6.70 11.20
CA SER A 11 -8.94 6.98 12.40
C SER A 11 -7.90 5.88 12.57
N ILE A 12 -6.74 6.25 13.05
CA ILE A 12 -5.60 5.35 13.06
C ILE A 12 -5.41 4.70 14.43
N PRO A 13 -5.63 3.38 14.52
CA PRO A 13 -5.33 2.62 15.73
C PRO A 13 -3.82 2.50 15.94
N ASP A 14 -3.37 2.78 17.16
CA ASP A 14 -1.94 2.87 17.45
C ASP A 14 -1.25 1.52 17.24
N GLY A 15 -1.97 0.44 17.53
CA GLY A 15 -1.42 -0.90 17.44
C GLY A 15 -0.92 -1.25 16.05
N VAL A 16 -1.83 -1.29 15.08
CA VAL A 16 -1.46 -1.67 13.71
C VAL A 16 -0.63 -0.59 13.05
N LYS A 17 -0.80 0.65 13.50
CA LYS A 17 -0.05 1.77 12.97
C LYS A 17 1.44 1.62 13.28
N GLU A 18 1.75 1.18 14.50
CA GLU A 18 3.14 1.01 14.90
C GLU A 18 3.76 -0.16 14.14
N ASP A 19 2.93 -1.14 13.79
CA ASP A 19 3.42 -2.28 13.02
C ASP A 19 3.81 -1.82 11.62
N LEU A 20 3.01 -0.90 11.08
CA LEU A 20 3.30 -0.31 9.78
C LEU A 20 4.58 0.52 9.83
N LYS A 21 4.94 0.97 11.04
CA LYS A 21 6.23 1.65 11.24
C LYS A 21 7.36 0.64 11.20
N LYS A 22 7.23 -0.43 11.99
CA LYS A 22 8.27 -1.44 12.09
C LYS A 22 8.53 -2.15 10.77
N PHE A 23 7.57 -2.10 9.86
CA PHE A 23 7.73 -2.62 8.52
C PHE A 23 8.99 -2.07 7.84
N ARG A 24 9.25 -0.78 8.03
CA ARG A 24 10.37 -0.14 7.36
C ARG A 24 11.62 -0.14 8.24
N PHE A 25 11.42 -0.15 9.55
CA PHE A 25 12.54 -0.12 10.48
C PHE A 25 13.09 -1.51 10.72
N SER A 26 12.22 -2.52 10.64
CA SER A 26 12.63 -3.90 10.85
C SER A 26 12.37 -4.71 9.60
N LYS A 27 13.36 -4.74 8.72
CA LYS A 27 13.30 -5.52 7.49
C LYS A 27 14.70 -5.94 7.06
N SER A 28 14.82 -6.56 5.90
CA SER A 28 16.10 -6.99 5.38
C SER A 28 16.33 -6.39 3.99
N THR A 29 17.46 -6.70 3.39
CA THR A 29 17.80 -6.19 2.06
C THR A 29 17.08 -6.99 0.98
N THR A 30 15.76 -6.82 0.93
CA THR A 30 14.92 -7.53 -0.03
C THR A 30 13.66 -6.69 -0.26
N MET A 31 12.66 -7.28 -0.91
CA MET A 31 11.43 -6.57 -1.17
C MET A 31 10.39 -6.95 -0.12
N ASN A 32 9.90 -5.96 0.60
CA ASN A 32 8.87 -6.18 1.59
C ASN A 32 7.69 -5.29 1.29
N ALA A 33 6.51 -5.71 1.71
CA ALA A 33 5.29 -5.01 1.37
C ALA A 33 4.22 -5.24 2.41
N LEU A 34 3.46 -4.21 2.67
CA LEU A 34 2.34 -4.30 3.58
C LEU A 34 1.08 -3.82 2.88
N ILE A 35 0.17 -4.74 2.60
CA ILE A 35 -1.12 -4.38 2.07
C ILE A 35 -2.03 -4.00 3.22
N LEU A 36 -2.58 -2.81 3.17
CA LEU A 36 -3.43 -2.33 4.25
C LEU A 36 -4.81 -2.01 3.73
N LYS A 37 -5.74 -1.85 4.65
CA LYS A 37 -7.15 -1.76 4.31
C LYS A 37 -7.86 -0.73 5.17
N ILE A 38 -8.70 0.08 4.54
CA ILE A 38 -9.54 1.03 5.23
C ILE A 38 -10.95 0.44 5.40
N ASP A 39 -11.33 0.20 6.64
CA ASP A 39 -12.66 -0.31 6.92
C ASP A 39 -13.59 0.86 7.26
N ARG A 40 -14.42 1.24 6.29
CA ARG A 40 -15.29 2.40 6.44
C ARG A 40 -16.24 2.25 7.63
N GLU A 41 -16.71 1.03 7.84
CA GLU A 41 -17.75 0.79 8.84
C GLU A 41 -17.15 0.77 10.25
N SER A 42 -15.91 0.33 10.35
CA SER A 42 -15.18 0.37 11.61
C SER A 42 -14.49 1.72 11.77
N HIS A 43 -14.39 2.43 10.63
CA HIS A 43 -13.86 3.79 10.57
C HIS A 43 -12.36 3.82 10.90
N GLU A 44 -11.70 2.67 10.77
CA GLU A 44 -10.31 2.54 11.13
C GLU A 44 -9.47 2.04 9.96
N LEU A 45 -8.22 2.47 9.90
CA LEU A 45 -7.27 1.95 8.92
C LEU A 45 -6.39 0.90 9.59
N GLN A 46 -6.40 -0.30 9.04
CA GLN A 46 -5.68 -1.41 9.63
C GLN A 46 -4.82 -2.12 8.58
N SER A 47 -3.81 -2.82 9.04
CA SER A 47 -2.95 -3.60 8.17
C SER A 47 -3.64 -4.90 7.78
N GLU A 48 -3.76 -5.13 6.47
CA GLU A 48 -4.40 -6.33 5.98
C GLU A 48 -3.40 -7.48 5.99
N GLN A 49 -2.19 -7.22 5.49
CA GLN A 49 -1.14 -8.24 5.45
C GLN A 49 0.24 -7.63 5.27
N LEU A 50 1.25 -8.31 5.79
CA LEU A 50 2.64 -7.87 5.66
C LEU A 50 3.49 -9.08 5.25
N LEU A 51 4.28 -8.92 4.20
CA LEU A 51 5.17 -9.98 3.75
C LEU A 51 6.53 -9.41 3.34
N ASN A 52 7.57 -10.19 3.60
CA ASN A 52 8.95 -9.79 3.30
C ASN A 52 9.67 -10.95 2.63
N ASP A 53 10.74 -10.64 1.89
CA ASP A 53 11.57 -11.66 1.23
C ASP A 53 10.81 -12.27 0.05
N CYS A 54 9.75 -11.60 -0.35
CA CYS A 54 8.96 -12.04 -1.48
C CYS A 54 9.31 -11.20 -2.72
N SER A 55 8.78 -11.60 -3.86
CA SER A 55 9.07 -10.93 -5.11
C SER A 55 7.88 -10.07 -5.54
N ILE A 56 8.10 -9.18 -6.50
CA ILE A 56 7.07 -8.23 -6.92
C ILE A 56 5.84 -8.94 -7.48
N GLU A 57 6.05 -10.06 -8.18
CA GLU A 57 4.92 -10.88 -8.64
C GLU A 57 4.03 -11.25 -7.47
N GLU A 58 4.64 -11.74 -6.40
CA GLU A 58 3.90 -12.27 -5.27
C GLU A 58 2.99 -11.23 -4.63
N PHE A 59 3.37 -9.96 -4.65
CA PHE A 59 2.55 -8.93 -4.05
C PHE A 59 1.26 -8.72 -4.84
N LYS A 60 1.35 -8.72 -6.16
CA LYS A 60 0.18 -8.49 -7.00
C LYS A 60 -0.55 -9.79 -7.31
N GLU A 61 0.19 -10.88 -7.31
CA GLU A 61 -0.35 -12.19 -7.66
C GLU A 61 -0.78 -12.94 -6.40
N GLU A 62 -0.63 -12.29 -5.25
CA GLU A 62 -0.98 -12.89 -3.97
C GLU A 62 -2.47 -13.21 -3.96
N LEU A 63 -3.28 -12.19 -4.21
CA LEU A 63 -4.72 -12.36 -4.22
C LEU A 63 -5.39 -11.30 -5.09
N PRO A 64 -6.41 -11.69 -5.87
CA PRO A 64 -7.22 -10.75 -6.65
C PRO A 64 -8.11 -9.93 -5.73
N SER A 65 -7.74 -8.68 -5.53
CA SER A 65 -8.45 -7.81 -4.60
C SER A 65 -9.87 -7.52 -5.07
N GLN A 66 -10.01 -7.25 -6.39
CA GLN A 66 -11.27 -6.83 -7.00
C GLN A 66 -11.98 -5.78 -6.14
N GLN A 67 -11.18 -4.91 -5.55
CA GLN A 67 -11.66 -3.80 -4.73
C GLN A 67 -10.49 -2.83 -4.52
N PRO A 68 -10.78 -1.58 -4.13
CA PRO A 68 -9.73 -0.57 -3.89
C PRO A 68 -8.87 -0.93 -2.67
N ARG A 69 -7.74 -1.55 -2.94
CA ARG A 69 -6.76 -1.86 -1.90
C ARG A 69 -5.45 -1.19 -2.24
N PHE A 70 -4.62 -0.93 -1.24
CA PHE A 70 -3.31 -0.38 -1.50
C PHE A 70 -2.23 -1.17 -0.80
N ILE A 71 -1.19 -1.47 -1.56
CA ILE A 71 -0.07 -2.24 -1.07
C ILE A 71 1.16 -1.35 -0.99
N LEU A 72 1.67 -1.19 0.22
CA LEU A 72 2.86 -0.39 0.43
C LEU A 72 4.10 -1.28 0.34
N LEU A 73 4.80 -1.17 -0.77
CA LEU A 73 6.01 -1.95 -0.98
C LEU A 73 7.23 -1.10 -0.67
N SER A 74 8.17 -1.66 0.07
CA SER A 74 9.40 -0.99 0.38
C SER A 74 10.56 -1.73 -0.28
N TRP A 75 11.22 -1.06 -1.20
CA TRP A 75 12.34 -1.66 -1.91
C TRP A 75 13.64 -1.01 -1.46
N CYS A 76 14.59 -1.85 -1.04
CA CYS A 76 15.90 -1.35 -0.65
C CYS A 76 16.64 -0.80 -1.87
N LYS A 77 16.53 0.50 -2.07
CA LYS A 77 17.11 1.15 -3.23
C LYS A 77 17.98 2.30 -2.76
N LYS A 78 19.28 2.18 -2.95
CA LYS A 78 20.21 3.17 -2.47
C LYS A 78 20.23 4.39 -3.39
N HIS A 79 19.96 5.56 -2.81
CA HIS A 79 19.99 6.81 -3.56
C HIS A 79 21.44 7.14 -3.93
N SER A 80 21.63 8.12 -4.80
CA SER A 80 22.95 8.52 -5.28
C SER A 80 23.86 9.02 -4.14
N ASP A 81 23.34 9.03 -2.91
CA ASP A 81 24.12 9.45 -1.76
C ASP A 81 25.02 8.32 -1.27
N GLU A 82 25.07 7.25 -2.08
CA GLU A 82 25.99 6.13 -1.87
C GLU A 82 25.58 5.22 -0.72
N ARG A 83 24.51 5.56 -0.01
CA ARG A 83 24.04 4.72 1.07
C ARG A 83 22.70 4.12 0.68
N ILE A 84 22.40 2.96 1.22
CA ILE A 84 21.19 2.28 0.81
C ILE A 84 19.98 2.90 1.49
N SER A 85 19.00 3.24 0.68
CA SER A 85 17.85 3.99 1.14
C SER A 85 16.60 3.13 1.13
N TYR A 86 15.59 3.58 1.85
CA TYR A 86 14.32 2.89 1.86
C TYR A 86 13.20 3.83 1.42
N PRO A 87 12.92 3.84 0.11
CA PRO A 87 11.78 4.55 -0.44
C PRO A 87 10.54 3.67 -0.46
N MET A 88 9.55 4.03 0.34
CA MET A 88 8.34 3.25 0.41
C MET A 88 7.25 3.90 -0.43
N LEU A 89 6.53 3.10 -1.19
CA LEU A 89 5.40 3.59 -1.94
C LEU A 89 4.19 2.69 -1.74
N LEU A 90 3.01 3.29 -1.73
CA LEU A 90 1.78 2.53 -1.58
C LEU A 90 1.00 2.58 -2.88
N ILE A 91 0.88 1.44 -3.51
CA ILE A 91 0.20 1.36 -4.78
C ILE A 91 -1.23 0.90 -4.58
N TYR A 92 -2.17 1.81 -4.79
CA TYR A 92 -3.57 1.47 -4.68
C TYR A 92 -4.12 1.16 -6.06
N TYR A 93 -4.61 -0.04 -6.20
CA TYR A 93 -5.08 -0.53 -7.48
C TYR A 93 -6.55 -0.90 -7.39
N CYS A 94 -7.34 -0.38 -8.33
CA CYS A 94 -8.77 -0.60 -8.33
C CYS A 94 -9.21 -1.24 -9.64
N PRO A 95 -9.22 -2.58 -9.71
CA PRO A 95 -9.64 -3.31 -10.89
C PRO A 95 -11.14 -3.59 -10.90
N ASN A 96 -11.53 -4.62 -11.66
CA ASN A 96 -12.93 -5.01 -11.77
C ASN A 96 -13.51 -5.37 -10.41
N GLY A 97 -14.50 -4.58 -9.96
CA GLY A 97 -15.12 -4.84 -8.69
C GLY A 97 -14.95 -3.68 -7.73
N SER A 98 -14.17 -2.68 -8.15
CA SER A 98 -13.92 -1.52 -7.31
C SER A 98 -15.02 -0.49 -7.48
N SER A 99 -15.74 -0.23 -6.40
CA SER A 99 -16.86 0.70 -6.42
C SER A 99 -16.36 2.14 -6.32
N PRO A 100 -17.01 3.06 -7.05
CA PRO A 100 -16.60 4.47 -7.14
C PRO A 100 -16.44 5.15 -5.78
N GLU A 101 -17.46 5.07 -4.94
CA GLU A 101 -17.43 5.75 -3.65
C GLU A 101 -16.47 5.07 -2.68
N LEU A 102 -16.12 3.81 -2.96
CA LEU A 102 -15.11 3.13 -2.17
C LEU A 102 -13.73 3.60 -2.60
N GLN A 103 -13.58 3.86 -3.89
CA GLN A 103 -12.35 4.46 -4.40
C GLN A 103 -12.12 5.79 -3.72
N MET A 104 -13.19 6.56 -3.59
CA MET A 104 -13.16 7.83 -2.87
C MET A 104 -12.74 7.61 -1.41
N LEU A 105 -13.26 6.54 -0.82
CA LEU A 105 -12.93 6.15 0.55
C LEU A 105 -11.43 5.91 0.71
N TYR A 106 -10.88 5.03 -0.11
CA TYR A 106 -9.49 4.61 0.03
C TYR A 106 -8.52 5.68 -0.48
N ALA A 107 -8.87 6.33 -1.58
CA ALA A 107 -8.03 7.40 -2.13
C ALA A 107 -8.13 8.65 -1.26
N GLY A 108 -9.15 8.69 -0.41
CA GLY A 108 -9.31 9.81 0.49
C GLY A 108 -8.51 9.63 1.76
N SER A 109 -8.71 8.50 2.44
CA SER A 109 -8.09 8.26 3.73
C SER A 109 -6.60 7.92 3.60
N ARG A 110 -6.08 7.96 2.38
CA ARG A 110 -4.66 7.74 2.15
C ARG A 110 -3.84 8.88 2.73
N ASN A 111 -4.44 10.07 2.84
CA ASN A 111 -3.70 11.25 3.28
C ASN A 111 -3.28 11.12 4.75
N PHE A 112 -3.88 10.18 5.46
CA PHE A 112 -3.49 9.90 6.83
C PHE A 112 -2.28 8.97 6.86
N ILE A 113 -2.34 7.89 6.09
CA ILE A 113 -1.29 6.89 6.09
C ILE A 113 -0.02 7.42 5.40
N VAL A 114 -0.21 8.16 4.31
CA VAL A 114 0.91 8.75 3.59
C VAL A 114 1.62 9.76 4.48
N ASN A 115 0.89 10.33 5.41
CA ASN A 115 1.42 11.33 6.33
C ASN A 115 2.10 10.63 7.50
N GLU A 116 1.40 9.66 8.07
CA GLU A 116 1.86 8.95 9.26
C GLU A 116 3.24 8.35 9.06
N CYS A 117 3.43 7.64 7.96
CA CYS A 117 4.67 6.95 7.71
C CYS A 117 5.63 7.82 6.90
N HIS A 118 5.18 9.03 6.57
CA HIS A 118 5.91 9.91 5.65
C HIS A 118 6.28 9.12 4.41
N VAL A 119 5.28 8.52 3.77
CA VAL A 119 5.50 7.66 2.62
C VAL A 119 6.22 8.42 1.51
N SER A 120 7.25 7.79 0.96
CA SER A 120 8.06 8.41 -0.05
C SER A 120 7.24 8.73 -1.30
N LYS A 121 6.30 7.86 -1.63
CA LYS A 121 5.52 7.98 -2.85
C LYS A 121 4.36 7.00 -2.86
N ASN A 122 3.50 7.14 -3.86
CA ASN A 122 2.42 6.18 -4.08
C ASN A 122 2.26 5.91 -5.56
N THR A 123 1.40 4.98 -5.90
CA THR A 123 1.14 4.63 -7.29
C THR A 123 -0.28 4.11 -7.43
N GLU A 124 -0.93 4.41 -8.54
CA GLU A 124 -2.25 3.86 -8.81
C GLU A 124 -2.29 3.21 -10.18
N ILE A 125 -3.02 2.10 -10.27
CA ILE A 125 -3.20 1.37 -11.51
C ILE A 125 -4.52 0.62 -11.48
N ARG A 126 -5.16 0.47 -12.63
CA ARG A 126 -6.46 -0.17 -12.69
C ARG A 126 -6.37 -1.53 -13.38
N ASP A 127 -5.72 -2.48 -12.71
CA ASP A 127 -5.68 -3.88 -13.13
C ASP A 127 -4.70 -4.65 -12.26
N ILE A 128 -4.69 -5.97 -12.37
CA ILE A 128 -3.79 -6.81 -11.60
C ILE A 128 -2.57 -7.21 -12.44
N ASP A 129 -2.77 -7.29 -13.74
CA ASP A 129 -1.75 -7.80 -14.65
C ASP A 129 -0.72 -6.73 -15.00
N GLU A 130 -1.14 -5.47 -14.97
CA GLU A 130 -0.25 -4.37 -15.33
C GLU A 130 0.69 -4.01 -14.18
N ILE A 131 0.60 -4.76 -13.09
CA ILE A 131 1.51 -4.57 -11.97
C ILE A 131 2.60 -5.63 -12.04
N ASP A 132 3.86 -5.21 -12.20
CA ASP A 132 4.96 -6.16 -12.28
C ASP A 132 6.30 -5.42 -12.36
N ASP A 133 7.35 -6.18 -12.64
CA ASP A 133 8.72 -5.67 -12.70
C ASP A 133 8.88 -4.63 -13.81
N GLU A 134 7.94 -4.65 -14.74
CA GLU A 134 7.96 -3.75 -15.89
C GLU A 134 7.90 -2.28 -15.44
N LEU A 135 6.95 -1.97 -14.56
CA LEU A 135 6.83 -0.62 -14.03
C LEU A 135 7.84 -0.40 -12.92
N LEU A 136 8.24 -1.51 -12.29
CA LEU A 136 9.19 -1.49 -11.19
C LEU A 136 10.48 -0.76 -11.57
N GLU A 137 10.84 -0.81 -12.86
CA GLU A 137 12.06 -0.16 -13.35
C GLU A 137 12.02 1.35 -13.14
N SER A 138 10.83 1.91 -12.92
CA SER A 138 10.70 3.34 -12.71
C SER A 138 9.80 3.65 -11.52
N LYS A 139 9.17 2.62 -10.97
CA LYS A 139 8.20 2.78 -9.89
C LYS A 139 8.88 2.81 -8.52
N PHE A 140 10.10 2.28 -8.43
CA PHE A 140 10.82 2.29 -7.16
C PHE A 140 11.49 3.66 -6.91
N MET A 3 -23.95 4.76 -2.87
CA MET A 3 -24.90 3.97 -3.70
C MET A 3 -25.42 2.75 -2.94
N THR A 4 -24.59 2.19 -2.06
CA THR A 4 -25.02 1.10 -1.20
C THR A 4 -24.82 1.48 0.27
N SER A 5 -23.73 2.17 0.57
CA SER A 5 -23.49 2.65 1.92
C SER A 5 -22.85 4.04 1.85
N SER A 6 -22.57 4.63 3.01
CA SER A 6 -22.12 6.01 3.07
C SER A 6 -20.64 6.16 2.75
N LEU A 7 -20.22 7.40 2.53
CA LEU A 7 -18.84 7.71 2.20
C LEU A 7 -18.20 8.48 3.35
N THR A 8 -17.16 7.92 3.92
CA THR A 8 -16.45 8.55 5.03
C THR A 8 -14.98 8.15 5.03
N ILE A 9 -14.13 9.04 5.52
CA ILE A 9 -12.70 8.76 5.63
C ILE A 9 -12.41 8.04 6.94
N CYS A 10 -11.41 7.18 6.93
CA CYS A 10 -11.08 6.39 8.10
C CYS A 10 -9.75 6.83 8.70
N SER A 11 -9.62 6.67 10.00
CA SER A 11 -8.43 7.11 10.71
C SER A 11 -7.47 5.94 10.92
N ILE A 12 -6.29 6.25 11.45
CA ILE A 12 -5.29 5.23 11.71
C ILE A 12 -5.32 4.82 13.17
N PRO A 13 -5.72 3.58 13.46
CA PRO A 13 -5.68 3.04 14.81
C PRO A 13 -4.25 2.82 15.27
N ASP A 14 -3.93 3.28 16.48
CA ASP A 14 -2.56 3.23 16.99
C ASP A 14 -2.04 1.79 17.04
N GLY A 15 -2.95 0.84 17.25
CA GLY A 15 -2.57 -0.56 17.28
C GLY A 15 -1.86 -1.01 16.01
N VAL A 16 -2.51 -0.82 14.87
CA VAL A 16 -1.92 -1.22 13.59
C VAL A 16 -0.95 -0.15 13.12
N LYS A 17 -1.04 1.04 13.70
CA LYS A 17 -0.12 2.12 13.42
C LYS A 17 1.29 1.73 13.83
N GLU A 18 1.42 1.18 15.03
CA GLU A 18 2.70 0.66 15.50
C GLU A 18 3.16 -0.44 14.57
N ASP A 19 2.24 -1.34 14.26
CA ASP A 19 2.48 -2.46 13.38
C ASP A 19 3.00 -2.00 12.01
N LEU A 20 2.42 -0.92 11.51
CA LEU A 20 2.79 -0.38 10.21
C LEU A 20 4.12 0.38 10.30
N LYS A 21 4.42 0.93 11.46
CA LYS A 21 5.69 1.62 11.68
C LYS A 21 6.86 0.64 11.63
N LYS A 22 6.65 -0.53 12.22
CA LYS A 22 7.71 -1.53 12.33
C LYS A 22 8.23 -1.95 10.95
N PHE A 23 7.33 -1.99 9.97
CA PHE A 23 7.68 -2.34 8.62
C PHE A 23 8.84 -1.49 8.08
N ARG A 24 8.79 -0.19 8.33
CA ARG A 24 9.77 0.71 7.77
C ARG A 24 10.92 0.99 8.73
N PHE A 25 10.85 0.48 9.95
CA PHE A 25 11.87 0.77 10.94
C PHE A 25 12.63 -0.48 11.38
N SER A 26 12.04 -1.66 11.24
CA SER A 26 12.69 -2.88 11.69
C SER A 26 12.51 -4.03 10.69
N LYS A 27 13.23 -3.97 9.58
CA LYS A 27 13.31 -5.08 8.63
C LYS A 27 14.72 -5.14 8.02
N SER A 28 14.95 -6.11 7.15
CA SER A 28 16.27 -6.28 6.53
C SER A 28 16.32 -5.65 5.15
N THR A 29 17.48 -5.69 4.52
CA THR A 29 17.68 -5.09 3.22
C THR A 29 17.20 -6.03 2.10
N THR A 30 15.90 -6.05 1.90
CA THR A 30 15.28 -6.78 0.82
C THR A 30 14.01 -6.02 0.42
N MET A 31 13.21 -6.57 -0.49
CA MET A 31 11.96 -5.94 -0.86
C MET A 31 10.81 -6.58 -0.11
N ASN A 32 10.11 -5.76 0.65
CA ASN A 32 9.05 -6.24 1.53
C ASN A 32 7.79 -5.44 1.25
N ALA A 33 6.66 -5.88 1.76
CA ALA A 33 5.40 -5.19 1.52
C ALA A 33 4.42 -5.42 2.66
N LEU A 34 3.64 -4.40 2.94
CA LEU A 34 2.57 -4.50 3.91
C LEU A 34 1.31 -3.92 3.31
N ILE A 35 0.34 -4.79 3.06
CA ILE A 35 -0.91 -4.37 2.44
C ILE A 35 -1.82 -3.73 3.48
N LEU A 36 -2.47 -2.65 3.09
CA LEU A 36 -3.28 -1.87 4.01
C LEU A 36 -4.74 -1.87 3.58
N LYS A 37 -5.63 -1.80 4.56
CA LYS A 37 -7.05 -1.92 4.33
C LYS A 37 -7.82 -0.80 5.04
N ILE A 38 -8.65 -0.09 4.30
CA ILE A 38 -9.53 0.90 4.89
C ILE A 38 -10.91 0.29 5.09
N ASP A 39 -11.26 0.05 6.34
CA ASP A 39 -12.55 -0.54 6.66
C ASP A 39 -13.46 0.53 7.25
N ARG A 40 -14.47 0.94 6.48
CA ARG A 40 -15.35 2.04 6.89
C ARG A 40 -16.29 1.60 8.01
N GLU A 41 -16.54 0.30 8.09
CA GLU A 41 -17.39 -0.24 9.14
C GLU A 41 -16.73 -0.01 10.50
N SER A 42 -15.43 -0.26 10.54
CA SER A 42 -14.65 -0.03 11.74
C SER A 42 -14.12 1.40 11.77
N HIS A 43 -14.15 2.07 10.61
CA HIS A 43 -13.73 3.47 10.47
C HIS A 43 -12.22 3.61 10.73
N GLU A 44 -11.51 2.52 10.51
CA GLU A 44 -10.08 2.51 10.75
C GLU A 44 -9.34 1.83 9.61
N LEU A 45 -8.11 2.27 9.39
CA LEU A 45 -7.25 1.70 8.36
C LEU A 45 -6.33 0.67 9.02
N GLN A 46 -6.50 -0.59 8.66
CA GLN A 46 -5.81 -1.68 9.33
C GLN A 46 -4.72 -2.25 8.43
N SER A 47 -3.77 -2.94 9.04
CA SER A 47 -2.72 -3.62 8.29
C SER A 47 -3.16 -5.04 7.93
N GLU A 48 -3.39 -5.27 6.65
CA GLU A 48 -3.82 -6.58 6.15
C GLU A 48 -2.79 -7.66 6.50
N GLN A 49 -1.62 -7.56 5.90
CA GLN A 49 -0.58 -8.56 6.07
C GLN A 49 0.76 -8.02 5.59
N LEU A 50 1.83 -8.57 6.15
CA LEU A 50 3.18 -8.17 5.80
C LEU A 50 3.94 -9.38 5.29
N LEU A 51 4.63 -9.22 4.17
CA LEU A 51 5.48 -10.28 3.65
C LEU A 51 6.84 -9.70 3.29
N ASN A 52 7.88 -10.49 3.49
CA ASN A 52 9.24 -10.03 3.28
C ASN A 52 10.01 -11.03 2.44
N ASP A 53 11.10 -10.56 1.81
CA ASP A 53 11.99 -11.44 1.04
C ASP A 53 11.31 -11.91 -0.25
N CYS A 54 10.13 -11.41 -0.50
CA CYS A 54 9.38 -11.74 -1.70
C CYS A 54 9.62 -10.68 -2.77
N SER A 55 9.18 -10.96 -3.99
CA SER A 55 9.38 -10.04 -5.09
C SER A 55 8.10 -9.27 -5.39
N ILE A 56 8.22 -8.21 -6.19
CA ILE A 56 7.06 -7.39 -6.55
C ILE A 56 6.00 -8.22 -7.26
N GLU A 57 6.44 -9.27 -7.96
CA GLU A 57 5.54 -10.21 -8.61
C GLU A 57 4.60 -10.85 -7.59
N GLU A 58 5.14 -11.22 -6.44
CA GLU A 58 4.33 -11.82 -5.39
C GLU A 58 3.43 -10.79 -4.73
N PHE A 59 3.92 -9.57 -4.54
CA PHE A 59 3.16 -8.53 -3.85
C PHE A 59 1.83 -8.27 -4.54
N LYS A 60 1.82 -8.39 -5.87
CA LYS A 60 0.59 -8.18 -6.63
C LYS A 60 -0.22 -9.46 -6.77
N GLU A 61 0.45 -10.60 -6.70
CA GLU A 61 -0.17 -11.89 -6.98
C GLU A 61 -0.66 -12.57 -5.70
N GLU A 62 -0.16 -12.11 -4.56
CA GLU A 62 -0.52 -12.71 -3.28
C GLU A 62 -1.96 -12.42 -2.91
N LEU A 63 -2.47 -11.26 -3.29
CA LEU A 63 -3.79 -10.86 -2.87
C LEU A 63 -4.67 -10.48 -4.05
N PRO A 64 -5.56 -11.39 -4.46
CA PRO A 64 -6.64 -11.07 -5.40
C PRO A 64 -7.68 -10.22 -4.68
N SER A 65 -7.29 -8.98 -4.38
CA SER A 65 -8.06 -8.09 -3.53
C SER A 65 -9.51 -7.91 -3.97
N GLN A 66 -9.75 -8.01 -5.29
CA GLN A 66 -11.09 -7.80 -5.89
C GLN A 66 -11.78 -6.56 -5.30
N GLN A 67 -10.95 -5.62 -4.87
CA GLN A 67 -11.38 -4.38 -4.24
C GLN A 67 -10.28 -3.34 -4.45
N PRO A 68 -10.55 -2.05 -4.21
CA PRO A 68 -9.53 -1.01 -4.25
C PRO A 68 -8.64 -1.06 -3.01
N ARG A 69 -7.83 -2.12 -2.90
CA ARG A 69 -6.98 -2.29 -1.74
C ARG A 69 -5.57 -1.89 -2.09
N PHE A 70 -4.82 -1.43 -1.10
CA PHE A 70 -3.51 -0.86 -1.38
C PHE A 70 -2.40 -1.55 -0.62
N ILE A 71 -1.26 -1.67 -1.28
CA ILE A 71 -0.12 -2.37 -0.74
C ILE A 71 1.08 -1.44 -0.64
N LEU A 72 1.68 -1.39 0.54
CA LEU A 72 2.86 -0.55 0.74
C LEU A 72 4.11 -1.41 0.59
N LEU A 73 4.86 -1.13 -0.47
CA LEU A 73 6.08 -1.86 -0.77
C LEU A 73 7.29 -1.03 -0.34
N SER A 74 8.30 -1.70 0.19
CA SER A 74 9.53 -1.04 0.55
C SER A 74 10.68 -1.70 -0.19
N TRP A 75 11.33 -0.96 -1.07
CA TRP A 75 12.42 -1.49 -1.87
C TRP A 75 13.73 -0.85 -1.46
N CYS A 76 14.75 -1.68 -1.27
CA CYS A 76 16.08 -1.19 -0.98
C CYS A 76 16.70 -0.54 -2.22
N LYS A 77 16.52 0.77 -2.34
CA LYS A 77 17.01 1.51 -3.50
C LYS A 77 17.99 2.59 -3.05
N LYS A 78 19.25 2.41 -3.42
CA LYS A 78 20.30 3.33 -3.03
C LYS A 78 20.29 4.57 -3.90
N HIS A 79 20.40 5.72 -3.25
CA HIS A 79 20.62 6.96 -3.95
C HIS A 79 22.08 6.97 -4.37
N SER A 80 22.34 7.25 -5.64
CA SER A 80 23.70 7.10 -6.22
C SER A 80 24.75 7.92 -5.50
N ASP A 81 24.30 8.79 -4.61
CA ASP A 81 25.20 9.64 -3.83
C ASP A 81 25.59 8.96 -2.51
N GLU A 82 25.80 7.64 -2.59
CA GLU A 82 26.50 6.87 -1.57
C GLU A 82 25.64 6.45 -0.38
N ARG A 83 24.33 6.57 -0.45
CA ARG A 83 23.52 6.10 0.64
C ARG A 83 22.30 5.34 0.16
N ILE A 84 22.16 4.12 0.66
CA ILE A 84 21.02 3.28 0.32
C ILE A 84 19.83 3.69 1.16
N SER A 85 18.69 3.76 0.51
CA SER A 85 17.46 4.15 1.19
C SER A 85 16.37 3.14 0.89
N TYR A 86 15.27 3.24 1.61
CA TYR A 86 14.13 2.36 1.37
C TYR A 86 12.93 3.19 0.93
N PRO A 87 12.81 3.49 -0.37
CA PRO A 87 11.62 4.14 -0.91
C PRO A 87 10.39 3.29 -0.68
N MET A 88 9.53 3.77 0.20
CA MET A 88 8.31 3.06 0.52
C MET A 88 7.17 3.70 -0.24
N LEU A 89 6.34 2.88 -0.84
CA LEU A 89 5.21 3.39 -1.60
C LEU A 89 4.00 2.50 -1.42
N LEU A 90 2.83 3.11 -1.40
CA LEU A 90 1.60 2.37 -1.30
C LEU A 90 0.81 2.52 -2.58
N ILE A 91 0.73 1.44 -3.33
CA ILE A 91 0.03 1.47 -4.59
C ILE A 91 -1.39 0.94 -4.40
N TYR A 92 -2.35 1.84 -4.53
CA TYR A 92 -3.75 1.46 -4.41
C TYR A 92 -4.34 1.20 -5.78
N TYR A 93 -4.61 -0.06 -6.05
CA TYR A 93 -5.16 -0.47 -7.33
C TYR A 93 -6.63 -0.78 -7.20
N CYS A 94 -7.42 -0.32 -8.15
CA CYS A 94 -8.84 -0.57 -8.16
C CYS A 94 -9.23 -1.38 -9.39
N PRO A 95 -9.11 -2.71 -9.31
CA PRO A 95 -9.38 -3.61 -10.41
C PRO A 95 -10.80 -4.18 -10.35
N ASN A 96 -10.97 -5.37 -10.92
CA ASN A 96 -12.25 -6.07 -10.93
C ASN A 96 -12.81 -6.18 -9.52
N GLY A 97 -13.98 -5.60 -9.29
CA GLY A 97 -14.63 -5.70 -8.00
C GLY A 97 -14.72 -4.37 -7.28
N SER A 98 -14.06 -3.36 -7.81
CA SER A 98 -14.07 -2.03 -7.21
C SER A 98 -15.34 -1.27 -7.56
N SER A 99 -16.11 -0.92 -6.55
CA SER A 99 -17.30 -0.09 -6.74
C SER A 99 -16.94 1.39 -6.66
N PRO A 100 -17.78 2.28 -7.23
CA PRO A 100 -17.53 3.73 -7.23
C PRO A 100 -17.23 4.29 -5.84
N GLU A 101 -18.15 4.04 -4.90
CA GLU A 101 -17.98 4.53 -3.53
C GLU A 101 -16.80 3.85 -2.85
N LEU A 102 -16.48 2.63 -3.28
CA LEU A 102 -15.34 1.90 -2.74
C LEU A 102 -14.04 2.63 -3.07
N GLN A 103 -13.94 3.12 -4.31
CA GLN A 103 -12.77 3.88 -4.72
C GLN A 103 -12.63 5.14 -3.89
N MET A 104 -13.74 5.86 -3.76
CA MET A 104 -13.75 7.09 -2.97
C MET A 104 -13.44 6.79 -1.51
N LEU A 105 -13.87 5.63 -1.07
CA LEU A 105 -13.62 5.14 0.28
C LEU A 105 -12.11 4.98 0.53
N TYR A 106 -11.45 4.25 -0.35
CA TYR A 106 -10.03 3.95 -0.16
C TYR A 106 -9.14 5.11 -0.64
N ALA A 107 -9.44 5.67 -1.80
CA ALA A 107 -8.66 6.77 -2.35
C ALA A 107 -8.86 8.04 -1.55
N GLY A 108 -9.92 8.07 -0.75
CA GLY A 108 -10.18 9.21 0.10
C GLY A 108 -9.33 9.20 1.36
N SER A 109 -8.99 8.02 1.85
CA SER A 109 -8.24 7.89 3.09
C SER A 109 -6.78 7.52 2.85
N ARG A 110 -6.40 7.39 1.58
CA ARG A 110 -5.03 6.98 1.23
C ARG A 110 -4.01 8.09 1.56
N ASN A 111 -4.46 9.33 1.60
CA ASN A 111 -3.54 10.44 1.86
C ASN A 111 -3.18 10.50 3.34
N PHE A 112 -4.07 9.99 4.18
CA PHE A 112 -3.88 10.05 5.62
C PHE A 112 -2.78 9.10 6.07
N ILE A 113 -2.72 7.92 5.46
CA ILE A 113 -1.69 6.96 5.81
C ILE A 113 -0.33 7.45 5.31
N VAL A 114 -0.32 8.11 4.16
CA VAL A 114 0.91 8.69 3.61
C VAL A 114 1.48 9.71 4.58
N ASN A 115 0.59 10.35 5.32
CA ASN A 115 0.98 11.40 6.25
C ASN A 115 1.42 10.82 7.59
N GLU A 116 0.74 9.78 8.02
CA GLU A 116 1.04 9.13 9.30
C GLU A 116 2.48 8.67 9.36
N CYS A 117 2.84 7.83 8.40
CA CYS A 117 4.17 7.24 8.39
C CYS A 117 5.17 8.16 7.71
N HIS A 118 4.65 9.16 7.01
CA HIS A 118 5.45 9.94 6.07
C HIS A 118 6.01 9.01 5.00
N VAL A 119 5.10 8.44 4.24
CA VAL A 119 5.46 7.52 3.16
C VAL A 119 6.28 8.25 2.09
N SER A 120 7.22 7.54 1.48
CA SER A 120 8.10 8.13 0.49
C SER A 120 7.34 8.45 -0.79
N LYS A 121 6.48 7.53 -1.20
CA LYS A 121 5.71 7.69 -2.43
C LYS A 121 4.44 6.85 -2.37
N ASN A 122 3.55 7.07 -3.33
CA ASN A 122 2.36 6.24 -3.48
C ASN A 122 1.91 6.27 -4.93
N THR A 123 1.19 5.24 -5.34
CA THR A 123 0.83 5.08 -6.75
C THR A 123 -0.54 4.43 -6.90
N GLU A 124 -1.26 4.74 -7.97
CA GLU A 124 -2.52 4.08 -8.24
C GLU A 124 -2.55 3.52 -9.66
N ILE A 125 -3.25 2.40 -9.81
CA ILE A 125 -3.46 1.78 -11.11
C ILE A 125 -4.80 1.07 -11.11
N ARG A 126 -5.21 0.56 -12.27
CA ARG A 126 -6.50 -0.08 -12.38
C ARG A 126 -6.39 -1.37 -13.19
N ASP A 127 -5.69 -2.34 -12.61
CA ASP A 127 -5.56 -3.69 -13.18
C ASP A 127 -4.55 -4.49 -12.35
N ILE A 128 -4.56 -5.80 -12.51
CA ILE A 128 -3.61 -6.68 -11.82
C ILE A 128 -2.47 -7.12 -12.75
N ASP A 129 -2.82 -7.34 -14.02
CA ASP A 129 -1.93 -8.00 -14.97
C ASP A 129 -0.74 -7.11 -15.34
N GLU A 130 -0.93 -5.81 -15.26
CA GLU A 130 0.12 -4.87 -15.63
C GLU A 130 0.93 -4.41 -14.41
N ILE A 131 0.81 -5.15 -13.31
CA ILE A 131 1.62 -4.90 -12.13
C ILE A 131 2.72 -5.95 -12.02
N ASP A 132 3.97 -5.52 -12.07
CA ASP A 132 5.11 -6.43 -11.91
C ASP A 132 6.41 -5.63 -11.92
N ASP A 133 7.51 -6.29 -12.25
CA ASP A 133 8.84 -5.67 -12.25
C ASP A 133 8.94 -4.60 -13.35
N GLU A 134 7.97 -4.60 -14.25
CA GLU A 134 7.96 -3.70 -15.41
C GLU A 134 8.02 -2.24 -14.96
N LEU A 135 7.21 -1.88 -13.97
CA LEU A 135 7.23 -0.52 -13.44
C LEU A 135 8.42 -0.36 -12.53
N LEU A 136 8.70 -1.40 -11.76
CA LEU A 136 9.74 -1.36 -10.76
C LEU A 136 11.11 -0.99 -11.36
N GLU A 137 11.36 -1.41 -12.59
CA GLU A 137 12.63 -1.09 -13.27
C GLU A 137 12.78 0.41 -13.53
N SER A 138 11.69 1.16 -13.37
CA SER A 138 11.72 2.59 -13.60
C SER A 138 11.19 3.35 -12.38
N LYS A 139 10.34 2.70 -11.61
CA LYS A 139 9.70 3.30 -10.45
C LYS A 139 10.66 3.40 -9.27
N PHE A 140 11.08 2.24 -8.75
CA PHE A 140 11.89 2.17 -7.54
C PHE A 140 11.33 3.07 -6.44
N MET A 3 -24.37 4.43 -2.54
CA MET A 3 -24.66 2.98 -2.61
C MET A 3 -24.14 2.31 -1.34
N THR A 4 -24.00 0.98 -1.41
CA THR A 4 -23.39 0.13 -0.38
C THR A 4 -23.41 0.71 1.04
N SER A 5 -22.46 1.57 1.36
CA SER A 5 -22.22 1.97 2.73
C SER A 5 -22.02 3.48 2.88
N SER A 6 -21.91 3.92 4.12
CA SER A 6 -21.63 5.32 4.41
C SER A 6 -20.19 5.66 4.02
N LEU A 7 -20.02 6.78 3.32
CA LEU A 7 -18.70 7.19 2.89
C LEU A 7 -18.16 8.31 3.78
N THR A 8 -16.98 8.08 4.33
CA THR A 8 -16.31 9.07 5.16
C THR A 8 -14.85 8.67 5.33
N ILE A 9 -14.04 9.53 5.90
CA ILE A 9 -12.62 9.25 6.05
C ILE A 9 -12.36 8.48 7.34
N CYS A 10 -11.41 7.56 7.28
CA CYS A 10 -11.11 6.71 8.42
C CYS A 10 -9.70 6.97 8.95
N SER A 11 -9.50 6.69 10.23
CA SER A 11 -8.20 6.91 10.86
C SER A 11 -7.43 5.60 10.98
N ILE A 12 -6.20 5.68 11.46
CA ILE A 12 -5.37 4.50 11.60
C ILE A 12 -5.20 4.17 13.08
N PRO A 13 -5.72 3.01 13.53
CA PRO A 13 -5.60 2.57 14.91
C PRO A 13 -4.14 2.35 15.31
N ASP A 14 -3.81 2.71 16.55
CA ASP A 14 -2.43 2.67 17.04
C ASP A 14 -1.81 1.27 16.88
N GLY A 15 -2.62 0.24 17.09
CA GLY A 15 -2.14 -1.13 16.99
C GLY A 15 -1.54 -1.45 15.63
N VAL A 16 -2.27 -1.14 14.56
CA VAL A 16 -1.75 -1.39 13.22
C VAL A 16 -0.80 -0.27 12.80
N LYS A 17 -0.96 0.88 13.45
CA LYS A 17 -0.13 2.05 13.16
C LYS A 17 1.34 1.77 13.46
N GLU A 18 1.62 1.16 14.62
CA GLU A 18 3.01 0.84 14.97
C GLU A 18 3.57 -0.19 14.02
N ASP A 19 2.77 -1.19 13.70
CA ASP A 19 3.21 -2.26 12.81
C ASP A 19 3.57 -1.71 11.43
N LEU A 20 2.89 -0.62 11.07
CA LEU A 20 3.14 0.04 9.80
C LEU A 20 4.29 1.05 9.93
N LYS A 21 4.54 1.51 11.15
CA LYS A 21 5.66 2.41 11.42
C LYS A 21 6.96 1.62 11.46
N LYS A 22 6.95 0.53 12.23
CA LYS A 22 8.14 -0.30 12.40
C LYS A 22 8.59 -0.91 11.10
N PHE A 23 7.66 -1.09 10.17
CA PHE A 23 7.94 -1.60 8.84
C PHE A 23 9.04 -0.77 8.17
N ARG A 24 9.02 0.54 8.35
CA ARG A 24 9.99 1.40 7.71
C ARG A 24 11.19 1.65 8.63
N PHE A 25 10.96 1.59 9.93
CA PHE A 25 11.98 1.89 10.90
C PHE A 25 12.93 0.71 11.11
N SER A 26 12.42 -0.51 10.97
CA SER A 26 13.22 -1.70 11.19
C SER A 26 12.71 -2.88 10.36
N LYS A 27 13.30 -3.05 9.19
CA LYS A 27 12.97 -4.19 8.34
C LYS A 27 14.25 -4.93 7.95
N SER A 28 14.11 -5.90 7.04
CA SER A 28 15.24 -6.64 6.52
C SER A 28 15.85 -5.90 5.32
N THR A 29 16.94 -6.42 4.77
CA THR A 29 17.61 -5.79 3.65
C THR A 29 16.98 -6.22 2.32
N THR A 30 15.88 -6.95 2.39
CA THR A 30 15.19 -7.42 1.20
C THR A 30 13.94 -6.57 0.96
N MET A 31 13.09 -7.01 0.04
CA MET A 31 11.85 -6.31 -0.24
C MET A 31 10.69 -6.98 0.46
N ASN A 32 9.83 -6.17 1.04
CA ASN A 32 8.69 -6.64 1.80
C ASN A 32 7.56 -5.65 1.65
N ALA A 33 6.35 -6.04 2.02
CA ALA A 33 5.20 -5.22 1.76
C ALA A 33 4.10 -5.49 2.79
N LEU A 34 3.30 -4.46 3.03
CA LEU A 34 2.16 -4.58 3.91
C LEU A 34 0.92 -4.18 3.12
N ILE A 35 -0.06 -5.05 3.07
CA ILE A 35 -1.31 -4.75 2.41
C ILE A 35 -2.34 -4.34 3.45
N LEU A 36 -2.86 -3.14 3.33
CA LEU A 36 -3.75 -2.58 4.33
C LEU A 36 -5.08 -2.17 3.72
N LYS A 37 -6.08 -2.01 4.58
CA LYS A 37 -7.45 -1.88 4.16
C LYS A 37 -8.17 -0.76 4.90
N ILE A 38 -9.04 -0.05 4.21
CA ILE A 38 -9.91 0.94 4.83
C ILE A 38 -11.36 0.46 4.78
N ASP A 39 -11.93 0.15 5.92
CA ASP A 39 -13.33 -0.27 5.95
C ASP A 39 -14.17 0.77 6.68
N ARG A 40 -15.24 1.20 6.02
CA ARG A 40 -16.13 2.21 6.55
C ARG A 40 -16.94 1.69 7.74
N GLU A 41 -17.10 0.37 7.82
CA GLU A 41 -17.88 -0.24 8.88
C GLU A 41 -17.14 -0.07 10.21
N SER A 42 -15.86 -0.39 10.20
CA SER A 42 -15.02 -0.22 11.38
C SER A 42 -14.56 1.23 11.49
N HIS A 43 -14.54 1.93 10.35
CA HIS A 43 -14.15 3.33 10.28
C HIS A 43 -12.68 3.51 10.66
N GLU A 44 -11.90 2.48 10.35
CA GLU A 44 -10.49 2.47 10.66
C GLU A 44 -9.70 1.76 9.58
N LEU A 45 -8.45 2.16 9.40
CA LEU A 45 -7.58 1.55 8.42
C LEU A 45 -6.76 0.47 9.09
N GLN A 46 -6.97 -0.76 8.68
CA GLN A 46 -6.36 -1.91 9.32
C GLN A 46 -5.39 -2.58 8.38
N SER A 47 -4.41 -3.27 8.92
CA SER A 47 -3.47 -4.02 8.12
C SER A 47 -4.05 -5.38 7.76
N GLU A 48 -4.34 -5.60 6.48
CA GLU A 48 -4.86 -6.89 6.04
C GLU A 48 -3.80 -7.96 6.19
N GLN A 49 -2.59 -7.70 5.68
CA GLN A 49 -1.52 -8.68 5.76
C GLN A 49 -0.14 -8.02 5.58
N LEU A 50 0.90 -8.71 6.02
CA LEU A 50 2.27 -8.26 5.82
C LEU A 50 3.14 -9.43 5.41
N LEU A 51 3.79 -9.31 4.26
CA LEU A 51 4.64 -10.36 3.75
C LEU A 51 6.05 -9.83 3.51
N ASN A 52 7.03 -10.65 3.86
CA ASN A 52 8.42 -10.21 3.80
C ASN A 52 9.24 -11.15 2.91
N ASP A 53 10.26 -10.58 2.26
CA ASP A 53 11.22 -11.34 1.46
C ASP A 53 10.53 -11.94 0.23
N CYS A 54 9.43 -11.32 -0.18
CA CYS A 54 8.67 -11.78 -1.32
C CYS A 54 9.05 -10.98 -2.57
N SER A 55 8.34 -11.21 -3.66
CA SER A 55 8.65 -10.53 -4.91
C SER A 55 7.51 -9.59 -5.31
N ILE A 56 7.81 -8.55 -6.10
CA ILE A 56 6.80 -7.56 -6.48
C ILE A 56 5.65 -8.20 -7.25
N GLU A 57 5.99 -9.16 -8.12
CA GLU A 57 4.99 -9.89 -8.87
C GLU A 57 4.09 -10.70 -7.93
N GLU A 58 4.68 -11.13 -6.82
CA GLU A 58 3.97 -11.92 -5.84
C GLU A 58 3.07 -11.03 -4.97
N PHE A 59 3.55 -9.83 -4.62
CA PHE A 59 2.79 -8.92 -3.78
C PHE A 59 1.42 -8.60 -4.39
N LYS A 60 1.42 -8.33 -5.69
CA LYS A 60 0.21 -7.93 -6.38
C LYS A 60 -0.72 -9.11 -6.65
N GLU A 61 -0.14 -10.28 -6.87
CA GLU A 61 -0.91 -11.45 -7.24
C GLU A 61 -1.25 -12.31 -6.03
N GLU A 62 -0.88 -11.83 -4.86
CA GLU A 62 -1.13 -12.57 -3.62
C GLU A 62 -2.64 -12.72 -3.40
N LEU A 63 -3.37 -11.64 -3.58
CA LEU A 63 -4.80 -11.66 -3.34
C LEU A 63 -5.59 -11.12 -4.51
N PRO A 64 -6.76 -11.71 -4.79
CA PRO A 64 -7.72 -11.15 -5.72
C PRO A 64 -8.40 -9.95 -5.09
N SER A 65 -7.79 -8.79 -5.26
CA SER A 65 -8.26 -7.58 -4.63
C SER A 65 -9.71 -7.33 -4.95
N GLN A 66 -10.01 -7.11 -6.24
CA GLN A 66 -11.37 -6.77 -6.72
C GLN A 66 -11.76 -5.37 -6.23
N GLN A 67 -11.53 -5.14 -4.95
CA GLN A 67 -11.80 -3.86 -4.30
C GLN A 67 -10.56 -2.98 -4.44
N PRO A 68 -10.66 -1.69 -4.13
CA PRO A 68 -9.51 -0.78 -4.14
C PRO A 68 -8.64 -0.95 -2.90
N ARG A 69 -7.88 -2.03 -2.86
CA ARG A 69 -7.00 -2.29 -1.73
C ARG A 69 -5.57 -1.92 -2.10
N PHE A 70 -4.77 -1.56 -1.10
CA PHE A 70 -3.46 -1.01 -1.37
C PHE A 70 -2.35 -1.77 -0.65
N ILE A 71 -1.23 -1.86 -1.33
CA ILE A 71 -0.07 -2.57 -0.82
C ILE A 71 1.11 -1.59 -0.69
N LEU A 72 1.65 -1.50 0.51
CA LEU A 72 2.80 -0.65 0.77
C LEU A 72 4.07 -1.50 0.71
N LEU A 73 4.86 -1.28 -0.32
CA LEU A 73 6.07 -2.07 -0.55
C LEU A 73 7.31 -1.26 -0.19
N SER A 74 8.31 -1.94 0.33
CA SER A 74 9.59 -1.32 0.59
C SER A 74 10.68 -2.03 -0.20
N TRP A 75 11.28 -1.32 -1.13
CA TRP A 75 12.34 -1.89 -1.95
C TRP A 75 13.64 -1.13 -1.72
N CYS A 76 14.66 -1.86 -1.34
CA CYS A 76 15.96 -1.27 -1.03
C CYS A 76 16.61 -0.71 -2.29
N LYS A 77 16.72 0.61 -2.33
CA LYS A 77 17.24 1.32 -3.48
C LYS A 77 18.50 2.08 -3.10
N LYS A 78 19.61 1.78 -3.74
CA LYS A 78 20.86 2.45 -3.43
C LYS A 78 21.17 3.49 -4.50
N HIS A 79 21.00 4.75 -4.13
CA HIS A 79 21.26 5.85 -5.04
C HIS A 79 22.77 6.04 -5.18
N SER A 80 23.19 6.87 -6.13
CA SER A 80 24.61 7.09 -6.41
C SER A 80 25.35 7.72 -5.22
N ASP A 81 24.62 7.98 -4.14
CA ASP A 81 25.20 8.48 -2.90
C ASP A 81 25.89 7.34 -2.15
N GLU A 82 25.77 6.12 -2.72
CA GLU A 82 26.43 4.92 -2.20
C GLU A 82 25.85 4.49 -0.87
N ARG A 83 24.69 5.00 -0.54
CA ARG A 83 23.98 4.58 0.64
C ARG A 83 22.68 3.91 0.22
N ILE A 84 22.41 2.76 0.78
CA ILE A 84 21.21 2.03 0.42
C ILE A 84 20.02 2.62 1.16
N SER A 85 19.09 3.15 0.39
CA SER A 85 17.94 3.82 0.95
C SER A 85 16.73 2.89 0.91
N TYR A 86 15.82 3.09 1.85
CA TYR A 86 14.59 2.32 1.87
C TYR A 86 13.39 3.22 1.64
N PRO A 87 12.99 3.39 0.37
CA PRO A 87 11.80 4.13 0.02
C PRO A 87 10.55 3.24 0.04
N MET A 88 9.59 3.62 0.86
CA MET A 88 8.34 2.89 0.92
C MET A 88 7.27 3.63 0.13
N LEU A 89 6.51 2.90 -0.66
CA LEU A 89 5.41 3.45 -1.42
C LEU A 89 4.24 2.50 -1.40
N LEU A 90 3.03 3.03 -1.50
CA LEU A 90 1.85 2.20 -1.47
C LEU A 90 1.07 2.36 -2.77
N ILE A 91 0.70 1.25 -3.36
CA ILE A 91 -0.05 1.27 -4.59
C ILE A 91 -1.40 0.63 -4.39
N TYR A 92 -2.46 1.40 -4.60
CA TYR A 92 -3.80 0.89 -4.50
C TYR A 92 -4.35 0.59 -5.88
N TYR A 93 -4.68 -0.67 -6.10
CA TYR A 93 -5.19 -1.09 -7.38
C TYR A 93 -6.71 -1.20 -7.36
N CYS A 94 -7.35 -0.36 -8.15
CA CYS A 94 -8.79 -0.39 -8.29
C CYS A 94 -9.14 -0.92 -9.68
N PRO A 95 -9.35 -2.23 -9.79
CA PRO A 95 -9.50 -2.92 -11.05
C PRO A 95 -10.92 -2.91 -11.59
N ASN A 96 -11.69 -3.90 -11.18
CA ASN A 96 -13.03 -4.08 -11.66
C ASN A 96 -13.80 -4.91 -10.64
N GLY A 97 -14.92 -4.37 -10.22
CA GLY A 97 -15.68 -4.99 -9.15
C GLY A 97 -15.70 -4.11 -7.93
N SER A 98 -14.77 -3.17 -7.89
CA SER A 98 -14.71 -2.19 -6.83
C SER A 98 -15.91 -1.23 -6.92
N SER A 99 -16.58 -1.03 -5.80
CA SER A 99 -17.67 -0.06 -5.75
C SER A 99 -17.10 1.36 -5.92
N PRO A 100 -17.78 2.18 -6.73
CA PRO A 100 -17.32 3.55 -7.05
C PRO A 100 -17.06 4.38 -5.80
N GLU A 101 -17.96 4.28 -4.83
CA GLU A 101 -17.82 5.03 -3.59
C GLU A 101 -16.65 4.51 -2.74
N LEU A 102 -16.38 3.21 -2.84
CA LEU A 102 -15.25 2.63 -2.11
C LEU A 102 -13.96 3.18 -2.67
N GLN A 103 -13.93 3.40 -3.98
CA GLN A 103 -12.76 3.97 -4.64
C GLN A 103 -12.48 5.37 -4.09
N MET A 104 -13.53 6.08 -3.73
CA MET A 104 -13.39 7.38 -3.08
C MET A 104 -13.01 7.21 -1.62
N LEU A 105 -13.60 6.20 -0.99
CA LEU A 105 -13.31 5.87 0.40
C LEU A 105 -11.83 5.55 0.61
N TYR A 106 -11.33 4.60 -0.16
CA TYR A 106 -9.95 4.15 -0.04
C TYR A 106 -8.98 5.24 -0.47
N ALA A 107 -9.20 5.83 -1.65
CA ALA A 107 -8.31 6.88 -2.15
C ALA A 107 -8.36 8.11 -1.25
N GLY A 108 -9.46 8.28 -0.54
CA GLY A 108 -9.60 9.39 0.37
C GLY A 108 -8.81 9.19 1.65
N SER A 109 -9.03 8.05 2.29
CA SER A 109 -8.40 7.78 3.57
C SER A 109 -6.94 7.35 3.42
N ARG A 110 -6.54 6.98 2.20
CA ARG A 110 -5.15 6.59 1.95
C ARG A 110 -4.24 7.80 1.99
N ASN A 111 -4.82 8.99 1.84
CA ASN A 111 -4.03 10.22 1.89
C ASN A 111 -3.55 10.46 3.32
N PHE A 112 -4.32 9.98 4.28
CA PHE A 112 -4.00 10.15 5.69
C PHE A 112 -2.83 9.25 6.10
N ILE A 113 -2.85 8.00 5.64
CA ILE A 113 -1.80 7.05 6.01
C ILE A 113 -0.45 7.46 5.42
N VAL A 114 -0.49 8.07 4.24
CA VAL A 114 0.72 8.59 3.61
C VAL A 114 1.38 9.64 4.50
N ASN A 115 0.54 10.34 5.27
CA ASN A 115 1.03 11.40 6.14
C ASN A 115 1.47 10.82 7.47
N GLU A 116 0.76 9.78 7.91
CA GLU A 116 1.05 9.09 9.17
C GLU A 116 2.44 8.45 9.12
N CYS A 117 2.69 7.67 8.09
CA CYS A 117 3.95 6.96 7.97
C CYS A 117 5.00 7.81 7.25
N HIS A 118 4.55 8.93 6.68
CA HIS A 118 5.39 9.76 5.83
C HIS A 118 5.87 8.94 4.65
N VAL A 119 4.91 8.28 4.00
CA VAL A 119 5.19 7.43 2.85
C VAL A 119 5.79 8.24 1.73
N SER A 120 6.86 7.72 1.12
CA SER A 120 7.59 8.45 0.09
C SER A 120 6.67 8.82 -1.07
N LYS A 121 5.82 7.88 -1.47
CA LYS A 121 4.91 8.10 -2.58
C LYS A 121 3.80 7.06 -2.58
N ASN A 122 2.73 7.35 -3.32
CA ASN A 122 1.67 6.39 -3.56
C ASN A 122 1.40 6.30 -5.04
N THR A 123 0.75 5.23 -5.45
CA THR A 123 0.47 4.98 -6.86
C THR A 123 -0.82 4.19 -7.00
N GLU A 124 -1.53 4.37 -8.09
CA GLU A 124 -2.73 3.60 -8.36
C GLU A 124 -2.72 3.04 -9.77
N ILE A 125 -3.20 1.80 -9.90
CA ILE A 125 -3.29 1.14 -11.19
C ILE A 125 -4.64 0.44 -11.28
N ARG A 126 -5.29 0.49 -12.44
CA ARG A 126 -6.58 -0.14 -12.59
C ARG A 126 -6.42 -1.54 -13.19
N ASP A 127 -5.81 -2.43 -12.42
CA ASP A 127 -5.69 -3.84 -12.77
C ASP A 127 -4.75 -4.53 -11.79
N ILE A 128 -4.83 -5.85 -11.74
CA ILE A 128 -3.99 -6.64 -10.84
C ILE A 128 -2.81 -7.25 -11.59
N ASP A 129 -3.01 -7.56 -12.85
CA ASP A 129 -2.05 -8.38 -13.60
C ASP A 129 -0.88 -7.56 -14.14
N GLU A 130 -1.15 -6.34 -14.56
CA GLU A 130 -0.14 -5.52 -15.21
C GLU A 130 0.75 -4.78 -14.22
N ILE A 131 0.88 -5.32 -13.02
CA ILE A 131 1.76 -4.76 -12.03
C ILE A 131 2.93 -5.69 -11.77
N ASP A 132 4.14 -5.24 -12.06
CA ASP A 132 5.34 -6.05 -11.83
C ASP A 132 6.62 -5.24 -12.04
N ASP A 133 7.71 -5.98 -12.20
CA ASP A 133 9.06 -5.40 -12.28
C ASP A 133 9.22 -4.42 -13.44
N GLU A 134 8.40 -4.57 -14.48
CA GLU A 134 8.53 -3.74 -15.68
C GLU A 134 8.43 -2.26 -15.34
N LEU A 135 7.48 -1.92 -14.48
CA LEU A 135 7.31 -0.55 -14.04
C LEU A 135 8.21 -0.27 -12.85
N LEU A 136 8.49 -1.33 -12.09
CA LEU A 136 9.34 -1.25 -10.92
C LEU A 136 10.73 -0.68 -11.24
N GLU A 137 11.16 -0.82 -12.49
CA GLU A 137 12.49 -0.34 -12.89
C GLU A 137 12.64 1.18 -12.69
N SER A 138 11.53 1.91 -12.77
CA SER A 138 11.59 3.36 -12.63
C SER A 138 10.41 3.88 -11.81
N LYS A 139 9.78 3.00 -11.04
CA LYS A 139 8.63 3.38 -10.25
C LYS A 139 9.04 3.87 -8.87
N PHE A 140 10.21 3.47 -8.42
CA PHE A 140 10.68 3.78 -7.09
C PHE A 140 11.65 4.97 -7.09
N MET A 3 -26.98 1.73 -4.69
CA MET A 3 -25.90 0.96 -4.04
C MET A 3 -25.44 1.66 -2.78
N THR A 4 -24.44 1.09 -2.11
CA THR A 4 -23.93 1.66 -0.87
C THR A 4 -23.00 2.83 -1.16
N SER A 5 -23.54 4.04 -1.10
CA SER A 5 -22.75 5.23 -1.31
C SER A 5 -22.30 5.83 0.01
N SER A 6 -21.04 5.67 0.35
CA SER A 6 -20.51 6.22 1.59
C SER A 6 -18.99 6.33 1.55
N LEU A 7 -18.50 7.56 1.46
CA LEU A 7 -17.08 7.84 1.56
C LEU A 7 -16.78 8.30 2.99
N THR A 8 -15.97 7.54 3.69
CA THR A 8 -15.66 7.83 5.07
C THR A 8 -14.17 7.67 5.34
N ILE A 9 -13.54 8.70 5.88
CA ILE A 9 -12.13 8.62 6.20
C ILE A 9 -11.96 7.97 7.57
N CYS A 10 -10.94 7.14 7.71
CA CYS A 10 -10.81 6.29 8.87
C CYS A 10 -9.56 6.60 9.68
N SER A 11 -9.55 6.17 10.93
CA SER A 11 -8.41 6.40 11.81
C SER A 11 -7.51 5.17 11.84
N ILE A 12 -6.27 5.35 12.26
CA ILE A 12 -5.34 4.23 12.34
C ILE A 12 -5.11 3.85 13.79
N PRO A 13 -5.57 2.64 14.20
CA PRO A 13 -5.34 2.11 15.55
C PRO A 13 -3.86 1.95 15.86
N ASP A 14 -3.49 2.12 17.12
CA ASP A 14 -2.07 2.08 17.52
C ASP A 14 -1.46 0.73 17.21
N GLY A 15 -2.24 -0.33 17.38
CA GLY A 15 -1.76 -1.67 17.08
C GLY A 15 -1.22 -1.81 15.68
N VAL A 16 -2.02 -1.46 14.68
CA VAL A 16 -1.59 -1.58 13.29
C VAL A 16 -0.64 -0.44 12.93
N LYS A 17 -0.70 0.65 13.69
CA LYS A 17 0.22 1.75 13.51
C LYS A 17 1.63 1.34 13.91
N GLU A 18 1.74 0.58 14.99
CA GLU A 18 3.02 0.05 15.41
C GLU A 18 3.48 -1.02 14.44
N ASP A 19 2.52 -1.83 13.99
CA ASP A 19 2.78 -2.85 12.97
C ASP A 19 3.30 -2.20 11.69
N LEU A 20 2.74 -1.06 11.35
CA LEU A 20 3.17 -0.29 10.18
C LEU A 20 4.54 0.33 10.44
N LYS A 21 4.80 0.67 11.69
CA LYS A 21 6.10 1.22 12.07
C LYS A 21 7.18 0.16 11.99
N LYS A 22 6.82 -1.07 12.38
CA LYS A 22 7.77 -2.19 12.39
C LYS A 22 8.27 -2.50 10.98
N PHE A 23 7.54 -2.03 9.98
CA PHE A 23 7.90 -2.23 8.60
C PHE A 23 9.28 -1.64 8.34
N ARG A 24 9.53 -0.45 8.85
CA ARG A 24 10.79 0.23 8.60
C ARG A 24 11.81 -0.08 9.70
N PHE A 25 11.35 -0.44 10.88
CA PHE A 25 12.24 -0.77 11.98
C PHE A 25 12.78 -2.18 11.85
N SER A 26 11.99 -3.05 11.25
CA SER A 26 12.39 -4.43 11.04
C SER A 26 12.15 -4.81 9.57
N LYS A 27 13.12 -4.49 8.73
CA LYS A 27 13.01 -4.74 7.30
C LYS A 27 14.20 -5.53 6.78
N SER A 28 14.09 -6.02 5.56
CA SER A 28 15.16 -6.76 4.93
C SER A 28 15.82 -5.91 3.85
N THR A 29 16.87 -6.44 3.23
CA THR A 29 17.56 -5.74 2.15
C THR A 29 16.87 -6.03 0.81
N THR A 30 15.78 -6.76 0.90
CA THR A 30 14.93 -7.03 -0.25
C THR A 30 13.68 -6.16 -0.15
N MET A 31 12.66 -6.44 -0.95
CA MET A 31 11.46 -5.62 -0.93
C MET A 31 10.39 -6.25 -0.06
N ASN A 32 9.80 -5.42 0.79
CA ASN A 32 8.81 -5.86 1.76
C ASN A 32 7.50 -5.19 1.43
N ALA A 33 6.45 -5.96 1.23
CA ALA A 33 5.15 -5.41 0.89
C ALA A 33 4.16 -5.59 2.03
N LEU A 34 3.56 -4.49 2.44
CA LEU A 34 2.50 -4.52 3.43
C LEU A 34 1.20 -4.05 2.78
N ILE A 35 0.29 -4.97 2.60
CA ILE A 35 -1.01 -4.64 2.05
C ILE A 35 -1.95 -4.22 3.18
N LEU A 36 -2.59 -3.07 3.02
CA LEU A 36 -3.40 -2.51 4.10
C LEU A 36 -4.83 -2.24 3.64
N LYS A 37 -5.72 -2.04 4.61
CA LYS A 37 -7.15 -2.01 4.37
C LYS A 37 -7.81 -0.85 5.12
N ILE A 38 -8.60 -0.06 4.40
CA ILE A 38 -9.48 0.90 5.03
C ILE A 38 -10.87 0.30 5.11
N ASP A 39 -11.43 0.25 6.29
CA ASP A 39 -12.78 -0.27 6.46
C ASP A 39 -13.69 0.85 6.94
N ARG A 40 -14.52 1.33 6.04
CA ARG A 40 -15.36 2.50 6.31
C ARG A 40 -16.44 2.20 7.34
N GLU A 41 -16.71 0.93 7.59
CA GLU A 41 -17.74 0.56 8.53
C GLU A 41 -17.15 0.38 9.93
N SER A 42 -15.89 -0.04 9.97
CA SER A 42 -15.15 -0.10 11.22
C SER A 42 -14.56 1.28 11.54
N HIS A 43 -14.38 2.09 10.50
CA HIS A 43 -13.88 3.46 10.62
C HIS A 43 -12.40 3.46 11.05
N GLU A 44 -11.73 2.37 10.75
CA GLU A 44 -10.31 2.24 11.06
C GLU A 44 -9.54 1.60 9.92
N LEU A 45 -8.29 2.00 9.80
CA LEU A 45 -7.39 1.47 8.78
C LEU A 45 -6.53 0.38 9.40
N GLN A 46 -6.60 -0.82 8.85
CA GLN A 46 -5.89 -1.96 9.40
C GLN A 46 -4.82 -2.42 8.43
N SER A 47 -3.71 -2.90 8.95
CA SER A 47 -2.68 -3.50 8.13
C SER A 47 -3.01 -4.97 7.89
N GLU A 48 -3.43 -5.28 6.66
CA GLU A 48 -3.87 -6.63 6.33
C GLU A 48 -2.74 -7.63 6.48
N GLN A 49 -1.68 -7.43 5.71
CA GLN A 49 -0.62 -8.43 5.63
C GLN A 49 0.72 -7.81 5.27
N LEU A 50 1.79 -8.42 5.75
CA LEU A 50 3.14 -7.96 5.45
C LEU A 50 4.00 -9.14 5.03
N LEU A 51 4.49 -9.11 3.79
CA LEU A 51 5.36 -10.16 3.30
C LEU A 51 6.63 -9.55 2.74
N ASN A 52 7.74 -10.11 3.14
CA ASN A 52 9.04 -9.55 2.80
C ASN A 52 9.89 -10.61 2.11
N ASP A 53 10.79 -10.13 1.25
CA ASP A 53 11.74 -10.99 0.53
C ASP A 53 11.02 -11.85 -0.50
N CYS A 54 9.81 -11.42 -0.85
CA CYS A 54 9.02 -12.09 -1.87
C CYS A 54 9.13 -11.33 -3.20
N SER A 55 8.38 -11.77 -4.20
CA SER A 55 8.43 -11.16 -5.52
C SER A 55 7.24 -10.21 -5.73
N ILE A 56 7.33 -9.34 -6.74
CA ILE A 56 6.32 -8.29 -6.93
C ILE A 56 5.00 -8.86 -7.44
N GLU A 57 5.06 -9.84 -8.35
CA GLU A 57 3.85 -10.51 -8.81
C GLU A 57 3.20 -11.22 -7.64
N GLU A 58 4.06 -11.75 -6.80
CA GLU A 58 3.66 -12.52 -5.64
C GLU A 58 2.89 -11.66 -4.64
N PHE A 59 3.32 -10.41 -4.47
CA PHE A 59 2.62 -9.51 -3.57
C PHE A 59 1.18 -9.25 -4.03
N LYS A 60 1.05 -8.84 -5.28
CA LYS A 60 -0.22 -8.36 -5.81
C LYS A 60 -1.20 -9.48 -6.08
N GLU A 61 -0.72 -10.55 -6.70
CA GLU A 61 -1.57 -11.63 -7.15
C GLU A 61 -1.63 -12.70 -6.07
N GLU A 62 -1.03 -12.38 -4.93
CA GLU A 62 -1.05 -13.25 -3.75
C GLU A 62 -2.47 -13.74 -3.50
N LEU A 63 -3.38 -12.79 -3.37
CA LEU A 63 -4.79 -13.09 -3.17
C LEU A 63 -5.64 -12.10 -3.96
N PRO A 64 -6.86 -12.50 -4.35
CA PRO A 64 -7.80 -11.66 -5.10
C PRO A 64 -7.87 -10.24 -4.56
N SER A 65 -7.31 -9.31 -5.33
CA SER A 65 -7.32 -7.90 -4.97
C SER A 65 -8.74 -7.38 -5.00
N GLN A 66 -9.34 -7.36 -6.21
CA GLN A 66 -10.72 -6.91 -6.50
C GLN A 66 -11.05 -5.50 -5.97
N GLN A 67 -10.86 -5.29 -4.69
CA GLN A 67 -11.21 -4.03 -4.03
C GLN A 67 -10.03 -3.07 -4.12
N PRO A 68 -10.29 -1.75 -4.20
CA PRO A 68 -9.23 -0.73 -4.23
C PRO A 68 -8.46 -0.65 -2.91
N ARG A 69 -7.63 -1.65 -2.66
CA ARG A 69 -6.84 -1.67 -1.43
C ARG A 69 -5.43 -1.25 -1.76
N PHE A 70 -4.56 -1.12 -0.75
CA PHE A 70 -3.23 -0.58 -1.01
C PHE A 70 -2.17 -1.60 -0.67
N ILE A 71 -1.18 -1.67 -1.51
CA ILE A 71 -0.01 -2.46 -1.25
C ILE A 71 1.20 -1.54 -1.09
N LEU A 72 1.67 -1.42 0.14
CA LEU A 72 2.80 -0.57 0.43
C LEU A 72 4.05 -1.42 0.55
N LEU A 73 4.88 -1.38 -0.48
CA LEU A 73 6.11 -2.14 -0.45
C LEU A 73 7.31 -1.20 -0.51
N SER A 74 8.38 -1.58 0.16
CA SER A 74 9.57 -0.77 0.18
C SER A 74 10.67 -1.50 -0.55
N TRP A 75 11.15 -0.89 -1.62
CA TRP A 75 12.20 -1.49 -2.41
C TRP A 75 13.52 -0.78 -2.15
N CYS A 76 14.57 -1.57 -1.99
CA CYS A 76 15.90 -1.04 -1.76
C CYS A 76 16.40 -0.28 -2.99
N LYS A 77 16.28 1.04 -2.94
CA LYS A 77 16.65 1.88 -4.05
C LYS A 77 17.80 2.80 -3.66
N LYS A 78 18.97 2.52 -4.21
CA LYS A 78 20.15 3.30 -3.93
C LYS A 78 20.39 4.31 -5.04
N HIS A 79 20.76 5.52 -4.67
CA HIS A 79 21.09 6.53 -5.65
C HIS A 79 22.60 6.49 -5.89
N SER A 80 23.05 7.03 -7.01
CA SER A 80 24.46 6.94 -7.40
C SER A 80 25.39 7.70 -6.44
N ASP A 81 24.84 8.32 -5.40
CA ASP A 81 25.65 9.02 -4.41
C ASP A 81 25.99 8.11 -3.22
N GLU A 82 26.11 6.80 -3.52
CA GLU A 82 26.68 5.81 -2.59
C GLU A 82 25.67 5.28 -1.57
N ARG A 83 24.66 6.07 -1.24
CA ARG A 83 23.80 5.70 -0.13
C ARG A 83 22.53 5.06 -0.61
N ILE A 84 22.21 3.93 0.00
CA ILE A 84 21.03 3.19 -0.34
C ILE A 84 19.90 3.58 0.60
N SER A 85 18.71 3.71 0.04
CA SER A 85 17.55 4.05 0.82
C SER A 85 16.43 3.07 0.53
N TYR A 86 15.49 2.95 1.43
CA TYR A 86 14.33 2.12 1.19
C TYR A 86 13.07 2.97 1.18
N PRO A 87 12.74 3.52 0.00
CA PRO A 87 11.54 4.32 -0.19
C PRO A 87 10.32 3.41 -0.27
N MET A 88 9.33 3.70 0.55
CA MET A 88 8.11 2.92 0.55
C MET A 88 7.06 3.67 -0.24
N LEU A 89 6.33 2.95 -1.08
CA LEU A 89 5.21 3.53 -1.78
C LEU A 89 3.99 2.64 -1.64
N LEU A 90 2.82 3.26 -1.53
CA LEU A 90 1.59 2.51 -1.35
C LEU A 90 0.79 2.55 -2.64
N ILE A 91 0.61 1.40 -3.22
CA ILE A 91 -0.06 1.29 -4.50
C ILE A 91 -1.48 0.78 -4.31
N TYR A 92 -2.45 1.63 -4.60
CA TYR A 92 -3.83 1.20 -4.59
C TYR A 92 -4.30 1.10 -6.02
N TYR A 93 -5.05 0.06 -6.31
CA TYR A 93 -5.47 -0.20 -7.66
C TYR A 93 -6.95 -0.49 -7.71
N CYS A 94 -7.61 -0.03 -8.75
CA CYS A 94 -9.03 -0.29 -8.95
C CYS A 94 -9.24 -1.08 -10.25
N PRO A 95 -9.07 -2.41 -10.20
CA PRO A 95 -9.06 -3.24 -11.39
C PRO A 95 -10.42 -3.82 -11.77
N ASN A 96 -10.78 -4.93 -11.15
CA ASN A 96 -11.99 -5.66 -11.51
C ASN A 96 -12.81 -5.97 -10.27
N GLY A 97 -13.99 -5.38 -10.18
CA GLY A 97 -14.84 -5.58 -9.03
C GLY A 97 -14.82 -4.37 -8.12
N SER A 98 -13.87 -3.47 -8.37
CA SER A 98 -13.73 -2.27 -7.57
C SER A 98 -14.90 -1.32 -7.83
N SER A 99 -15.64 -1.04 -6.77
CA SER A 99 -16.78 -0.14 -6.85
C SER A 99 -16.32 1.32 -6.85
N PRO A 100 -17.05 2.21 -7.55
CA PRO A 100 -16.66 3.62 -7.74
C PRO A 100 -16.42 4.38 -6.43
N GLU A 101 -17.34 4.27 -5.49
CA GLU A 101 -17.22 5.02 -4.24
C GLU A 101 -16.13 4.45 -3.34
N LEU A 102 -15.87 3.15 -3.46
CA LEU A 102 -14.76 2.53 -2.73
C LEU A 102 -13.44 3.11 -3.21
N GLN A 103 -13.35 3.41 -4.50
CA GLN A 103 -12.15 4.02 -5.06
C GLN A 103 -11.85 5.33 -4.36
N MET A 104 -12.86 6.17 -4.24
CA MET A 104 -12.69 7.47 -3.59
C MET A 104 -12.58 7.30 -2.07
N LEU A 105 -13.21 6.26 -1.54
CA LEU A 105 -13.08 5.89 -0.14
C LEU A 105 -11.62 5.69 0.24
N TYR A 106 -10.96 4.83 -0.52
CA TYR A 106 -9.57 4.48 -0.24
C TYR A 106 -8.63 5.58 -0.73
N ALA A 107 -8.87 6.10 -1.93
CA ALA A 107 -8.05 7.18 -2.47
C ALA A 107 -8.14 8.43 -1.58
N GLY A 108 -9.25 8.55 -0.87
CA GLY A 108 -9.46 9.71 -0.03
C GLY A 108 -8.76 9.60 1.31
N SER A 109 -8.57 8.38 1.78
CA SER A 109 -7.98 8.16 3.09
C SER A 109 -6.54 7.67 2.99
N ARG A 110 -5.99 7.64 1.77
CA ARG A 110 -4.62 7.20 1.59
C ARG A 110 -3.63 8.32 1.91
N ASN A 111 -4.11 9.56 1.93
CA ASN A 111 -3.24 10.69 2.25
C ASN A 111 -2.92 10.71 3.75
N PHE A 112 -3.77 10.10 4.55
CA PHE A 112 -3.56 10.04 5.99
C PHE A 112 -2.39 9.12 6.34
N ILE A 113 -2.37 7.93 5.73
CA ILE A 113 -1.36 6.94 6.04
C ILE A 113 0.03 7.40 5.58
N VAL A 114 0.06 8.19 4.51
CA VAL A 114 1.32 8.74 4.01
C VAL A 114 1.99 9.59 5.08
N ASN A 115 1.17 10.19 5.92
CA ASN A 115 1.65 11.09 6.96
C ASN A 115 2.11 10.30 8.18
N GLU A 116 1.49 9.14 8.38
CA GLU A 116 1.77 8.31 9.55
C GLU A 116 3.13 7.64 9.44
N CYS A 117 3.40 7.01 8.31
CA CYS A 117 4.64 6.27 8.14
C CYS A 117 5.68 7.12 7.43
N HIS A 118 5.29 8.33 7.04
CA HIS A 118 6.13 9.19 6.20
C HIS A 118 6.44 8.45 4.90
N VAL A 119 5.38 8.08 4.19
CA VAL A 119 5.52 7.34 2.95
C VAL A 119 6.22 8.20 1.91
N SER A 120 7.15 7.60 1.18
CA SER A 120 7.94 8.34 0.20
C SER A 120 7.09 8.71 -1.01
N LYS A 121 6.18 7.80 -1.39
CA LYS A 121 5.36 8.00 -2.57
C LYS A 121 4.22 6.99 -2.60
N ASN A 122 3.33 7.11 -3.57
CA ASN A 122 2.27 6.13 -3.76
C ASN A 122 2.06 5.89 -5.25
N THR A 123 1.25 4.90 -5.56
CA THR A 123 0.93 4.56 -6.94
C THR A 123 -0.52 4.10 -7.04
N GLU A 124 -1.14 4.34 -8.19
CA GLU A 124 -2.52 3.97 -8.42
C GLU A 124 -2.78 3.65 -9.88
N ILE A 125 -3.28 2.45 -10.14
CA ILE A 125 -3.53 1.99 -11.50
C ILE A 125 -4.86 1.23 -11.55
N ARG A 126 -5.42 1.07 -12.74
CA ARG A 126 -6.71 0.41 -12.86
C ARG A 126 -6.57 -0.94 -13.57
N ASP A 127 -5.89 -1.87 -12.89
CA ASP A 127 -5.91 -3.29 -13.25
C ASP A 127 -4.84 -4.03 -12.47
N ILE A 128 -4.96 -5.36 -12.42
CA ILE A 128 -3.95 -6.21 -11.84
C ILE A 128 -3.07 -6.81 -12.93
N ASP A 129 -3.69 -7.04 -14.09
CA ASP A 129 -3.06 -7.73 -15.19
C ASP A 129 -1.90 -6.92 -15.78
N GLU A 130 -2.09 -5.62 -15.87
CA GLU A 130 -1.14 -4.76 -16.56
C GLU A 130 -0.17 -4.09 -15.57
N ILE A 131 -0.04 -4.66 -14.38
CA ILE A 131 0.87 -4.12 -13.40
C ILE A 131 1.81 -5.21 -12.89
N ASP A 132 3.10 -4.89 -12.78
CA ASP A 132 4.10 -5.85 -12.30
C ASP A 132 5.47 -5.18 -12.25
N ASP A 133 6.53 -5.99 -12.28
CA ASP A 133 7.91 -5.50 -12.24
C ASP A 133 8.19 -4.59 -13.43
N GLU A 134 7.35 -4.71 -14.44
CA GLU A 134 7.43 -3.89 -15.66
C GLU A 134 7.45 -2.40 -15.31
N LEU A 135 6.52 -1.98 -14.45
CA LEU A 135 6.48 -0.59 -14.02
C LEU A 135 7.49 -0.36 -12.92
N LEU A 136 7.73 -1.40 -12.13
CA LEU A 136 8.68 -1.33 -11.03
C LEU A 136 10.06 -0.89 -11.51
N GLU A 137 10.38 -1.19 -12.77
CA GLU A 137 11.67 -0.83 -13.36
C GLU A 137 11.87 0.69 -13.45
N SER A 138 10.78 1.44 -13.37
CA SER A 138 10.87 2.90 -13.40
C SER A 138 10.11 3.53 -12.25
N LYS A 139 9.36 2.71 -11.52
CA LYS A 139 8.52 3.22 -10.44
C LYS A 139 9.33 3.48 -9.16
N PHE A 140 10.46 2.80 -9.03
CA PHE A 140 11.29 2.95 -7.84
C PHE A 140 12.20 4.17 -7.98
N MET A 3 -22.39 3.08 -6.33
CA MET A 3 -23.43 2.21 -5.76
C MET A 3 -23.83 2.71 -4.38
N THR A 4 -24.78 2.03 -3.74
CA THR A 4 -25.20 2.40 -2.41
C THR A 4 -24.17 1.97 -1.38
N SER A 5 -23.36 2.92 -0.94
CA SER A 5 -22.34 2.67 0.06
C SER A 5 -22.01 3.96 0.79
N SER A 6 -21.61 3.84 2.04
CA SER A 6 -21.23 5.00 2.83
C SER A 6 -19.79 5.38 2.52
N LEU A 7 -19.44 6.64 2.72
CA LEU A 7 -18.10 7.10 2.45
C LEU A 7 -17.67 8.07 3.54
N THR A 8 -16.46 7.88 4.03
CA THR A 8 -15.90 8.69 5.09
C THR A 8 -14.46 8.25 5.33
N ILE A 9 -13.73 9.00 6.13
CA ILE A 9 -12.37 8.62 6.45
C ILE A 9 -12.38 7.67 7.64
N CYS A 10 -11.27 7.02 7.89
CA CYS A 10 -11.19 6.02 8.93
C CYS A 10 -10.38 6.53 10.12
N SER A 11 -10.62 5.93 11.27
CA SER A 11 -9.83 6.24 12.45
C SER A 11 -8.73 5.20 12.59
N ILE A 12 -7.56 5.64 13.01
CA ILE A 12 -6.38 4.79 12.97
C ILE A 12 -6.10 4.15 14.34
N PRO A 13 -6.24 2.83 14.44
CA PRO A 13 -5.85 2.10 15.64
C PRO A 13 -4.33 2.03 15.76
N ASP A 14 -3.82 2.31 16.96
CA ASP A 14 -2.38 2.36 17.19
C ASP A 14 -1.73 1.02 16.86
N GLY A 15 -2.46 -0.06 17.08
CA GLY A 15 -1.97 -1.39 16.80
C GLY A 15 -1.45 -1.56 15.38
N VAL A 16 -2.31 -1.29 14.39
CA VAL A 16 -1.90 -1.40 13.00
C VAL A 16 -0.92 -0.30 12.63
N LYS A 17 -1.01 0.83 13.32
CA LYS A 17 -0.14 1.96 13.05
C LYS A 17 1.30 1.64 13.49
N GLU A 18 1.44 1.04 14.65
CA GLU A 18 2.74 0.58 15.13
C GLU A 18 3.31 -0.46 14.17
N ASP A 19 2.44 -1.36 13.73
CA ASP A 19 2.85 -2.43 12.82
C ASP A 19 3.37 -1.85 11.51
N LEU A 20 2.70 -0.82 11.03
CA LEU A 20 3.11 -0.15 9.80
C LEU A 20 4.35 0.70 10.05
N LYS A 21 4.52 1.14 11.28
CA LYS A 21 5.68 1.93 11.66
C LYS A 21 6.92 1.05 11.71
N LYS A 22 6.78 -0.14 12.30
CA LYS A 22 7.90 -1.06 12.44
C LYS A 22 8.32 -1.62 11.10
N PHE A 23 7.35 -1.77 10.19
CA PHE A 23 7.64 -2.26 8.84
C PHE A 23 8.71 -1.42 8.15
N ARG A 24 8.65 -0.11 8.31
CA ARG A 24 9.58 0.77 7.63
C ARG A 24 10.89 0.92 8.41
N PHE A 25 10.81 1.01 9.73
CA PHE A 25 12.00 1.23 10.54
C PHE A 25 12.77 -0.07 10.78
N SER A 26 12.06 -1.19 10.82
CA SER A 26 12.68 -2.47 11.09
C SER A 26 12.39 -3.46 9.97
N LYS A 27 13.17 -3.38 8.90
CA LYS A 27 13.06 -4.31 7.79
C LYS A 27 14.44 -4.69 7.27
N SER A 28 14.49 -5.69 6.41
CA SER A 28 15.74 -6.18 5.85
C SER A 28 16.03 -5.47 4.53
N THR A 29 17.05 -5.93 3.82
CA THR A 29 17.46 -5.34 2.55
C THR A 29 16.66 -5.92 1.39
N THR A 30 15.51 -6.48 1.70
CA THR A 30 14.66 -7.11 0.71
C THR A 30 13.45 -6.23 0.39
N MET A 31 12.63 -6.68 -0.55
CA MET A 31 11.41 -5.97 -0.91
C MET A 31 10.22 -6.61 -0.21
N ASN A 32 9.65 -5.86 0.72
CA ASN A 32 8.57 -6.37 1.55
C ASN A 32 7.34 -5.51 1.36
N ALA A 33 6.21 -5.95 1.89
CA ALA A 33 4.97 -5.24 1.66
C ALA A 33 3.98 -5.43 2.80
N LEU A 34 3.32 -4.35 3.17
CA LEU A 34 2.26 -4.39 4.14
C LEU A 34 1.00 -3.81 3.50
N ILE A 35 -0.03 -4.64 3.37
CA ILE A 35 -1.26 -4.24 2.72
C ILE A 35 -2.24 -3.65 3.74
N LEU A 36 -2.79 -2.50 3.42
CA LEU A 36 -3.69 -1.81 4.34
C LEU A 36 -5.11 -1.83 3.80
N LYS A 37 -6.07 -1.66 4.70
CA LYS A 37 -7.47 -1.69 4.32
C LYS A 37 -8.26 -0.59 5.04
N ILE A 38 -9.04 0.14 4.25
CA ILE A 38 -9.98 1.10 4.80
C ILE A 38 -11.39 0.56 4.67
N ASP A 39 -12.12 0.50 5.77
CA ASP A 39 -13.52 0.11 5.72
C ASP A 39 -14.38 1.24 6.28
N ARG A 40 -15.39 1.65 5.52
CA ARG A 40 -16.21 2.81 5.92
C ARG A 40 -17.22 2.42 7.00
N GLU A 41 -17.53 1.13 7.08
CA GLU A 41 -18.51 0.64 8.02
C GLU A 41 -17.83 0.27 9.32
N SER A 42 -16.64 -0.30 9.21
CA SER A 42 -15.81 -0.57 10.37
C SER A 42 -15.15 0.74 10.84
N HIS A 43 -15.00 1.68 9.90
CA HIS A 43 -14.54 3.04 10.21
C HIS A 43 -13.09 3.04 10.69
N GLU A 44 -12.36 1.99 10.35
CA GLU A 44 -10.99 1.86 10.79
C GLU A 44 -10.09 1.35 9.67
N LEU A 45 -8.84 1.76 9.71
CA LEU A 45 -7.84 1.29 8.76
C LEU A 45 -7.05 0.16 9.42
N GLN A 46 -7.03 -0.99 8.77
CA GLN A 46 -6.41 -2.17 9.36
C GLN A 46 -5.29 -2.69 8.48
N SER A 47 -4.41 -3.48 9.06
CA SER A 47 -3.36 -4.13 8.32
C SER A 47 -3.83 -5.50 7.83
N GLU A 48 -4.07 -5.60 6.53
CA GLU A 48 -4.53 -6.86 5.93
C GLU A 48 -3.51 -7.97 6.12
N GLN A 49 -2.30 -7.75 5.62
CA GLN A 49 -1.24 -8.75 5.70
C GLN A 49 0.12 -8.11 5.42
N LEU A 50 1.17 -8.73 5.95
CA LEU A 50 2.52 -8.27 5.73
C LEU A 50 3.36 -9.45 5.26
N LEU A 51 3.98 -9.30 4.10
CA LEU A 51 4.82 -10.37 3.56
C LEU A 51 6.21 -9.83 3.24
N ASN A 52 7.21 -10.68 3.40
CA ASN A 52 8.59 -10.27 3.22
C ASN A 52 9.35 -11.24 2.33
N ASP A 53 10.37 -10.70 1.63
CA ASP A 53 11.25 -11.50 0.78
C ASP A 53 10.50 -12.13 -0.39
N CYS A 54 9.34 -11.56 -0.72
CA CYS A 54 8.54 -12.04 -1.83
C CYS A 54 8.80 -11.18 -3.06
N SER A 55 8.14 -11.49 -4.16
CA SER A 55 8.33 -10.77 -5.40
C SER A 55 7.20 -9.76 -5.62
N ILE A 56 7.45 -8.79 -6.48
CA ILE A 56 6.47 -7.76 -6.82
C ILE A 56 5.18 -8.38 -7.35
N GLU A 57 5.31 -9.44 -8.15
CA GLU A 57 4.15 -10.09 -8.75
C GLU A 57 3.28 -10.72 -7.66
N GLU A 58 3.91 -11.15 -6.59
CA GLU A 58 3.18 -11.77 -5.48
C GLU A 58 2.39 -10.73 -4.72
N PHE A 59 2.93 -9.52 -4.58
CA PHE A 59 2.22 -8.45 -3.88
C PHE A 59 0.93 -8.10 -4.62
N LYS A 60 0.92 -8.40 -5.91
CA LYS A 60 -0.24 -8.17 -6.76
C LYS A 60 -1.20 -9.36 -6.74
N GLU A 61 -0.63 -10.56 -6.87
CA GLU A 61 -1.41 -11.75 -7.14
C GLU A 61 -1.77 -12.53 -5.87
N GLU A 62 -1.21 -12.12 -4.74
CA GLU A 62 -1.43 -12.82 -3.48
C GLU A 62 -2.90 -12.79 -3.09
N LEU A 63 -3.50 -11.61 -3.16
CA LEU A 63 -4.86 -11.42 -2.68
C LEU A 63 -5.81 -11.00 -3.79
N PRO A 64 -7.02 -11.58 -3.81
CA PRO A 64 -8.10 -11.11 -4.66
C PRO A 64 -8.69 -9.83 -4.11
N SER A 65 -8.14 -8.71 -4.53
CA SER A 65 -8.55 -7.42 -4.04
C SER A 65 -10.04 -7.20 -4.24
N GLN A 66 -10.49 -7.28 -5.49
CA GLN A 66 -11.87 -6.99 -5.88
C GLN A 66 -12.17 -5.50 -5.72
N GLN A 67 -11.78 -4.97 -4.58
CA GLN A 67 -11.96 -3.57 -4.25
C GLN A 67 -10.61 -2.87 -4.32
N PRO A 68 -10.58 -1.54 -4.38
CA PRO A 68 -9.34 -0.77 -4.38
C PRO A 68 -8.52 -1.05 -3.11
N ARG A 69 -7.60 -1.99 -3.21
CA ARG A 69 -6.76 -2.35 -2.08
C ARG A 69 -5.38 -1.74 -2.28
N PHE A 70 -4.75 -1.29 -1.21
CA PHE A 70 -3.45 -0.65 -1.36
C PHE A 70 -2.39 -1.37 -0.55
N ILE A 71 -1.32 -1.69 -1.24
CA ILE A 71 -0.21 -2.43 -0.67
C ILE A 71 1.00 -1.52 -0.57
N LEU A 72 1.55 -1.41 0.62
CA LEU A 72 2.73 -0.58 0.84
C LEU A 72 3.97 -1.44 0.74
N LEU A 73 4.69 -1.28 -0.36
CA LEU A 73 5.90 -2.04 -0.63
C LEU A 73 7.12 -1.20 -0.26
N SER A 74 8.07 -1.83 0.42
CA SER A 74 9.33 -1.19 0.75
C SER A 74 10.42 -1.77 -0.13
N TRP A 75 11.00 -0.93 -0.96
CA TRP A 75 11.97 -1.39 -1.95
C TRP A 75 13.34 -0.80 -1.67
N CYS A 76 14.33 -1.67 -1.54
CA CYS A 76 15.71 -1.24 -1.33
C CYS A 76 16.23 -0.53 -2.58
N LYS A 77 16.31 0.79 -2.52
CA LYS A 77 16.78 1.58 -3.66
C LYS A 77 17.85 2.56 -3.19
N LYS A 78 19.09 2.28 -3.56
CA LYS A 78 20.22 3.12 -3.19
C LYS A 78 20.30 4.32 -4.12
N HIS A 79 20.56 5.50 -3.55
CA HIS A 79 20.72 6.70 -4.35
C HIS A 79 22.09 6.71 -5.01
N SER A 80 22.29 7.57 -5.98
CA SER A 80 23.57 7.72 -6.66
C SER A 80 24.60 8.32 -5.71
N ASP A 81 24.14 8.70 -4.52
CA ASP A 81 25.00 9.23 -3.48
C ASP A 81 25.74 8.09 -2.77
N GLU A 82 25.44 6.87 -3.20
CA GLU A 82 26.12 5.64 -2.75
C GLU A 82 25.67 5.22 -1.36
N ARG A 83 24.61 5.84 -0.87
CA ARG A 83 24.05 5.44 0.41
C ARG A 83 22.68 4.83 0.17
N ILE A 84 22.45 3.66 0.75
CA ILE A 84 21.26 2.89 0.45
C ILE A 84 20.05 3.42 1.22
N SER A 85 18.94 3.54 0.51
CA SER A 85 17.70 3.98 1.11
C SER A 85 16.60 2.99 0.81
N TYR A 86 15.51 3.09 1.54
CA TYR A 86 14.38 2.19 1.34
C TYR A 86 13.10 3.00 1.19
N PRO A 87 12.78 3.43 -0.04
CA PRO A 87 11.52 4.11 -0.31
C PRO A 87 10.32 3.19 -0.18
N MET A 88 9.32 3.63 0.56
CA MET A 88 8.08 2.88 0.67
C MET A 88 7.01 3.53 -0.20
N LEU A 89 6.29 2.72 -0.94
CA LEU A 89 5.21 3.21 -1.76
C LEU A 89 3.96 2.36 -1.56
N LEU A 90 2.80 2.98 -1.71
CA LEU A 90 1.55 2.27 -1.56
C LEU A 90 0.78 2.30 -2.87
N ILE A 91 0.55 1.13 -3.42
CA ILE A 91 -0.14 1.03 -4.69
C ILE A 91 -1.52 0.44 -4.50
N TYR A 92 -2.54 1.22 -4.83
CA TYR A 92 -3.91 0.76 -4.75
C TYR A 92 -4.49 0.56 -6.13
N TYR A 93 -4.93 -0.64 -6.40
CA TYR A 93 -5.46 -1.01 -7.69
C TYR A 93 -6.93 -1.39 -7.58
N CYS A 94 -7.75 -0.70 -8.35
CA CYS A 94 -9.19 -0.95 -8.36
C CYS A 94 -9.61 -1.48 -9.73
N PRO A 95 -9.66 -2.81 -9.89
CA PRO A 95 -9.93 -3.45 -11.16
C PRO A 95 -11.39 -3.86 -11.35
N ASN A 96 -11.72 -5.08 -10.97
CA ASN A 96 -13.05 -5.62 -11.19
C ASN A 96 -13.76 -5.85 -9.87
N GLY A 97 -14.91 -5.24 -9.73
CA GLY A 97 -15.64 -5.31 -8.47
C GLY A 97 -15.46 -4.04 -7.68
N SER A 98 -14.58 -3.19 -8.16
CA SER A 98 -14.33 -1.90 -7.53
C SER A 98 -15.32 -0.86 -8.03
N SER A 99 -16.11 -0.33 -7.11
CA SER A 99 -17.07 0.69 -7.45
C SER A 99 -16.45 2.08 -7.28
N PRO A 100 -17.05 3.11 -7.90
CA PRO A 100 -16.50 4.48 -7.93
C PRO A 100 -16.27 5.09 -6.54
N GLU A 101 -17.21 4.90 -5.63
CA GLU A 101 -17.13 5.53 -4.32
C GLU A 101 -16.08 4.84 -3.45
N LEU A 102 -15.88 3.54 -3.65
CA LEU A 102 -14.85 2.81 -2.93
C LEU A 102 -13.48 3.34 -3.32
N GLN A 103 -13.36 3.77 -4.57
CA GLN A 103 -12.12 4.38 -5.06
C GLN A 103 -11.83 5.64 -4.26
N MET A 104 -12.86 6.46 -4.09
CA MET A 104 -12.73 7.69 -3.33
C MET A 104 -12.63 7.41 -1.83
N LEU A 105 -13.13 6.25 -1.44
CA LEU A 105 -13.05 5.80 -0.06
C LEU A 105 -11.59 5.49 0.32
N TYR A 106 -10.98 4.58 -0.44
CA TYR A 106 -9.61 4.18 -0.17
C TYR A 106 -8.63 5.30 -0.52
N ALA A 107 -8.86 5.97 -1.64
CA ALA A 107 -8.05 7.13 -1.99
C ALA A 107 -8.29 8.27 -1.02
N GLY A 108 -9.40 8.18 -0.29
CA GLY A 108 -9.74 9.21 0.66
C GLY A 108 -8.80 9.25 1.85
N SER A 109 -8.40 8.09 2.36
CA SER A 109 -7.52 8.04 3.52
C SER A 109 -6.07 7.80 3.12
N ARG A 110 -5.80 7.63 1.82
CA ARG A 110 -4.45 7.33 1.37
C ARG A 110 -3.53 8.54 1.53
N ASN A 111 -4.10 9.73 1.62
CA ASN A 111 -3.29 10.92 1.85
C ASN A 111 -2.93 11.06 3.32
N PHE A 112 -3.75 10.47 4.19
CA PHE A 112 -3.51 10.54 5.63
C PHE A 112 -2.39 9.59 6.04
N ILE A 113 -2.28 8.47 5.34
CA ILE A 113 -1.26 7.48 5.65
C ILE A 113 0.11 7.94 5.14
N VAL A 114 0.12 8.68 4.04
CA VAL A 114 1.35 9.26 3.53
C VAL A 114 1.96 10.19 4.57
N ASN A 115 1.09 10.81 5.35
CA ASN A 115 1.50 11.78 6.36
C ASN A 115 1.95 11.05 7.63
N GLU A 116 1.55 9.79 7.73
CA GLU A 116 1.88 8.97 8.89
C GLU A 116 3.31 8.46 8.83
N CYS A 117 3.71 7.99 7.66
CA CYS A 117 5.00 7.32 7.54
C CYS A 117 5.93 8.02 6.56
N HIS A 118 5.62 9.27 6.21
CA HIS A 118 6.40 9.99 5.20
C HIS A 118 6.53 9.14 3.95
N VAL A 119 5.41 8.67 3.44
CA VAL A 119 5.41 7.78 2.28
C VAL A 119 6.12 8.45 1.11
N SER A 120 7.13 7.75 0.59
CA SER A 120 7.98 8.30 -0.45
C SER A 120 7.22 8.46 -1.77
N LYS A 121 6.26 7.58 -1.99
CA LYS A 121 5.52 7.55 -3.26
C LYS A 121 4.30 6.65 -3.16
N ASN A 122 3.33 6.87 -4.03
CA ASN A 122 2.17 6.00 -4.13
C ASN A 122 1.87 5.71 -5.59
N THR A 123 0.98 4.78 -5.85
CA THR A 123 0.62 4.41 -7.21
C THR A 123 -0.80 3.83 -7.25
N GLU A 124 -1.53 4.11 -8.32
CA GLU A 124 -2.86 3.55 -8.49
C GLU A 124 -3.10 3.18 -9.95
N ILE A 125 -3.66 1.99 -10.17
CA ILE A 125 -4.01 1.53 -11.51
C ILE A 125 -5.32 0.76 -11.49
N ARG A 126 -5.97 0.67 -12.63
CA ARG A 126 -7.24 -0.02 -12.73
C ARG A 126 -7.07 -1.36 -13.45
N ASP A 127 -6.37 -2.30 -12.82
CA ASP A 127 -6.18 -3.62 -13.38
C ASP A 127 -5.39 -4.52 -12.43
N ILE A 128 -5.55 -5.83 -12.62
CA ILE A 128 -4.81 -6.83 -11.84
C ILE A 128 -3.60 -7.33 -12.62
N ASP A 129 -3.81 -7.55 -13.91
CA ASP A 129 -2.86 -8.29 -14.74
C ASP A 129 -1.59 -7.50 -15.04
N GLU A 130 -1.74 -6.21 -15.35
CA GLU A 130 -0.61 -5.39 -15.77
C GLU A 130 0.31 -5.01 -14.61
N ILE A 131 0.22 -5.74 -13.51
CA ILE A 131 1.07 -5.47 -12.35
C ILE A 131 2.12 -6.57 -12.21
N ASP A 132 3.39 -6.18 -12.33
CA ASP A 132 4.50 -7.09 -12.12
C ASP A 132 5.81 -6.30 -12.09
N ASP A 133 6.92 -6.98 -12.28
CA ASP A 133 8.26 -6.36 -12.19
C ASP A 133 8.44 -5.27 -13.25
N GLU A 134 7.64 -5.34 -14.30
CA GLU A 134 7.74 -4.41 -15.43
C GLU A 134 7.71 -2.95 -14.98
N LEU A 135 6.95 -2.64 -13.93
CA LEU A 135 6.80 -1.27 -13.50
C LEU A 135 7.97 -0.82 -12.63
N LEU A 136 8.63 -1.75 -11.97
CA LEU A 136 9.68 -1.38 -11.01
C LEU A 136 10.81 -0.62 -11.69
N GLU A 137 11.12 -1.01 -12.92
CA GLU A 137 12.18 -0.35 -13.69
C GLU A 137 11.78 1.08 -14.02
N SER A 138 10.48 1.31 -14.10
CA SER A 138 9.92 2.62 -14.36
C SER A 138 9.70 3.37 -13.04
N LYS A 139 9.36 2.63 -12.00
CA LYS A 139 8.92 3.23 -10.76
C LYS A 139 10.10 3.55 -9.83
N PHE A 140 10.86 2.52 -9.47
CA PHE A 140 11.96 2.64 -8.49
C PHE A 140 11.56 3.51 -7.30
N MET A 3 -22.62 0.94 -4.02
CA MET A 3 -23.54 1.95 -4.58
C MET A 3 -24.16 2.78 -3.47
N THR A 4 -23.84 4.07 -3.45
CA THR A 4 -24.30 4.99 -2.42
C THR A 4 -23.86 4.51 -1.03
N SER A 5 -22.61 4.09 -0.93
CA SER A 5 -22.03 3.71 0.35
C SER A 5 -21.71 4.96 1.16
N SER A 6 -21.84 4.88 2.48
CA SER A 6 -21.46 5.97 3.35
C SER A 6 -19.97 6.22 3.25
N LEU A 7 -19.56 7.47 3.21
CA LEU A 7 -18.18 7.81 2.95
C LEU A 7 -17.70 8.89 3.92
N THR A 8 -16.51 8.70 4.47
CA THR A 8 -15.92 9.63 5.41
C THR A 8 -14.42 9.36 5.51
N ILE A 9 -13.71 10.13 6.30
CA ILE A 9 -12.29 9.91 6.48
C ILE A 9 -12.07 8.87 7.59
N CYS A 10 -11.05 8.05 7.41
CA CYS A 10 -10.80 6.96 8.34
C CYS A 10 -9.57 7.24 9.19
N SER A 11 -9.64 6.84 10.45
CA SER A 11 -8.54 7.00 11.38
C SER A 11 -7.76 5.71 11.50
N ILE A 12 -6.50 5.79 11.88
CA ILE A 12 -5.67 4.62 12.02
C ILE A 12 -5.54 4.24 13.49
N PRO A 13 -6.05 3.05 13.88
CA PRO A 13 -5.89 2.55 15.25
C PRO A 13 -4.42 2.36 15.59
N ASP A 14 -4.02 2.89 16.74
CA ASP A 14 -2.61 2.86 17.17
C ASP A 14 -2.07 1.44 17.18
N GLY A 15 -2.96 0.48 17.46
CA GLY A 15 -2.57 -0.92 17.45
C GLY A 15 -1.94 -1.36 16.15
N VAL A 16 -2.67 -1.20 15.04
CA VAL A 16 -2.14 -1.60 13.74
C VAL A 16 -1.11 -0.58 13.25
N LYS A 17 -1.24 0.65 13.74
CA LYS A 17 -0.32 1.73 13.39
C LYS A 17 1.08 1.43 13.89
N GLU A 18 1.19 0.80 15.06
CA GLU A 18 2.50 0.45 15.61
C GLU A 18 3.17 -0.59 14.74
N ASP A 19 2.42 -1.61 14.32
CA ASP A 19 2.96 -2.64 13.44
C ASP A 19 3.30 -2.06 12.07
N LEU A 20 2.59 -1.02 11.68
CA LEU A 20 2.88 -0.30 10.45
C LEU A 20 4.21 0.44 10.59
N LYS A 21 4.51 0.83 11.83
CA LYS A 21 5.77 1.49 12.14
C LYS A 21 6.88 0.44 12.22
N LYS A 22 6.53 -0.72 12.77
CA LYS A 22 7.47 -1.82 12.90
C LYS A 22 7.96 -2.28 11.54
N PHE A 23 7.04 -2.33 10.58
CA PHE A 23 7.36 -2.73 9.23
C PHE A 23 8.53 -1.93 8.65
N ARG A 24 8.51 -0.62 8.80
CA ARG A 24 9.50 0.23 8.17
C ARG A 24 10.86 0.14 8.87
N PHE A 25 10.84 0.08 10.20
CA PHE A 25 12.09 0.05 10.95
C PHE A 25 12.62 -1.38 11.11
N SER A 26 11.71 -2.34 11.10
CA SER A 26 12.07 -3.73 11.30
C SER A 26 11.69 -4.57 10.09
N LYS A 27 12.52 -4.51 9.06
CA LYS A 27 12.37 -5.35 7.89
C LYS A 27 13.73 -5.85 7.43
N SER A 28 13.72 -6.82 6.52
CA SER A 28 14.96 -7.37 5.99
C SER A 28 15.45 -6.53 4.82
N THR A 29 16.65 -6.83 4.32
CA THR A 29 17.21 -6.12 3.19
C THR A 29 16.66 -6.64 1.86
N THR A 30 15.49 -7.27 1.93
CA THR A 30 14.75 -7.68 0.75
C THR A 30 13.57 -6.73 0.56
N MET A 31 12.63 -7.08 -0.31
CA MET A 31 11.45 -6.25 -0.48
C MET A 31 10.28 -6.84 0.27
N ASN A 32 9.82 -6.09 1.25
CA ASN A 32 8.72 -6.52 2.12
C ASN A 32 7.54 -5.61 1.86
N ALA A 33 6.35 -6.04 2.22
CA ALA A 33 5.15 -5.29 1.90
C ALA A 33 4.08 -5.45 2.98
N LEU A 34 3.39 -4.37 3.26
CA LEU A 34 2.28 -4.40 4.20
C LEU A 34 1.07 -3.75 3.53
N ILE A 35 0.11 -4.57 3.14
CA ILE A 35 -1.11 -4.06 2.54
C ILE A 35 -2.01 -3.50 3.63
N LEU A 36 -2.64 -2.38 3.35
CA LEU A 36 -3.53 -1.76 4.31
C LEU A 36 -4.96 -1.74 3.78
N LYS A 37 -5.91 -1.85 4.70
CA LYS A 37 -7.30 -1.93 4.35
C LYS A 37 -8.09 -0.87 5.10
N ILE A 38 -8.89 -0.11 4.37
CA ILE A 38 -9.76 0.89 4.96
C ILE A 38 -11.17 0.33 5.10
N ASP A 39 -11.72 0.42 6.31
CA ASP A 39 -13.09 -0.03 6.55
C ASP A 39 -14.02 1.17 6.54
N ARG A 40 -15.18 1.01 5.91
CA ARG A 40 -16.12 2.11 5.75
C ARG A 40 -17.06 2.23 6.95
N GLU A 41 -17.27 1.12 7.64
CA GLU A 41 -18.26 1.09 8.72
C GLU A 41 -17.65 1.72 9.98
N SER A 42 -16.52 1.20 10.41
CA SER A 42 -15.85 1.69 11.59
C SER A 42 -14.89 2.82 11.22
N HIS A 43 -14.86 3.11 9.91
CA HIS A 43 -13.97 4.11 9.31
C HIS A 43 -12.58 4.10 9.95
N GLU A 44 -11.92 2.96 9.86
CA GLU A 44 -10.59 2.79 10.43
C GLU A 44 -9.68 2.10 9.43
N LEU A 45 -8.40 2.44 9.48
CA LEU A 45 -7.41 1.86 8.59
C LEU A 45 -6.69 0.71 9.29
N GLN A 46 -6.87 -0.50 8.77
CA GLN A 46 -6.32 -1.70 9.40
C GLN A 46 -5.24 -2.32 8.54
N SER A 47 -4.41 -3.15 9.15
CA SER A 47 -3.38 -3.88 8.42
C SER A 47 -3.98 -5.12 7.74
N GLU A 48 -3.95 -5.12 6.42
CA GLU A 48 -4.51 -6.21 5.64
C GLU A 48 -3.65 -7.46 5.79
N GLN A 49 -2.39 -7.36 5.38
CA GLN A 49 -1.45 -8.48 5.49
C GLN A 49 -0.02 -7.99 5.24
N LEU A 50 0.92 -8.58 5.96
CA LEU A 50 2.32 -8.26 5.80
C LEU A 50 3.09 -9.48 5.32
N LEU A 51 3.87 -9.32 4.25
CA LEU A 51 4.67 -10.41 3.72
C LEU A 51 6.07 -9.93 3.40
N ASN A 52 7.03 -10.82 3.55
CA ASN A 52 8.43 -10.48 3.40
C ASN A 52 9.13 -11.43 2.43
N ASP A 53 10.25 -10.97 1.86
CA ASP A 53 11.13 -11.82 1.04
C ASP A 53 10.43 -12.22 -0.27
N CYS A 54 9.31 -11.59 -0.55
CA CYS A 54 8.56 -11.87 -1.75
C CYS A 54 8.82 -10.78 -2.79
N SER A 55 8.29 -10.97 -3.98
CA SER A 55 8.47 -10.00 -5.06
C SER A 55 7.14 -9.35 -5.42
N ILE A 56 7.18 -8.42 -6.36
CA ILE A 56 5.99 -7.66 -6.76
C ILE A 56 4.90 -8.57 -7.31
N GLU A 57 5.30 -9.59 -8.06
CA GLU A 57 4.36 -10.52 -8.66
C GLU A 57 3.59 -11.28 -7.58
N GLU A 58 4.20 -11.45 -6.43
CA GLU A 58 3.51 -12.06 -5.30
C GLU A 58 2.48 -11.10 -4.75
N PHE A 59 2.90 -9.86 -4.47
CA PHE A 59 1.99 -8.83 -3.96
C PHE A 59 0.81 -8.66 -4.93
N LYS A 60 1.06 -9.03 -6.19
CA LYS A 60 0.04 -8.97 -7.24
C LYS A 60 -0.86 -10.21 -7.22
N GLU A 61 -0.23 -11.38 -7.26
CA GLU A 61 -0.95 -12.63 -7.52
C GLU A 61 -1.52 -13.27 -6.26
N GLU A 62 -1.03 -12.84 -5.10
CA GLU A 62 -1.41 -13.46 -3.82
C GLU A 62 -2.93 -13.54 -3.65
N LEU A 63 -3.59 -12.41 -3.77
CA LEU A 63 -5.03 -12.35 -3.56
C LEU A 63 -5.69 -11.35 -4.50
N PRO A 64 -6.70 -11.80 -5.25
CA PRO A 64 -7.51 -10.90 -6.08
C PRO A 64 -8.12 -9.80 -5.24
N SER A 65 -7.76 -8.56 -5.58
CA SER A 65 -8.18 -7.39 -4.82
C SER A 65 -9.69 -7.39 -4.61
N GLN A 66 -10.44 -7.29 -5.70
CA GLN A 66 -11.91 -7.19 -5.65
C GLN A 66 -12.33 -5.99 -4.79
N GLN A 67 -11.40 -5.06 -4.61
CA GLN A 67 -11.63 -3.86 -3.83
C GLN A 67 -10.41 -2.97 -3.97
N PRO A 68 -10.56 -1.66 -3.79
CA PRO A 68 -9.44 -0.73 -3.80
C PRO A 68 -8.52 -0.99 -2.61
N ARG A 69 -7.48 -1.77 -2.84
CA ARG A 69 -6.52 -2.07 -1.79
C ARG A 69 -5.27 -1.25 -1.99
N PHE A 70 -4.63 -0.85 -0.90
CA PHE A 70 -3.38 -0.13 -1.01
C PHE A 70 -2.27 -0.87 -0.30
N ILE A 71 -1.22 -1.13 -1.04
CA ILE A 71 -0.11 -1.91 -0.55
C ILE A 71 1.13 -1.03 -0.42
N LEU A 72 1.64 -0.94 0.79
CA LEU A 72 2.85 -0.20 1.05
C LEU A 72 3.99 -1.19 1.22
N LEU A 73 4.89 -1.23 0.26
CA LEU A 73 6.04 -2.11 0.35
C LEU A 73 7.31 -1.27 0.49
N SER A 74 8.30 -1.82 1.16
CA SER A 74 9.55 -1.14 1.33
C SER A 74 10.62 -1.86 0.51
N TRP A 75 11.15 -1.15 -0.47
CA TRP A 75 12.15 -1.71 -1.36
C TRP A 75 13.51 -1.14 -1.05
N CYS A 76 14.48 -2.00 -0.80
CA CYS A 76 15.84 -1.58 -0.53
C CYS A 76 16.48 -0.99 -1.77
N LYS A 77 16.43 0.32 -1.88
CA LYS A 77 16.89 1.03 -3.06
C LYS A 77 17.96 2.03 -2.67
N LYS A 78 19.15 1.90 -3.24
CA LYS A 78 20.18 2.89 -3.04
C LYS A 78 20.31 3.75 -4.28
N HIS A 79 20.44 5.04 -4.07
CA HIS A 79 20.50 5.98 -5.18
C HIS A 79 21.96 6.20 -5.59
N SER A 80 22.15 6.91 -6.70
CA SER A 80 23.48 7.16 -7.25
C SER A 80 24.36 8.00 -6.32
N ASP A 81 23.83 8.38 -5.17
CA ASP A 81 24.60 9.11 -4.16
C ASP A 81 25.21 8.13 -3.15
N GLU A 82 25.30 6.86 -3.58
CA GLU A 82 26.09 5.82 -2.90
C GLU A 82 25.38 5.19 -1.70
N ARG A 83 24.36 5.84 -1.16
CA ARG A 83 23.77 5.35 0.07
C ARG A 83 22.45 4.66 -0.20
N ILE A 84 22.14 3.67 0.62
CA ILE A 84 20.95 2.89 0.43
C ILE A 84 19.81 3.48 1.23
N SER A 85 18.64 3.52 0.62
CA SER A 85 17.46 4.04 1.26
C SER A 85 16.41 2.96 1.36
N TYR A 86 15.41 3.20 2.18
CA TYR A 86 14.26 2.34 2.24
C TYR A 86 13.01 3.12 1.82
N PRO A 87 12.87 3.41 0.51
CA PRO A 87 11.73 4.13 0.00
C PRO A 87 10.45 3.32 0.13
N MET A 88 9.52 3.85 0.89
CA MET A 88 8.25 3.18 1.05
C MET A 88 7.24 3.87 0.15
N LEU A 89 6.46 3.09 -0.54
CA LEU A 89 5.39 3.65 -1.35
C LEU A 89 4.15 2.80 -1.25
N LEU A 90 3.01 3.46 -1.29
CA LEU A 90 1.74 2.77 -1.17
C LEU A 90 0.99 2.87 -2.48
N ILE A 91 0.76 1.73 -3.09
CA ILE A 91 0.07 1.69 -4.36
C ILE A 91 -1.35 1.18 -4.15
N TYR A 92 -2.32 2.08 -4.27
CA TYR A 92 -3.70 1.67 -4.18
C TYR A 92 -4.29 1.56 -5.56
N TYR A 93 -4.62 0.35 -5.90
CA TYR A 93 -5.16 0.05 -7.20
C TYR A 93 -6.66 -0.14 -7.09
N CYS A 94 -7.39 0.34 -8.09
CA CYS A 94 -8.84 0.20 -8.10
C CYS A 94 -9.29 -0.58 -9.33
N PRO A 95 -9.16 -1.91 -9.29
CA PRO A 95 -9.51 -2.77 -10.40
C PRO A 95 -10.96 -3.26 -10.30
N ASN A 96 -11.25 -4.36 -11.00
CA ASN A 96 -12.58 -4.94 -11.00
C ASN A 96 -12.97 -5.35 -9.57
N GLY A 97 -14.20 -5.03 -9.20
CA GLY A 97 -14.66 -5.31 -7.86
C GLY A 97 -14.73 -4.05 -7.02
N SER A 98 -14.11 -2.99 -7.52
CA SER A 98 -14.10 -1.71 -6.81
C SER A 98 -15.31 -0.87 -7.19
N SER A 99 -16.13 -0.55 -6.21
CA SER A 99 -17.27 0.34 -6.43
C SER A 99 -16.81 1.80 -6.35
N PRO A 100 -17.46 2.69 -7.12
CA PRO A 100 -17.09 4.12 -7.20
C PRO A 100 -16.83 4.76 -5.84
N GLU A 101 -17.75 4.62 -4.90
CA GLU A 101 -17.60 5.27 -3.59
C GLU A 101 -16.41 4.69 -2.85
N LEU A 102 -16.15 3.40 -3.03
CA LEU A 102 -15.04 2.75 -2.33
C LEU A 102 -13.72 3.31 -2.80
N GLN A 103 -13.61 3.59 -4.11
CA GLN A 103 -12.41 4.22 -4.63
C GLN A 103 -12.20 5.57 -3.96
N MET A 104 -13.27 6.34 -3.89
CA MET A 104 -13.24 7.66 -3.24
C MET A 104 -12.94 7.50 -1.76
N LEU A 105 -13.40 6.40 -1.19
CA LEU A 105 -13.16 6.07 0.21
C LEU A 105 -11.67 5.83 0.46
N TYR A 106 -11.09 4.90 -0.29
CA TYR A 106 -9.69 4.54 -0.13
C TYR A 106 -8.78 5.67 -0.59
N ALA A 107 -9.12 6.31 -1.71
CA ALA A 107 -8.37 7.46 -2.19
C ALA A 107 -8.52 8.65 -1.25
N GLY A 108 -9.55 8.60 -0.40
CA GLY A 108 -9.78 9.66 0.55
C GLY A 108 -8.90 9.54 1.78
N SER A 109 -8.88 8.36 2.37
CA SER A 109 -8.17 8.15 3.62
C SER A 109 -6.70 7.81 3.40
N ARG A 110 -6.30 7.62 2.14
CA ARG A 110 -4.90 7.31 1.83
C ARG A 110 -3.98 8.47 2.16
N ASN A 111 -4.55 9.67 2.27
CA ASN A 111 -3.76 10.87 2.59
C ASN A 111 -3.22 10.81 4.01
N PHE A 112 -3.98 10.20 4.91
CA PHE A 112 -3.63 10.17 6.32
C PHE A 112 -2.40 9.30 6.58
N ILE A 113 -2.36 8.13 5.95
CA ILE A 113 -1.27 7.19 6.17
C ILE A 113 0.04 7.72 5.58
N VAL A 114 -0.06 8.51 4.51
CA VAL A 114 1.10 9.12 3.88
C VAL A 114 1.87 9.96 4.89
N ASN A 115 1.15 10.54 5.84
CA ASN A 115 1.75 11.44 6.81
C ASN A 115 2.34 10.64 7.97
N GLU A 116 1.58 9.65 8.43
CA GLU A 116 1.93 8.87 9.61
C GLU A 116 3.34 8.28 9.50
N CYS A 117 3.66 7.71 8.35
CA CYS A 117 4.95 7.05 8.18
C CYS A 117 5.87 7.88 7.30
N HIS A 118 5.45 9.10 6.96
CA HIS A 118 6.17 9.94 6.00
C HIS A 118 6.52 9.11 4.77
N VAL A 119 5.48 8.59 4.14
CA VAL A 119 5.65 7.71 2.98
C VAL A 119 6.44 8.44 1.88
N SER A 120 7.46 7.76 1.36
CA SER A 120 8.34 8.35 0.36
C SER A 120 7.57 8.74 -0.89
N LYS A 121 6.65 7.87 -1.30
CA LYS A 121 5.86 8.09 -2.50
C LYS A 121 4.63 7.20 -2.50
N ASN A 122 3.74 7.40 -3.45
CA ASN A 122 2.58 6.55 -3.62
C ASN A 122 2.31 6.30 -5.09
N THR A 123 1.39 5.39 -5.36
CA THR A 123 1.02 5.04 -6.72
C THR A 123 -0.44 4.54 -6.75
N GLU A 124 -1.11 4.74 -7.86
CA GLU A 124 -2.50 4.31 -8.00
C GLU A 124 -2.79 3.91 -9.44
N ILE A 125 -3.08 2.63 -9.63
CA ILE A 125 -3.33 2.08 -10.96
C ILE A 125 -4.69 1.42 -10.98
N ARG A 126 -5.32 1.29 -12.14
CA ARG A 126 -6.65 0.71 -12.21
C ARG A 126 -6.64 -0.64 -12.91
N ASP A 127 -5.95 -1.60 -12.29
CA ASP A 127 -5.98 -3.02 -12.70
C ASP A 127 -4.88 -3.79 -11.98
N ILE A 128 -5.06 -5.10 -11.84
CA ILE A 128 -4.03 -5.97 -11.27
C ILE A 128 -3.23 -6.67 -12.36
N ASP A 129 -3.86 -6.84 -13.52
CA ASP A 129 -3.27 -7.65 -14.59
C ASP A 129 -2.25 -6.87 -15.41
N GLU A 130 -2.34 -5.54 -15.38
CA GLU A 130 -1.46 -4.72 -16.20
C GLU A 130 -0.29 -4.17 -15.38
N ILE A 131 -0.17 -4.64 -14.14
CA ILE A 131 0.91 -4.20 -13.27
C ILE A 131 1.90 -5.34 -13.06
N ASP A 132 3.19 -5.00 -12.95
CA ASP A 132 4.22 -6.02 -12.80
C ASP A 132 5.52 -5.37 -12.30
N ASP A 133 6.62 -6.11 -12.37
CA ASP A 133 7.90 -5.65 -11.87
C ASP A 133 8.49 -4.56 -12.76
N GLU A 134 7.96 -4.47 -13.98
CA GLU A 134 8.42 -3.52 -14.98
C GLU A 134 8.47 -2.09 -14.43
N LEU A 135 7.51 -1.75 -13.58
CA LEU A 135 7.48 -0.42 -12.99
C LEU A 135 8.55 -0.26 -11.95
N LEU A 136 8.81 -1.28 -11.16
CA LEU A 136 9.83 -1.20 -10.11
C LEU A 136 11.21 -0.95 -10.71
N GLU A 137 11.49 -1.60 -11.84
CA GLU A 137 12.74 -1.36 -12.56
C GLU A 137 12.80 0.09 -13.01
N SER A 138 11.66 0.61 -13.41
CA SER A 138 11.58 1.95 -13.98
C SER A 138 11.33 3.01 -12.90
N LYS A 139 11.08 2.57 -11.67
CA LYS A 139 10.87 3.49 -10.57
C LYS A 139 12.20 4.14 -10.18
N PHE A 140 13.26 3.32 -10.17
CA PHE A 140 14.62 3.78 -9.87
C PHE A 140 14.69 4.53 -8.54
#